data_8G5T
#
_entry.id   8G5T
#
_cell.length_a   134.123
_cell.length_b   134.123
_cell.length_c   356.174
_cell.angle_alpha   90.00
_cell.angle_beta   90.00
_cell.angle_gamma   120.00
#
_symmetry.space_group_name_H-M   'H 3'
#
loop_
_entity.id
_entity.type
_entity.pdbx_description
1 polymer TnmK2
2 water water
#
_entity_poly.entity_id   1
_entity_poly.type   'polypeptide(L)'
_entity_poly.pdbx_seq_one_letter_code
;MTAARHEPHLLTDAVRAFQAQSPVWRPADDEEALRGLEAAELTVPLDYRAPAGRTLTLGLVRHRATAPERRRGVLLVGPG
DDLGNRGTLLGAQLVGQLPKEVLAQYDVVAFDHRFMGRSSPVVCGLEPEERFWVFHHPRDFDHEVRFQANVAAKVAEHAL
DILPYASSRNIARDIEVIRGALGEDRISYLGYSYGTYLGAVWTQMFGEHADRVVLDSICSPDWVWRGLFTDFPPNGERAL
TRWARWAAARDADLGLGATDGAVRAAYDGVLARVDTDREVTVAGFPLDRTLARLIVVGMLNSDRNYPFLGDIVRSAVHGG
QLEPATMGFLGQMFGQPKEESGTVAQLAILAGDWAWPRNVDLYERDMERASRTHPFTGAAMAGIKAPAFWPVPPSEPVTR
LGPDNPADSILLVQAADDMSTPLAAARRMREVLGDTSRLLTVADTAHHRVFPFYGNPGADELVTAYLVDGELPAADVTRP
NPAPMVPTV
;
_entity_poly.pdbx_strand_id   A,B,C,D
#
# COMPACT_ATOMS: atom_id res chain seq x y z
N PRO A 8 -8.50 -9.12 16.06
CA PRO A 8 -8.31 -9.81 17.33
C PRO A 8 -7.21 -9.19 18.20
N HIS A 9 -7.17 -9.59 19.47
CA HIS A 9 -6.25 -9.02 20.43
C HIS A 9 -5.39 -10.11 21.05
N LEU A 10 -4.11 -9.80 21.26
CA LEU A 10 -3.21 -10.72 21.95
C LEU A 10 -3.31 -10.60 23.47
N LEU A 11 -3.65 -9.41 23.99
CA LEU A 11 -3.68 -9.16 25.43
C LEU A 11 -2.31 -9.35 26.05
N THR A 12 -1.31 -8.76 25.38
CA THR A 12 0.08 -8.90 25.77
C THR A 12 0.33 -8.29 27.14
N ASP A 13 -0.31 -7.16 27.45
CA ASP A 13 -0.08 -6.50 28.73
C ASP A 13 -0.40 -7.42 29.89
N ALA A 14 -1.55 -8.11 29.80
CA ALA A 14 -1.94 -9.04 30.85
C ALA A 14 -0.97 -10.21 30.96
N VAL A 15 -0.55 -10.75 29.82
CA VAL A 15 0.44 -11.83 29.82
C VAL A 15 1.71 -11.39 30.54
N ARG A 16 2.25 -10.24 30.17
CA ARG A 16 3.48 -9.75 30.80
C ARG A 16 3.32 -9.65 32.30
N ALA A 17 2.15 -9.21 32.76
CA ALA A 17 1.92 -9.01 34.18
C ALA A 17 2.12 -10.31 34.95
N PHE A 18 1.77 -11.43 34.35
CA PHE A 18 1.92 -12.73 35.00
C PHE A 18 3.23 -13.42 34.66
N GLN A 19 4.04 -12.87 33.77
CA GLN A 19 5.30 -13.49 33.40
C GLN A 19 6.41 -13.27 34.42
N ALA A 20 6.19 -12.42 35.42
CA ALA A 20 7.23 -12.12 36.39
C ALA A 20 7.27 -13.14 37.54
N GLN A 21 6.41 -14.15 37.53
CA GLN A 21 6.44 -15.17 38.55
C GLN A 21 7.72 -15.98 38.50
N SER A 22 8.08 -16.54 39.66
CA SER A 22 9.23 -17.45 39.77
C SER A 22 8.80 -18.64 40.62
N PRO A 23 8.24 -19.68 39.99
CA PRO A 23 7.71 -20.81 40.77
C PRO A 23 8.80 -21.55 41.52
N VAL A 24 8.38 -22.24 42.58
CA VAL A 24 9.27 -23.07 43.39
C VAL A 24 9.04 -24.52 43.00
N TRP A 25 10.11 -25.19 42.57
CA TRP A 25 10.04 -26.58 42.15
C TRP A 25 10.40 -27.52 43.29
N ARG A 26 9.68 -28.65 43.37
CA ARG A 26 9.96 -29.73 44.31
C ARG A 26 9.74 -31.07 43.64
N PRO A 27 10.17 -32.17 44.25
CA PRO A 27 9.80 -33.49 43.74
C PRO A 27 8.29 -33.68 43.67
N ALA A 28 7.83 -34.28 42.57
CA ALA A 28 6.41 -34.52 42.34
C ALA A 28 6.00 -35.84 43.03
N ASP A 29 6.00 -35.79 44.36
CA ASP A 29 5.87 -37.02 45.15
C ASP A 29 4.43 -37.43 45.41
N ASP A 30 3.44 -36.59 45.09
CA ASP A 30 2.05 -36.87 45.46
C ASP A 30 1.27 -37.59 44.37
N GLU A 31 1.95 -38.17 43.37
CA GLU A 31 1.29 -38.96 42.33
C GLU A 31 2.30 -39.94 41.76
N GLU A 32 1.94 -41.23 41.75
CA GLU A 32 2.91 -42.26 41.41
C GLU A 32 3.44 -42.07 39.99
N ALA A 33 2.55 -41.81 39.03
CA ALA A 33 2.96 -41.69 37.64
C ALA A 33 3.95 -40.54 37.42
N LEU A 34 4.04 -39.59 38.35
CA LEU A 34 4.90 -38.43 38.21
C LEU A 34 6.18 -38.52 39.02
N ARG A 35 6.38 -39.60 39.78
CA ARG A 35 7.64 -39.75 40.49
C ARG A 35 8.78 -39.80 39.49
N GLY A 36 9.85 -39.06 39.79
CA GLY A 36 10.95 -38.86 38.87
C GLY A 36 11.01 -37.46 38.29
N LEU A 37 9.91 -36.71 38.39
CA LEU A 37 9.80 -35.35 37.90
C LEU A 37 9.71 -34.36 39.06
N GLU A 38 10.05 -33.12 38.77
CA GLU A 38 9.73 -32.02 39.67
C GLU A 38 8.36 -31.46 39.32
N ALA A 39 7.74 -30.81 40.31
CA ALA A 39 6.45 -30.17 40.13
C ALA A 39 6.52 -28.74 40.63
N ALA A 40 5.66 -27.89 40.05
CA ALA A 40 5.53 -26.51 40.48
C ALA A 40 4.13 -26.04 40.11
N GLU A 41 3.72 -24.95 40.74
CA GLU A 41 2.43 -24.35 40.48
C GLU A 41 2.63 -22.92 40.02
N LEU A 42 1.72 -22.47 39.16
CA LEU A 42 1.84 -21.18 38.51
C LEU A 42 0.45 -20.56 38.44
N THR A 43 0.39 -19.23 38.51
CA THR A 43 -0.87 -18.52 38.50
C THR A 43 -1.13 -17.86 37.16
N VAL A 44 -2.40 -17.88 36.76
CA VAL A 44 -2.83 -17.46 35.43
C VAL A 44 -4.19 -16.78 35.60
N PRO A 45 -4.46 -15.65 34.94
CA PRO A 45 -5.79 -15.05 35.09
C PRO A 45 -6.85 -15.90 34.40
N LEU A 46 -8.02 -15.98 35.03
CA LEU A 46 -9.16 -16.61 34.37
C LEU A 46 -9.43 -15.93 33.04
N ASP A 47 -9.42 -14.60 33.03
CA ASP A 47 -9.78 -13.77 31.89
C ASP A 47 -8.63 -12.80 31.68
N TYR A 48 -7.92 -12.91 30.55
CA TYR A 48 -6.81 -12.01 30.29
C TYR A 48 -7.28 -10.59 30.00
N ARG A 49 -8.57 -10.37 29.82
CA ARG A 49 -9.12 -9.02 29.81
C ARG A 49 -9.21 -8.43 31.20
N ALA A 50 -9.08 -9.24 32.24
CA ALA A 50 -9.21 -8.81 33.63
C ALA A 50 -8.04 -9.35 34.44
N PRO A 51 -6.82 -8.85 34.18
CA PRO A 51 -5.64 -9.39 34.87
C PRO A 51 -5.67 -9.21 36.38
N ALA A 52 -6.38 -8.22 36.90
CA ALA A 52 -6.47 -7.99 38.34
C ALA A 52 -7.64 -8.72 38.96
N GLY A 53 -8.32 -9.57 38.21
CA GLY A 53 -9.48 -10.30 38.67
C GLY A 53 -9.15 -11.71 39.10
N ARG A 54 -10.14 -12.60 38.94
CA ARG A 54 -10.02 -14.00 39.33
C ARG A 54 -8.85 -14.67 38.63
N THR A 55 -8.15 -15.54 39.35
CA THR A 55 -7.01 -16.27 38.82
C THR A 55 -7.24 -17.77 38.96
N LEU A 56 -6.38 -18.50 38.25
CA LEU A 56 -6.31 -19.96 38.26
C LEU A 56 -4.91 -20.38 38.67
N THR A 57 -4.78 -21.64 39.05
CA THR A 57 -3.47 -22.26 39.25
C THR A 57 -3.29 -23.38 38.24
N LEU A 58 -2.10 -23.42 37.64
CA LEU A 58 -1.71 -24.50 36.75
C LEU A 58 -0.62 -25.34 37.41
N GLY A 59 -0.68 -26.64 37.23
CA GLY A 59 0.37 -27.54 37.69
C GLY A 59 1.33 -27.90 36.59
N LEU A 60 2.61 -27.65 36.84
CA LEU A 60 3.70 -27.94 35.92
C LEU A 60 4.51 -29.12 36.44
N VAL A 61 5.13 -29.87 35.51
CA VAL A 61 6.19 -30.80 35.83
C VAL A 61 7.38 -30.53 34.94
N ARG A 62 8.55 -31.04 35.37
CA ARG A 62 9.81 -30.82 34.68
C ARG A 62 10.74 -31.98 34.94
N HIS A 63 11.56 -32.30 33.93
CA HIS A 63 12.58 -33.32 34.10
C HIS A 63 13.94 -32.70 34.42
N ARG A 64 14.48 -31.91 33.49
CA ARG A 64 15.75 -31.17 33.56
C ARG A 64 16.79 -31.88 32.70
N ALA A 65 17.46 -31.13 31.84
CA ALA A 65 18.41 -31.69 30.88
C ALA A 65 19.45 -32.53 31.60
N THR A 66 19.68 -33.75 31.10
CA THR A 66 20.58 -34.67 31.79
C THR A 66 22.05 -34.35 31.56
N ALA A 67 22.38 -33.43 30.64
CA ALA A 67 23.76 -33.02 30.39
C ALA A 67 23.83 -31.50 30.50
N PRO A 68 23.96 -30.97 31.73
CA PRO A 68 24.00 -29.51 31.90
C PRO A 68 24.92 -28.80 30.94
N GLU A 69 26.08 -29.36 30.62
CA GLU A 69 27.01 -28.69 29.72
C GLU A 69 26.55 -28.74 28.27
N ARG A 70 25.53 -29.54 27.95
CA ARG A 70 24.96 -29.59 26.60
C ARG A 70 23.54 -29.02 26.56
N ARG A 71 23.10 -28.34 27.61
CA ARG A 71 21.73 -27.84 27.66
C ARG A 71 21.49 -26.73 26.65
N ARG A 72 20.45 -26.88 25.84
CA ARG A 72 20.09 -25.89 24.83
C ARG A 72 18.90 -25.02 25.21
N GLY A 73 17.94 -25.53 25.97
CA GLY A 73 16.74 -24.77 26.26
C GLY A 73 15.70 -25.67 26.89
N VAL A 74 14.44 -25.23 26.86
CA VAL A 74 13.35 -26.08 27.37
C VAL A 74 12.47 -26.50 26.20
N LEU A 75 12.00 -27.73 26.30
CA LEU A 75 11.06 -28.34 25.37
C LEU A 75 9.74 -28.43 26.11
N LEU A 76 8.81 -27.56 25.74
CA LEU A 76 7.48 -27.59 26.33
C LEU A 76 6.60 -28.60 25.61
N VAL A 77 6.02 -29.51 26.38
CA VAL A 77 5.08 -30.50 25.87
C VAL A 77 3.70 -29.85 25.80
N GLY A 78 3.02 -30.00 24.67
CA GLY A 78 1.66 -29.55 24.55
C GLY A 78 0.82 -30.26 25.60
N PRO A 79 -0.13 -29.55 26.22
CA PRO A 79 -0.77 -30.04 27.46
C PRO A 79 -1.80 -31.14 27.20
N GLY A 80 -1.33 -32.27 26.70
CA GLY A 80 -2.19 -33.39 26.39
C GLY A 80 -2.18 -33.70 24.91
N ASP A 81 -2.47 -34.94 24.57
CA ASP A 81 -2.54 -35.30 23.16
C ASP A 81 -3.98 -35.13 22.72
N ASP A 82 -4.79 -36.16 22.91
CA ASP A 82 -6.20 -36.04 22.63
C ASP A 82 -6.82 -35.12 23.68
N LEU A 83 -7.71 -34.25 23.24
CA LEU A 83 -8.33 -33.28 24.15
C LEU A 83 -9.10 -34.03 25.23
N GLY A 84 -8.80 -33.70 26.48
CA GLY A 84 -9.32 -34.42 27.63
C GLY A 84 -8.26 -35.18 28.41
N ASN A 85 -7.09 -35.41 27.80
CA ASN A 85 -5.97 -36.07 28.45
C ASN A 85 -5.04 -35.06 29.13
N ARG A 86 -4.32 -35.53 30.13
CA ARG A 86 -3.49 -34.66 30.97
C ARG A 86 -2.10 -34.48 30.35
N GLY A 87 -1.66 -33.22 30.26
CA GLY A 87 -0.33 -32.93 29.75
C GLY A 87 0.79 -33.41 30.65
N THR A 88 0.60 -33.29 31.99
CA THR A 88 1.63 -33.78 32.90
C THR A 88 1.90 -35.26 32.70
N LEU A 89 0.85 -36.06 32.50
CA LEU A 89 1.03 -37.50 32.29
C LEU A 89 1.69 -37.78 30.95
N LEU A 90 1.35 -37.01 29.92
CA LEU A 90 2.07 -37.10 28.64
C LEU A 90 3.55 -36.81 28.83
N GLY A 91 3.87 -35.78 29.62
CA GLY A 91 5.26 -35.50 29.92
C GLY A 91 5.98 -36.67 30.55
N ALA A 92 5.32 -37.37 31.47
CA ALA A 92 5.94 -38.53 32.09
C ALA A 92 6.19 -39.63 31.07
N GLN A 93 5.20 -39.90 30.20
CA GLN A 93 5.40 -40.88 29.14
C GLN A 93 6.59 -40.51 28.27
N LEU A 94 6.72 -39.21 27.95
CA LEU A 94 7.77 -38.77 27.03
C LEU A 94 9.15 -38.87 27.66
N VAL A 95 9.27 -38.55 28.94
CA VAL A 95 10.55 -38.66 29.64
C VAL A 95 11.05 -40.10 29.60
N GLY A 96 10.13 -41.07 29.53
CA GLY A 96 10.51 -42.46 29.45
C GLY A 96 10.83 -42.97 28.06
N GLN A 97 10.57 -42.17 27.03
CA GLN A 97 10.66 -42.68 25.65
C GLN A 97 11.33 -41.75 24.66
N LEU A 98 11.58 -40.48 24.99
CA LEU A 98 12.30 -39.60 24.09
C LEU A 98 13.72 -40.09 23.88
N PRO A 99 14.34 -39.75 22.75
CA PRO A 99 15.75 -40.09 22.55
C PRO A 99 16.62 -39.52 23.67
N LYS A 100 17.65 -40.29 24.03
CA LYS A 100 18.56 -39.87 25.10
C LYS A 100 19.11 -38.47 24.86
N GLU A 101 19.47 -38.14 23.61
CA GLU A 101 20.12 -36.86 23.38
C GLU A 101 19.15 -35.69 23.44
N VAL A 102 17.86 -35.93 23.20
CA VAL A 102 16.87 -34.89 23.46
C VAL A 102 16.79 -34.61 24.95
N LEU A 103 16.66 -35.66 25.76
CA LEU A 103 16.63 -35.53 27.21
C LEU A 103 17.93 -34.93 27.74
N ALA A 104 19.04 -35.09 27.00
CA ALA A 104 20.31 -34.55 27.46
C ALA A 104 20.38 -33.04 27.26
N GLN A 105 19.77 -32.51 26.19
CA GLN A 105 19.91 -31.11 25.84
C GLN A 105 18.73 -30.23 26.21
N TYR A 106 17.59 -30.80 26.58
CA TYR A 106 16.40 -30.02 26.91
C TYR A 106 15.89 -30.31 28.31
N ASP A 107 15.52 -29.24 29.03
CA ASP A 107 14.56 -29.36 30.11
C ASP A 107 13.18 -29.65 29.51
N VAL A 108 12.62 -30.80 29.83
CA VAL A 108 11.27 -31.13 29.38
C VAL A 108 10.28 -30.62 30.42
N VAL A 109 9.38 -29.73 29.99
CA VAL A 109 8.35 -29.14 30.85
C VAL A 109 6.98 -29.50 30.29
N ALA A 110 6.09 -29.97 31.16
CA ALA A 110 4.74 -30.35 30.78
C ALA A 110 3.77 -29.72 31.78
N PHE A 111 2.49 -29.68 31.42
CA PHE A 111 1.50 -29.07 32.29
C PHE A 111 0.11 -29.56 31.92
N ASP A 112 -0.79 -29.53 32.91
CA ASP A 112 -2.20 -29.73 32.66
C ASP A 112 -2.79 -28.37 32.30
N HIS A 113 -3.56 -28.30 31.22
CA HIS A 113 -4.10 -27.00 30.87
C HIS A 113 -5.25 -26.67 31.81
N ARG A 114 -5.68 -25.41 31.74
CA ARG A 114 -6.68 -24.88 32.65
C ARG A 114 -7.93 -25.76 32.69
N PHE A 115 -8.42 -25.99 33.91
CA PHE A 115 -9.73 -26.58 34.19
C PHE A 115 -9.73 -28.10 34.24
N MET A 116 -8.55 -28.73 34.29
CA MET A 116 -8.52 -30.18 34.43
C MET A 116 -7.27 -30.62 35.17
N GLY A 117 -7.29 -31.87 35.61
CA GLY A 117 -6.16 -32.51 36.26
C GLY A 117 -5.61 -31.72 37.43
N ARG A 118 -4.33 -31.38 37.35
CA ARG A 118 -3.64 -30.65 38.41
C ARG A 118 -3.76 -29.13 38.28
N SER A 119 -4.63 -28.64 37.38
CA SER A 119 -4.74 -27.21 37.10
C SER A 119 -6.20 -26.76 37.26
N SER A 120 -6.62 -26.55 38.51
CA SER A 120 -7.93 -26.00 38.83
C SER A 120 -9.04 -26.80 38.17
N PRO A 121 -9.15 -28.09 38.44
CA PRO A 121 -10.11 -28.93 37.71
C PRO A 121 -11.55 -28.52 37.98
N VAL A 122 -12.38 -28.69 36.96
CA VAL A 122 -13.80 -28.38 37.03
C VAL A 122 -14.57 -29.68 36.90
N VAL A 123 -15.52 -29.90 37.81
CA VAL A 123 -16.27 -31.14 37.93
C VAL A 123 -17.75 -30.78 37.99
N CYS A 124 -18.59 -31.58 37.33
CA CYS A 124 -19.99 -31.20 37.11
C CYS A 124 -20.98 -32.32 37.44
N GLY A 125 -20.54 -33.39 38.10
CA GLY A 125 -21.42 -34.49 38.42
C GLY A 125 -21.84 -35.35 37.24
N LEU A 126 -20.94 -35.55 36.27
CA LEU A 126 -21.28 -36.38 35.12
C LEU A 126 -21.36 -37.84 35.51
N GLU A 127 -22.32 -38.55 34.94
CA GLU A 127 -22.43 -39.98 35.12
C GLU A 127 -21.48 -40.70 34.17
N PRO A 128 -21.08 -41.95 34.52
CA PRO A 128 -20.14 -42.69 33.67
C PRO A 128 -20.47 -42.63 32.18
N GLU A 129 -21.75 -42.81 31.84
CA GLU A 129 -22.12 -42.85 30.43
C GLU A 129 -21.92 -41.48 29.77
N GLU A 130 -22.11 -40.40 30.51
CA GLU A 130 -21.97 -39.06 29.94
C GLU A 130 -20.52 -38.72 29.63
N ARG A 131 -19.58 -39.32 30.34
CA ARG A 131 -18.16 -39.14 30.00
C ARG A 131 -17.83 -39.70 28.62
N PHE A 132 -18.70 -40.52 28.04
CA PHE A 132 -18.51 -41.05 26.69
C PHE A 132 -19.31 -40.27 25.66
N TRP A 133 -19.60 -39.00 25.94
CA TRP A 133 -20.45 -38.20 25.06
C TRP A 133 -19.88 -38.09 23.65
N VAL A 134 -18.55 -38.18 23.49
CA VAL A 134 -17.94 -37.95 22.19
C VAL A 134 -18.31 -39.05 21.21
N PHE A 135 -18.08 -40.31 21.60
CA PHE A 135 -18.33 -41.43 20.72
C PHE A 135 -19.64 -42.13 21.01
N HIS A 136 -20.50 -41.53 21.83
CA HIS A 136 -21.79 -42.10 22.17
C HIS A 136 -22.56 -42.50 20.91
N HIS A 137 -22.98 -43.78 20.86
CA HIS A 137 -23.77 -44.27 19.74
C HIS A 137 -25.26 -44.15 20.08
N PRO A 138 -26.07 -43.55 19.21
CA PRO A 138 -27.46 -43.24 19.58
C PRO A 138 -28.39 -44.44 19.49
N ARG A 139 -29.23 -44.58 20.52
CA ARG A 139 -30.40 -45.44 20.41
C ARG A 139 -31.26 -45.02 19.23
N ASP A 140 -31.66 -43.74 19.23
CA ASP A 140 -32.46 -43.11 18.19
C ASP A 140 -32.24 -41.62 18.38
N PHE A 141 -32.55 -40.84 17.34
CA PHE A 141 -32.15 -39.43 17.38
C PHE A 141 -32.77 -38.72 18.58
N ASP A 142 -34.08 -38.91 18.80
CA ASP A 142 -34.74 -38.17 19.88
C ASP A 142 -34.14 -38.50 21.24
N HIS A 143 -33.74 -39.75 21.45
CA HIS A 143 -33.11 -40.08 22.73
C HIS A 143 -31.72 -39.46 22.85
N GLU A 144 -30.99 -39.36 21.73
CA GLU A 144 -29.66 -38.76 21.76
C GLU A 144 -29.74 -37.27 22.05
N VAL A 145 -30.74 -36.60 21.47
CA VAL A 145 -30.97 -35.18 21.78
C VAL A 145 -31.05 -34.98 23.28
N ARG A 146 -31.90 -35.77 23.94
CA ARG A 146 -32.06 -35.66 25.39
C ARG A 146 -30.74 -35.97 26.10
N PHE A 147 -30.04 -37.00 25.65
CA PHE A 147 -28.77 -37.35 26.28
C PHE A 147 -27.76 -36.20 26.19
N GLN A 148 -27.54 -35.70 24.98
CA GLN A 148 -26.51 -34.68 24.78
C GLN A 148 -26.91 -33.36 25.43
N ALA A 149 -28.16 -32.95 25.26
CA ALA A 149 -28.66 -31.75 25.92
C ALA A 149 -28.48 -31.83 27.43
N ASN A 150 -28.67 -33.03 28.00
CA ASN A 150 -28.56 -33.16 29.46
C ASN A 150 -27.12 -33.08 29.94
N VAL A 151 -26.15 -33.48 29.10
CA VAL A 151 -24.75 -33.25 29.44
C VAL A 151 -24.48 -31.76 29.51
N ALA A 152 -24.85 -31.02 28.47
CA ALA A 152 -24.65 -29.58 28.48
C ALA A 152 -25.27 -28.94 29.71
N ALA A 153 -26.48 -29.38 30.08
CA ALA A 153 -27.17 -28.84 31.24
C ALA A 153 -26.31 -28.97 32.50
N LYS A 154 -25.76 -30.16 32.73
CA LYS A 154 -24.97 -30.37 33.95
C LYS A 154 -23.74 -29.48 33.99
N VAL A 155 -23.12 -29.22 32.84
CA VAL A 155 -21.95 -28.35 32.81
C VAL A 155 -22.38 -26.89 32.97
N ALA A 156 -23.46 -26.51 32.30
CA ALA A 156 -24.02 -25.18 32.50
C ALA A 156 -24.32 -24.91 33.97
N GLU A 157 -24.89 -25.90 34.67
CA GLU A 157 -25.28 -25.69 36.06
C GLU A 157 -24.07 -25.43 36.95
N HIS A 158 -22.98 -26.18 36.73
CA HIS A 158 -21.89 -26.19 37.68
C HIS A 158 -20.66 -25.41 37.25
N ALA A 159 -20.56 -25.00 35.98
CA ALA A 159 -19.36 -24.36 35.49
C ALA A 159 -19.61 -23.09 34.68
N LEU A 160 -20.83 -22.53 34.73
CA LEU A 160 -21.16 -21.40 33.87
C LEU A 160 -20.18 -20.24 33.99
N ASP A 161 -19.62 -20.04 35.18
CA ASP A 161 -18.78 -18.87 35.43
C ASP A 161 -17.43 -18.94 34.74
N ILE A 162 -16.93 -20.14 34.41
CA ILE A 162 -15.64 -20.28 33.74
C ILE A 162 -15.77 -20.66 32.27
N LEU A 163 -16.96 -21.04 31.82
CA LEU A 163 -17.09 -21.51 30.44
C LEU A 163 -16.69 -20.47 29.39
N PRO A 164 -16.87 -19.17 29.58
CA PRO A 164 -16.39 -18.21 28.55
C PRO A 164 -14.89 -18.16 28.41
N TYR A 165 -14.15 -18.72 29.36
CA TYR A 165 -12.70 -18.55 29.43
C TYR A 165 -11.98 -19.86 29.12
N ALA A 166 -12.72 -20.88 28.68
CA ALA A 166 -12.16 -22.14 28.20
C ALA A 166 -11.92 -21.99 26.70
N SER A 167 -10.69 -21.66 26.31
CA SER A 167 -10.38 -21.45 24.90
C SER A 167 -8.93 -21.78 24.61
N SER A 168 -8.69 -22.15 23.35
CA SER A 168 -7.32 -22.44 22.91
C SER A 168 -6.47 -21.17 22.95
N ARG A 169 -7.06 -20.01 22.68
CA ARG A 169 -6.31 -18.77 22.73
C ARG A 169 -5.87 -18.47 24.16
N ASN A 170 -6.71 -18.78 25.15
CA ASN A 170 -6.31 -18.58 26.54
C ASN A 170 -5.21 -19.57 26.94
N ILE A 171 -5.27 -20.80 26.44
CA ILE A 171 -4.21 -21.75 26.76
C ILE A 171 -2.91 -21.30 26.13
N ALA A 172 -2.98 -20.68 24.97
CA ALA A 172 -1.77 -20.18 24.32
C ALA A 172 -1.19 -18.99 25.09
N ARG A 173 -2.05 -18.15 25.68
CA ARG A 173 -1.58 -17.13 26.60
C ARG A 173 -0.99 -17.76 27.86
N ASP A 174 -1.62 -18.83 28.34
CA ASP A 174 -1.07 -19.58 29.48
C ASP A 174 0.34 -20.07 29.18
N ILE A 175 0.58 -20.54 27.96
CA ILE A 175 1.92 -20.97 27.57
C ILE A 175 2.89 -19.81 27.65
N GLU A 176 2.48 -18.62 27.22
CA GLU A 176 3.35 -17.45 27.31
C GLU A 176 3.71 -17.15 28.76
N VAL A 177 2.75 -17.32 29.67
CA VAL A 177 3.03 -17.11 31.08
C VAL A 177 4.05 -18.13 31.58
N ILE A 178 3.86 -19.40 31.23
CA ILE A 178 4.83 -20.44 31.57
C ILE A 178 6.21 -20.07 31.05
N ARG A 179 6.29 -19.67 29.78
CA ARG A 179 7.57 -19.30 29.19
C ARG A 179 8.27 -18.21 29.98
N GLY A 180 7.55 -17.14 30.31
CA GLY A 180 8.14 -16.07 31.10
C GLY A 180 8.52 -16.52 32.50
N ALA A 181 7.70 -17.36 33.11
CA ALA A 181 8.00 -17.83 34.46
C ALA A 181 9.21 -18.74 34.46
N LEU A 182 9.48 -19.44 33.35
CA LEU A 182 10.71 -20.20 33.21
C LEU A 182 11.92 -19.32 32.89
N GLY A 183 11.71 -18.05 32.61
CA GLY A 183 12.79 -17.13 32.31
C GLY A 183 13.38 -17.25 30.92
N GLU A 184 12.64 -17.79 29.96
CA GLU A 184 13.15 -18.08 28.63
C GLU A 184 12.65 -17.08 27.61
N ASP A 185 13.55 -16.63 26.73
CA ASP A 185 13.17 -15.79 25.60
C ASP A 185 12.51 -16.61 24.49
N ARG A 186 12.97 -17.84 24.28
CA ARG A 186 12.41 -18.74 23.29
C ARG A 186 12.27 -20.12 23.92
N ILE A 187 11.20 -20.83 23.56
CA ILE A 187 11.01 -22.21 23.98
C ILE A 187 10.78 -23.07 22.75
N SER A 188 11.14 -24.34 22.87
CA SER A 188 10.74 -25.33 21.88
C SER A 188 9.44 -25.99 22.33
N TYR A 189 8.77 -26.64 21.38
CA TYR A 189 7.44 -27.16 21.62
C TYR A 189 7.28 -28.51 20.91
N LEU A 190 6.66 -29.46 21.62
CA LEU A 190 6.32 -30.77 21.07
C LEU A 190 4.87 -31.06 21.44
N GLY A 191 4.02 -31.26 20.43
CA GLY A 191 2.60 -31.48 20.69
C GLY A 191 2.02 -32.53 19.78
N TYR A 192 0.94 -33.17 20.27
CA TYR A 192 0.22 -34.18 19.51
C TYR A 192 -1.27 -33.86 19.50
N SER A 193 -1.93 -34.22 18.40
CA SER A 193 -3.37 -34.15 18.28
C SER A 193 -3.87 -32.74 18.60
N TYR A 194 -4.68 -32.57 19.65
CA TYR A 194 -5.11 -31.23 20.03
C TYR A 194 -3.91 -30.34 20.32
N GLY A 195 -2.84 -30.91 20.85
CA GLY A 195 -1.60 -30.17 21.04
C GLY A 195 -1.03 -29.58 19.76
N THR A 196 -1.36 -30.14 18.59
CA THR A 196 -0.89 -29.55 17.34
C THR A 196 -1.73 -28.35 16.94
N TYR A 197 -3.03 -28.36 17.26
CA TYR A 197 -3.82 -27.14 17.09
C TYR A 197 -3.33 -26.06 18.05
N LEU A 198 -3.07 -26.41 19.31
CA LEU A 198 -2.52 -25.44 20.25
C LEU A 198 -1.17 -24.90 19.80
N GLY A 199 -0.29 -25.78 19.31
CA GLY A 199 0.99 -25.33 18.79
C GLY A 199 0.83 -24.36 17.63
N ALA A 200 -0.10 -24.65 16.73
CA ALA A 200 -0.37 -23.73 15.63
C ALA A 200 -0.87 -22.39 16.15
N VAL A 201 -1.75 -22.41 17.15
CA VAL A 201 -2.32 -21.17 17.68
C VAL A 201 -1.24 -20.38 18.43
N TRP A 202 -0.49 -21.05 19.29
CA TRP A 202 0.53 -20.34 20.07
C TRP A 202 1.61 -19.75 19.15
N THR A 203 2.04 -20.50 18.13
CA THR A 203 3.02 -19.93 17.20
C THR A 203 2.42 -18.80 16.38
N GLN A 204 1.14 -18.92 15.99
CA GLN A 204 0.51 -17.85 15.22
C GLN A 204 0.47 -16.56 16.03
N MET A 205 0.18 -16.66 17.33
CA MET A 205 0.05 -15.48 18.16
C MET A 205 1.40 -14.99 18.68
N PHE A 206 2.29 -15.91 19.06
CA PHE A 206 3.48 -15.59 19.84
C PHE A 206 4.73 -16.24 19.27
N GLY A 207 4.70 -16.62 18.00
CA GLY A 207 5.72 -17.49 17.42
C GLY A 207 7.10 -16.90 17.34
N GLU A 208 7.23 -15.58 17.49
CA GLU A 208 8.56 -14.98 17.64
C GLU A 208 9.31 -15.56 18.84
N HIS A 209 8.60 -16.22 19.77
CA HIS A 209 9.23 -16.81 20.93
C HIS A 209 9.42 -18.31 20.80
N ALA A 210 9.26 -18.86 19.60
CA ALA A 210 9.49 -20.27 19.35
C ALA A 210 10.92 -20.52 18.91
N ASP A 211 11.51 -21.59 19.43
CA ASP A 211 12.82 -22.05 18.99
C ASP A 211 12.60 -23.11 17.92
N ARG A 212 12.40 -24.35 18.33
CA ARG A 212 12.10 -25.44 17.41
C ARG A 212 10.78 -26.07 17.82
N VAL A 213 9.95 -26.38 16.83
CA VAL A 213 8.56 -26.79 17.05
C VAL A 213 8.31 -28.09 16.29
N VAL A 214 7.85 -29.11 17.01
CA VAL A 214 7.47 -30.39 16.42
C VAL A 214 6.00 -30.64 16.71
N LEU A 215 5.21 -30.82 15.66
CA LEU A 215 3.82 -31.21 15.76
C LEU A 215 3.64 -32.57 15.11
N ASP A 216 3.00 -33.50 15.82
CA ASP A 216 2.97 -34.91 15.46
C ASP A 216 1.53 -35.41 15.57
N SER A 217 1.00 -35.93 14.47
CA SER A 217 -0.38 -36.41 14.39
C SER A 217 -1.33 -35.22 14.43
N ILE A 218 -1.66 -34.70 13.26
CA ILE A 218 -2.01 -33.30 13.06
C ILE A 218 -3.52 -33.13 13.01
N CYS A 219 -4.02 -32.22 13.82
CA CYS A 219 -5.38 -31.72 13.71
C CYS A 219 -5.48 -30.78 12.51
N SER A 220 -6.49 -30.96 11.66
CA SER A 220 -6.65 -30.06 10.53
C SER A 220 -7.02 -28.65 11.03
N PRO A 221 -6.45 -27.60 10.44
CA PRO A 221 -6.88 -26.24 10.82
C PRO A 221 -8.31 -25.92 10.46
N ASP A 222 -8.92 -26.67 9.56
CA ASP A 222 -10.29 -26.40 9.13
C ASP A 222 -11.32 -27.22 9.91
N TRP A 223 -10.89 -27.94 10.94
CA TRP A 223 -11.78 -28.79 11.72
C TRP A 223 -12.54 -28.07 12.83
N VAL A 224 -12.15 -26.86 13.21
CA VAL A 224 -12.64 -26.25 14.44
C VAL A 224 -14.15 -26.02 14.38
N TRP A 225 -14.96 -26.74 15.19
CA TRP A 225 -14.62 -27.98 15.87
C TRP A 225 -15.52 -29.16 15.49
N ARG A 226 -16.59 -28.95 14.72
CA ARG A 226 -17.38 -30.12 14.38
C ARG A 226 -16.74 -30.94 13.27
N GLY A 227 -15.90 -30.33 12.43
CA GLY A 227 -15.20 -31.08 11.41
C GLY A 227 -14.34 -32.19 11.99
N LEU A 228 -13.81 -31.99 13.19
CA LEU A 228 -13.12 -33.05 13.91
C LEU A 228 -13.98 -34.29 14.03
N PHE A 229 -15.29 -34.10 14.19
CA PHE A 229 -16.23 -35.21 14.33
C PHE A 229 -16.64 -35.75 12.96
N THR A 230 -17.11 -34.87 12.08
CA THR A 230 -17.72 -35.34 10.84
C THR A 230 -16.70 -35.89 9.85
N ASP A 231 -15.42 -35.51 9.96
CA ASP A 231 -14.39 -36.09 9.11
C ASP A 231 -13.93 -37.46 9.61
N PHE A 232 -14.34 -37.87 10.81
CA PHE A 232 -13.83 -39.12 11.37
C PHE A 232 -14.36 -40.37 10.68
N PRO A 233 -15.67 -40.53 10.44
CA PRO A 233 -16.21 -41.86 10.11
C PRO A 233 -15.52 -42.50 8.92
N PRO A 234 -15.22 -41.77 7.84
CA PRO A 234 -14.50 -42.43 6.73
C PRO A 234 -13.15 -42.98 7.17
N ASN A 235 -12.47 -42.27 8.06
CA ASN A 235 -11.17 -42.73 8.55
C ASN A 235 -11.33 -43.89 9.51
N GLY A 236 -12.36 -43.85 10.34
CA GLY A 236 -12.74 -45.04 11.09
C GLY A 236 -12.94 -46.24 10.20
N GLU A 237 -13.73 -46.08 9.12
CA GLU A 237 -14.01 -47.19 8.22
C GLU A 237 -12.73 -47.73 7.60
N ARG A 238 -11.87 -46.84 7.11
CA ARG A 238 -10.65 -47.28 6.45
C ARG A 238 -9.73 -48.02 7.41
N ALA A 239 -9.66 -47.56 8.67
CA ALA A 239 -8.77 -48.19 9.65
C ALA A 239 -9.30 -49.55 10.08
N LEU A 240 -10.62 -49.69 10.19
CA LEU A 240 -11.20 -50.98 10.52
C LEU A 240 -10.99 -51.97 9.39
N THR A 241 -11.13 -51.50 8.15
CA THR A 241 -10.94 -52.36 6.98
C THR A 241 -9.49 -52.82 6.88
N ARG A 242 -8.55 -51.94 7.25
CA ARG A 242 -7.14 -52.32 7.24
C ARG A 242 -6.87 -53.42 8.24
N TRP A 243 -7.43 -53.30 9.45
CA TRP A 243 -7.33 -54.40 10.41
C TRP A 243 -7.96 -55.67 9.85
N ALA A 244 -9.13 -55.56 9.22
CA ALA A 244 -9.83 -56.75 8.74
C ALA A 244 -9.02 -57.45 7.65
N ARG A 245 -8.35 -56.70 6.79
CA ARG A 245 -7.44 -57.30 5.82
C ARG A 245 -6.31 -58.06 6.53
N TRP A 246 -5.80 -57.50 7.63
CA TRP A 246 -4.80 -58.18 8.43
C TRP A 246 -5.37 -59.44 9.06
N ALA A 247 -6.57 -59.34 9.65
CA ALA A 247 -7.15 -60.48 10.34
C ALA A 247 -7.51 -61.60 9.37
N ALA A 248 -8.00 -61.24 8.18
CA ALA A 248 -8.44 -62.24 7.21
C ALA A 248 -7.28 -63.17 6.82
N ALA A 249 -6.10 -62.60 6.60
CA ALA A 249 -4.92 -63.41 6.28
C ALA A 249 -4.48 -64.30 7.43
N ARG A 250 -5.04 -64.14 8.62
CA ARG A 250 -4.68 -64.91 9.80
C ARG A 250 -5.87 -65.71 10.33
N ASP A 251 -6.73 -66.17 9.42
CA ASP A 251 -7.90 -66.94 9.83
C ASP A 251 -7.51 -68.14 10.69
N ALA A 252 -6.43 -68.83 10.33
CA ALA A 252 -6.02 -70.01 11.08
C ALA A 252 -5.88 -69.72 12.57
N ASP A 253 -5.25 -68.60 12.92
CA ASP A 253 -4.96 -68.31 14.32
C ASP A 253 -6.07 -67.52 15.01
N LEU A 254 -6.80 -66.69 14.26
CA LEU A 254 -7.94 -65.95 14.79
C LEU A 254 -9.24 -66.63 14.38
N GLY A 255 -10.30 -66.31 15.10
CA GLY A 255 -11.57 -66.98 14.84
C GLY A 255 -12.43 -66.39 13.76
N LEU A 256 -12.03 -65.25 13.20
CA LEU A 256 -12.78 -64.60 12.14
C LEU A 256 -12.44 -65.25 10.80
N GLY A 257 -13.06 -64.78 9.74
CA GLY A 257 -13.00 -65.43 8.45
C GLY A 257 -11.73 -65.15 7.67
N ALA A 258 -11.79 -65.49 6.39
CA ALA A 258 -10.63 -65.47 5.49
C ALA A 258 -10.72 -64.39 4.43
N THR A 259 -11.76 -63.56 4.46
CA THR A 259 -11.85 -62.36 3.63
C THR A 259 -12.09 -61.16 4.53
N ASP A 260 -11.84 -59.96 3.99
CA ASP A 260 -12.13 -58.74 4.74
C ASP A 260 -13.59 -58.73 5.18
N GLY A 261 -14.50 -58.91 4.23
CA GLY A 261 -15.91 -58.85 4.55
C GLY A 261 -16.33 -59.87 5.60
N ALA A 262 -15.73 -61.06 5.56
CA ALA A 262 -16.07 -62.08 6.53
C ALA A 262 -15.71 -61.64 7.94
N VAL A 263 -14.49 -61.10 8.11
CA VAL A 263 -14.08 -60.59 9.41
C VAL A 263 -14.97 -59.43 9.83
N ARG A 264 -15.28 -58.53 8.89
CA ARG A 264 -16.16 -57.41 9.20
C ARG A 264 -17.54 -57.91 9.59
N ALA A 265 -18.12 -58.78 8.77
CA ALA A 265 -19.40 -59.40 9.11
C ALA A 265 -19.38 -59.96 10.53
N ALA A 266 -18.32 -60.70 10.86
CA ALA A 266 -18.16 -61.19 12.22
C ALA A 266 -18.30 -60.04 13.22
N TYR A 267 -17.58 -58.94 12.98
CA TYR A 267 -17.67 -57.81 13.90
C TYR A 267 -19.02 -57.11 13.82
N ASP A 268 -19.53 -56.89 12.61
CA ASP A 268 -20.86 -56.29 12.51
C ASP A 268 -21.91 -57.11 13.27
N GLY A 269 -21.67 -58.41 13.42
CA GLY A 269 -22.59 -59.24 14.20
C GLY A 269 -22.64 -58.85 15.67
N VAL A 270 -21.48 -58.52 16.24
CA VAL A 270 -21.47 -58.10 17.65
C VAL A 270 -22.08 -56.71 17.79
N LEU A 271 -22.06 -55.90 16.73
CA LEU A 271 -22.74 -54.61 16.80
C LEU A 271 -24.25 -54.80 16.66
N ALA A 272 -24.68 -55.53 15.62
CA ALA A 272 -26.06 -55.93 15.46
C ALA A 272 -26.69 -56.34 16.79
N ARG A 273 -25.91 -57.01 17.65
CA ARG A 273 -26.42 -57.42 18.94
C ARG A 273 -26.66 -56.23 19.86
N VAL A 274 -25.62 -55.44 20.13
CA VAL A 274 -25.75 -54.34 21.09
C VAL A 274 -26.77 -53.32 20.60
N ASP A 275 -26.90 -53.18 19.27
CA ASP A 275 -27.86 -52.22 18.72
C ASP A 275 -29.29 -52.69 18.84
N THR A 276 -29.51 -53.96 19.17
CA THR A 276 -30.83 -54.48 19.52
C THR A 276 -30.81 -55.05 20.93
N ASP A 277 -30.03 -54.43 21.80
CA ASP A 277 -30.04 -54.65 23.25
C ASP A 277 -29.72 -56.09 23.64
N ARG A 278 -29.36 -56.95 22.69
CA ARG A 278 -28.92 -58.31 23.03
C ARG A 278 -27.52 -58.28 23.66
N GLU A 279 -27.29 -59.17 24.62
CA GLU A 279 -26.13 -59.06 25.50
C GLU A 279 -24.83 -59.42 24.78
N VAL A 280 -23.74 -58.80 25.23
CA VAL A 280 -22.38 -59.02 24.72
C VAL A 280 -21.39 -58.70 25.83
N THR A 281 -20.45 -59.61 26.08
CA THR A 281 -19.30 -59.31 26.94
C THR A 281 -18.04 -59.91 26.31
N VAL A 282 -16.88 -59.43 26.78
CA VAL A 282 -15.59 -59.90 26.27
C VAL A 282 -14.87 -60.68 27.35
N ALA A 283 -14.48 -60.02 28.43
CA ALA A 283 -13.78 -60.63 29.55
C ALA A 283 -14.74 -60.91 30.71
N GLY A 284 -16.01 -61.13 30.40
CA GLY A 284 -17.06 -61.02 31.37
C GLY A 284 -17.46 -59.59 31.69
N PHE A 285 -16.85 -58.59 31.01
CA PHE A 285 -17.17 -57.19 31.22
C PHE A 285 -18.08 -56.71 30.09
N PRO A 286 -19.22 -56.09 30.38
CA PRO A 286 -20.27 -55.96 29.37
C PRO A 286 -20.07 -54.79 28.40
N LEU A 287 -20.67 -54.94 27.22
CA LEU A 287 -20.50 -54.04 26.10
C LEU A 287 -21.84 -53.47 25.66
N ASP A 288 -21.94 -52.14 25.61
CA ASP A 288 -23.14 -51.49 25.13
C ASP A 288 -22.95 -51.00 23.70
N ARG A 289 -23.90 -50.18 23.23
CA ARG A 289 -23.87 -49.66 21.87
C ARG A 289 -22.60 -48.86 21.61
N THR A 290 -22.10 -48.16 22.62
CA THR A 290 -20.95 -47.28 22.46
C THR A 290 -19.63 -48.02 22.64
N LEU A 291 -19.56 -48.92 23.62
CA LEU A 291 -18.30 -49.61 23.92
C LEU A 291 -17.94 -50.61 22.83
N ALA A 292 -18.92 -51.31 22.26
CA ALA A 292 -18.63 -52.23 21.16
C ALA A 292 -17.92 -51.52 20.02
N ARG A 293 -18.09 -50.21 19.90
CA ARG A 293 -17.42 -49.38 18.92
C ARG A 293 -16.19 -48.70 19.50
N LEU A 294 -16.30 -48.16 20.70
CA LEU A 294 -15.21 -47.33 21.24
C LEU A 294 -13.98 -48.15 21.59
N ILE A 295 -14.18 -49.39 22.07
CA ILE A 295 -13.02 -50.23 22.36
C ILE A 295 -12.22 -50.47 21.07
N VAL A 296 -12.93 -50.67 19.95
CA VAL A 296 -12.25 -50.89 18.68
C VAL A 296 -11.53 -49.61 18.24
N VAL A 297 -12.25 -48.49 18.21
CA VAL A 297 -11.63 -47.21 17.86
C VAL A 297 -10.37 -47.00 18.67
N GLY A 298 -10.45 -47.22 19.98
CA GLY A 298 -9.29 -46.99 20.83
C GLY A 298 -8.11 -47.90 20.49
N MET A 299 -8.41 -49.14 20.11
CA MET A 299 -7.37 -50.06 19.71
C MET A 299 -6.75 -49.64 18.39
N LEU A 300 -7.56 -49.09 17.48
CA LEU A 300 -7.09 -48.70 16.16
C LEU A 300 -6.22 -47.44 16.18
N ASN A 301 -5.94 -46.88 17.35
CA ASN A 301 -5.00 -45.78 17.41
C ASN A 301 -3.56 -46.23 17.23
N SER A 302 -3.30 -47.54 17.20
CA SER A 302 -1.99 -48.07 16.81
C SER A 302 -2.16 -49.44 16.16
N ASP A 303 -1.64 -49.59 14.94
CA ASP A 303 -1.76 -50.86 14.26
C ASP A 303 -0.93 -51.96 14.92
N ARG A 304 -0.10 -51.61 15.92
CA ARG A 304 0.54 -52.63 16.74
C ARG A 304 -0.47 -53.37 17.61
N ASN A 305 -1.63 -52.76 17.85
CA ASN A 305 -2.67 -53.37 18.67
C ASN A 305 -3.52 -54.37 17.89
N TYR A 306 -3.22 -54.62 16.62
CA TYR A 306 -4.06 -55.49 15.81
C TYR A 306 -4.29 -56.86 16.47
N PRO A 307 -3.28 -57.52 17.04
CA PRO A 307 -3.55 -58.80 17.70
C PRO A 307 -4.48 -58.68 18.90
N PHE A 308 -4.29 -57.66 19.75
CA PHE A 308 -5.24 -57.40 20.81
C PHE A 308 -6.67 -57.32 20.26
N LEU A 309 -6.83 -56.65 19.11
CA LEU A 309 -8.16 -56.47 18.53
C LEU A 309 -8.72 -57.76 17.98
N GLY A 310 -7.87 -58.59 17.40
CA GLY A 310 -8.29 -59.93 17.07
C GLY A 310 -8.76 -60.70 18.29
N ASP A 311 -8.00 -60.61 19.38
CA ASP A 311 -8.39 -61.26 20.63
C ASP A 311 -9.76 -60.79 21.08
N ILE A 312 -9.97 -59.48 21.10
CA ILE A 312 -11.20 -58.91 21.65
C ILE A 312 -12.40 -59.31 20.81
N VAL A 313 -12.28 -59.18 19.49
CA VAL A 313 -13.40 -59.50 18.60
C VAL A 313 -13.72 -60.99 18.67
N ARG A 314 -12.70 -61.83 18.80
CA ARG A 314 -12.94 -63.26 18.96
C ARG A 314 -13.69 -63.55 20.25
N SER A 315 -13.23 -62.96 21.36
CA SER A 315 -13.86 -63.16 22.65
C SER A 315 -15.30 -62.65 22.67
N ALA A 316 -15.59 -61.60 21.92
CA ALA A 316 -16.95 -61.07 21.87
C ALA A 316 -17.86 -61.97 21.04
N VAL A 317 -17.34 -62.54 19.96
CA VAL A 317 -18.08 -63.48 19.14
C VAL A 317 -18.23 -64.79 19.91
N HIS A 318 -17.12 -65.51 20.09
CA HIS A 318 -17.17 -66.84 20.71
C HIS A 318 -16.77 -66.81 22.18
N GLY A 319 -15.47 -66.75 22.45
CA GLY A 319 -14.89 -67.23 23.68
C GLY A 319 -15.27 -66.53 24.97
N GLY A 320 -14.48 -66.80 26.01
CA GLY A 320 -14.59 -66.12 27.28
C GLY A 320 -13.23 -65.60 27.71
N GLN A 321 -12.25 -66.50 27.78
CA GLN A 321 -10.89 -66.12 28.14
C GLN A 321 -10.35 -65.04 27.21
N LEU A 322 -9.57 -64.13 27.79
CA LEU A 322 -8.70 -63.24 27.03
C LEU A 322 -7.24 -63.63 27.31
N GLU A 323 -6.39 -63.48 26.31
CA GLU A 323 -4.98 -63.69 26.52
C GLU A 323 -4.47 -62.70 27.57
N PRO A 324 -3.49 -63.10 28.40
CA PRO A 324 -3.13 -62.24 29.54
C PRO A 324 -2.48 -60.93 29.13
N ALA A 325 -1.93 -60.84 27.93
CA ALA A 325 -1.45 -59.56 27.43
C ALA A 325 -2.61 -58.61 27.14
N THR A 326 -3.62 -59.12 26.42
CA THR A 326 -4.81 -58.33 26.11
C THR A 326 -5.52 -57.82 27.35
N MET A 327 -5.35 -58.48 28.49
CA MET A 327 -6.07 -58.08 29.69
C MET A 327 -5.46 -56.84 30.32
N GLY A 328 -4.15 -56.84 30.55
CA GLY A 328 -3.51 -55.68 31.13
C GLY A 328 -3.65 -54.44 30.27
N PHE A 329 -3.77 -54.62 28.96
CA PHE A 329 -3.89 -53.48 28.05
C PHE A 329 -5.31 -52.93 28.04
N LEU A 330 -6.32 -53.80 28.10
CA LEU A 330 -7.69 -53.32 28.22
C LEU A 330 -7.91 -52.64 29.57
N GLY A 331 -7.44 -53.26 30.65
CA GLY A 331 -7.65 -52.70 31.98
C GLY A 331 -6.99 -51.35 32.15
N GLN A 332 -5.87 -51.12 31.46
CA GLN A 332 -5.26 -49.80 31.41
C GLN A 332 -6.24 -48.77 30.85
N MET A 333 -6.94 -49.13 29.78
CA MET A 333 -7.80 -48.20 29.06
C MET A 333 -9.12 -48.00 29.80
N PHE A 334 -10.03 -48.97 29.72
CA PHE A 334 -11.31 -48.88 30.39
C PHE A 334 -11.26 -49.70 31.68
N GLY A 335 -12.41 -50.04 32.24
CA GLY A 335 -12.51 -50.66 33.54
C GLY A 335 -12.71 -49.63 34.63
N GLN A 336 -12.06 -48.46 34.48
CA GLN A 336 -12.25 -47.28 35.31
C GLN A 336 -12.91 -46.17 34.49
N PRO A 337 -13.83 -45.40 35.06
CA PRO A 337 -14.45 -44.31 34.28
C PRO A 337 -13.44 -43.23 33.89
N LYS A 338 -13.73 -42.58 32.76
CA LYS A 338 -12.89 -41.54 32.19
C LYS A 338 -12.81 -40.34 33.14
N GLU A 339 -11.63 -39.70 33.18
CA GLU A 339 -11.36 -38.65 34.17
C GLU A 339 -12.28 -37.45 33.92
N GLU A 340 -13.10 -37.10 34.92
CA GLU A 340 -14.24 -36.23 34.64
C GLU A 340 -13.80 -34.81 34.28
N SER A 341 -12.89 -34.21 35.06
CA SER A 341 -12.50 -32.84 34.77
C SER A 341 -11.92 -32.72 33.36
N GLY A 342 -11.33 -33.80 32.85
CA GLY A 342 -10.85 -33.78 31.48
C GLY A 342 -11.97 -33.80 30.47
N THR A 343 -13.03 -34.56 30.75
CA THR A 343 -14.23 -34.53 29.92
C THR A 343 -14.85 -33.14 29.94
N VAL A 344 -14.91 -32.51 31.11
CA VAL A 344 -15.52 -31.19 31.24
C VAL A 344 -14.71 -30.16 30.45
N ALA A 345 -13.39 -30.17 30.63
CA ALA A 345 -12.55 -29.20 29.93
C ALA A 345 -12.62 -29.41 28.43
N GLN A 346 -12.70 -30.67 27.99
CA GLN A 346 -12.85 -30.98 26.57
C GLN A 346 -14.13 -30.38 26.01
N LEU A 347 -15.26 -30.68 26.66
CA LEU A 347 -16.53 -30.02 26.31
C LEU A 347 -16.38 -28.51 26.26
N ALA A 348 -15.81 -27.93 27.31
CA ALA A 348 -15.75 -26.48 27.42
C ALA A 348 -14.93 -25.86 26.30
N ILE A 349 -13.84 -26.53 25.91
CA ILE A 349 -12.96 -25.98 24.87
C ILE A 349 -13.59 -26.14 23.49
N LEU A 350 -14.19 -27.30 23.21
CA LEU A 350 -14.79 -27.53 21.90
C LEU A 350 -15.92 -26.54 21.63
N ALA A 351 -16.67 -26.16 22.66
CA ALA A 351 -17.72 -25.16 22.51
C ALA A 351 -17.25 -23.75 22.82
N GLY A 352 -16.19 -23.61 23.61
CA GLY A 352 -15.69 -22.28 23.93
C GLY A 352 -14.88 -21.64 22.84
N ASP A 353 -14.25 -22.45 21.97
CA ASP A 353 -13.50 -21.92 20.83
C ASP A 353 -14.40 -21.42 19.71
N TRP A 354 -15.57 -22.04 19.53
CA TRP A 354 -16.31 -21.92 18.28
C TRP A 354 -17.75 -22.33 18.51
N ALA A 355 -18.68 -21.60 17.89
CA ALA A 355 -20.11 -21.79 18.06
C ALA A 355 -20.61 -22.90 17.14
N TRP A 356 -21.14 -23.98 17.74
CA TRP A 356 -21.64 -25.13 16.99
C TRP A 356 -23.01 -24.85 16.39
N PRO A 357 -23.36 -25.50 15.29
CA PRO A 357 -24.75 -25.44 14.80
C PRO A 357 -25.71 -25.87 15.89
N ARG A 358 -26.87 -25.22 15.93
CA ARG A 358 -27.86 -25.51 16.96
C ARG A 358 -29.17 -26.06 16.40
N ASN A 359 -29.39 -25.98 15.09
CA ASN A 359 -30.57 -26.60 14.50
C ASN A 359 -30.47 -28.12 14.62
N VAL A 360 -31.47 -28.73 15.26
CA VAL A 360 -31.42 -30.14 15.58
C VAL A 360 -31.64 -31.02 14.35
N ASP A 361 -32.29 -30.50 13.30
CA ASP A 361 -32.58 -31.32 12.13
C ASP A 361 -31.37 -31.52 11.24
N LEU A 362 -30.47 -30.54 11.17
CA LEU A 362 -29.20 -30.74 10.47
C LEU A 362 -28.49 -31.98 10.99
N TYR A 363 -28.49 -32.16 12.31
CA TYR A 363 -27.76 -33.27 12.90
C TYR A 363 -28.44 -34.60 12.61
N GLU A 364 -29.77 -34.63 12.55
CA GLU A 364 -30.44 -35.88 12.19
C GLU A 364 -30.15 -36.26 10.74
N ARG A 365 -30.27 -35.29 9.83
CA ARG A 365 -29.91 -35.52 8.44
C ARG A 365 -28.48 -36.07 8.33
N ASP A 366 -27.54 -35.45 9.06
CA ASP A 366 -26.14 -35.87 8.97
C ASP A 366 -25.94 -37.25 9.57
N MET A 367 -26.51 -37.52 10.73
CA MET A 367 -26.41 -38.84 11.34
C MET A 367 -26.92 -39.93 10.40
N GLU A 368 -28.12 -39.75 9.84
CA GLU A 368 -28.69 -40.79 9.00
C GLU A 368 -27.89 -40.97 7.72
N ARG A 369 -27.40 -39.87 7.13
CA ARG A 369 -26.55 -40.00 5.96
C ARG A 369 -25.29 -40.79 6.29
N ALA A 370 -24.71 -40.53 7.47
CA ALA A 370 -23.43 -41.14 7.86
C ALA A 370 -23.60 -42.55 8.39
N SER A 371 -24.74 -42.84 9.02
CA SER A 371 -25.06 -44.20 9.43
C SER A 371 -25.02 -45.16 8.24
N ARG A 372 -25.38 -44.66 7.06
CA ARG A 372 -25.52 -45.45 5.85
C ARG A 372 -24.20 -45.56 5.09
N THR A 373 -23.48 -44.45 4.96
CA THR A 373 -22.28 -44.41 4.15
C THR A 373 -21.05 -44.91 4.92
N HIS A 374 -21.05 -44.81 6.24
CA HIS A 374 -19.92 -45.22 7.07
C HIS A 374 -20.46 -45.83 8.36
N PRO A 375 -20.94 -47.08 8.28
CA PRO A 375 -21.69 -47.66 9.41
C PRO A 375 -20.92 -47.72 10.72
N PHE A 376 -19.60 -47.86 10.67
CA PHE A 376 -18.84 -48.17 11.88
C PHE A 376 -19.04 -47.09 12.94
N THR A 377 -18.77 -45.82 12.60
CA THR A 377 -18.89 -44.72 13.55
C THR A 377 -19.75 -43.57 13.03
N GLY A 378 -20.43 -43.74 11.90
CA GLY A 378 -21.09 -42.61 11.26
C GLY A 378 -22.13 -41.96 12.16
N ALA A 379 -23.02 -42.78 12.73
CA ALA A 379 -24.07 -42.23 13.59
C ALA A 379 -23.48 -41.50 14.78
N ALA A 380 -22.48 -42.11 15.43
CA ALA A 380 -21.93 -41.56 16.66
C ALA A 380 -21.19 -40.24 16.44
N MET A 381 -20.65 -40.00 15.25
CA MET A 381 -19.84 -38.82 14.99
C MET A 381 -20.60 -37.69 14.33
N ALA A 382 -21.50 -38.01 13.40
CA ALA A 382 -22.23 -37.00 12.66
C ALA A 382 -23.49 -36.52 13.38
N GLY A 383 -23.82 -37.12 14.53
CA GLY A 383 -25.05 -36.85 15.22
C GLY A 383 -24.97 -35.68 16.18
N ILE A 384 -26.07 -35.47 16.90
CA ILE A 384 -26.19 -34.35 17.82
C ILE A 384 -25.18 -34.49 18.96
N LYS A 385 -24.56 -33.37 19.33
CA LYS A 385 -23.57 -33.37 20.40
C LYS A 385 -23.80 -32.19 21.33
N ALA A 386 -23.44 -32.39 22.59
CA ALA A 386 -23.70 -31.41 23.65
C ALA A 386 -23.31 -29.97 23.32
N PRO A 387 -22.23 -29.68 22.59
CA PRO A 387 -21.95 -28.27 22.25
C PRO A 387 -23.06 -27.60 21.47
N ALA A 388 -23.91 -28.35 20.76
CA ALA A 388 -25.05 -27.76 20.07
C ALA A 388 -26.03 -27.10 21.02
N PHE A 389 -25.92 -27.36 22.33
CA PHE A 389 -26.80 -26.79 23.33
C PHE A 389 -26.03 -25.92 24.32
N TRP A 390 -24.90 -25.37 23.90
CA TRP A 390 -24.00 -24.77 24.87
C TRP A 390 -24.58 -23.47 25.41
N PRO A 391 -24.38 -23.17 26.70
CA PRO A 391 -25.00 -21.99 27.31
C PRO A 391 -24.24 -20.69 27.12
N VAL A 392 -23.02 -20.71 26.61
CA VAL A 392 -22.28 -19.47 26.39
C VAL A 392 -21.68 -19.49 24.99
N PRO A 393 -21.47 -18.33 24.39
CA PRO A 393 -20.82 -18.28 23.09
C PRO A 393 -19.32 -18.12 23.29
N PRO A 394 -18.54 -18.28 22.23
CA PRO A 394 -17.11 -17.99 22.33
C PRO A 394 -16.85 -16.52 22.66
N SER A 395 -15.82 -16.29 23.49
CA SER A 395 -15.46 -14.93 23.85
C SER A 395 -14.62 -14.24 22.78
N GLU A 396 -13.91 -15.00 21.95
CA GLU A 396 -13.09 -14.45 20.88
C GLU A 396 -13.33 -15.19 19.58
N PRO A 397 -13.09 -14.53 18.44
CA PRO A 397 -13.01 -15.26 17.17
C PRO A 397 -11.96 -16.35 17.25
N VAL A 398 -12.13 -17.36 16.40
CA VAL A 398 -11.09 -18.38 16.25
C VAL A 398 -9.85 -17.74 15.65
N THR A 399 -8.69 -18.22 16.08
CA THR A 399 -7.44 -17.74 15.54
C THR A 399 -7.37 -17.99 14.05
N ARG A 400 -6.96 -16.97 13.29
CA ARG A 400 -6.73 -17.13 11.86
C ARG A 400 -5.32 -17.68 11.65
N LEU A 401 -5.22 -18.98 11.37
CA LEU A 401 -3.93 -19.59 11.06
C LEU A 401 -3.56 -19.29 9.62
N GLY A 402 -2.27 -19.04 9.38
CA GLY A 402 -1.85 -18.76 8.02
C GLY A 402 -0.36 -18.63 7.80
N PRO A 403 0.02 -18.41 6.55
CA PRO A 403 1.44 -18.41 6.19
C PRO A 403 2.23 -17.21 6.71
N ASP A 404 1.59 -16.27 7.40
CA ASP A 404 2.30 -15.22 8.10
C ASP A 404 2.69 -15.65 9.52
N ASN A 405 2.57 -16.93 9.83
CA ASN A 405 2.98 -17.45 11.12
C ASN A 405 4.43 -17.05 11.42
N PRO A 406 4.70 -16.43 12.57
CA PRO A 406 6.06 -15.91 12.81
C PRO A 406 7.07 -16.92 13.33
N ALA A 407 6.71 -18.19 13.53
CA ALA A 407 7.67 -19.18 13.99
C ALA A 407 8.78 -19.37 12.97
N ASP A 408 10.01 -19.49 13.47
CA ASP A 408 11.16 -19.65 12.57
C ASP A 408 11.09 -20.96 11.79
N SER A 409 10.59 -22.04 12.43
CA SER A 409 10.43 -23.30 11.73
C SER A 409 9.45 -24.18 12.50
N ILE A 410 8.71 -25.01 11.75
CA ILE A 410 7.77 -25.99 12.32
C ILE A 410 7.94 -27.30 11.56
N LEU A 411 8.21 -28.37 12.27
CA LEU A 411 8.25 -29.71 11.67
C LEU A 411 6.96 -30.45 12.00
N LEU A 412 6.25 -30.90 10.96
CA LEU A 412 5.06 -31.72 11.09
C LEU A 412 5.41 -33.20 10.84
N VAL A 413 4.91 -34.08 11.70
CA VAL A 413 5.15 -35.53 11.63
C VAL A 413 3.79 -36.22 11.56
N GLN A 414 3.65 -37.16 10.63
CA GLN A 414 2.33 -37.73 10.37
C GLN A 414 2.46 -39.15 9.85
N ALA A 415 1.78 -40.10 10.50
CA ALA A 415 1.67 -41.44 9.94
C ALA A 415 0.66 -41.41 8.80
N ALA A 416 1.02 -42.05 7.69
CA ALA A 416 0.23 -41.91 6.47
C ALA A 416 -1.17 -42.51 6.63
N ASP A 417 -1.33 -43.50 7.50
CA ASP A 417 -2.59 -44.24 7.61
C ASP A 417 -3.25 -44.05 8.97
N ASP A 418 -2.85 -43.01 9.71
CA ASP A 418 -3.43 -42.74 11.02
C ASP A 418 -4.91 -42.43 10.87
N MET A 419 -5.67 -42.77 11.91
CA MET A 419 -7.13 -42.74 11.89
C MET A 419 -7.68 -41.39 12.35
N SER A 420 -7.43 -41.04 13.61
CA SER A 420 -8.04 -39.86 14.24
C SER A 420 -7.52 -38.57 13.64
N THR A 421 -6.25 -38.54 13.25
CA THR A 421 -5.65 -37.37 12.61
C THR A 421 -5.09 -37.90 11.30
N PRO A 422 -5.80 -37.73 10.21
CA PRO A 422 -5.40 -38.37 8.94
C PRO A 422 -4.38 -37.54 8.18
N LEU A 423 -3.80 -38.17 7.16
CA LEU A 423 -2.77 -37.50 6.37
C LEU A 423 -3.31 -36.23 5.73
N ALA A 424 -4.58 -36.22 5.32
CA ALA A 424 -5.16 -35.01 4.73
C ALA A 424 -5.11 -33.83 5.70
N ALA A 425 -5.26 -34.11 7.00
CA ALA A 425 -5.24 -33.03 7.99
C ALA A 425 -3.86 -32.41 8.10
N ALA A 426 -2.82 -33.25 8.14
CA ALA A 426 -1.45 -32.76 8.19
C ALA A 426 -1.09 -31.99 6.92
N ARG A 427 -1.56 -32.47 5.76
CA ARG A 427 -1.28 -31.75 4.54
C ARG A 427 -1.98 -30.39 4.52
N ARG A 428 -3.20 -30.30 5.05
CA ARG A 428 -3.86 -29.00 5.14
C ARG A 428 -3.12 -28.08 6.09
N MET A 429 -2.67 -28.59 7.24
CA MET A 429 -1.88 -27.76 8.15
C MET A 429 -0.61 -27.26 7.47
N ARG A 430 0.08 -28.15 6.75
CA ARG A 430 1.25 -27.75 5.99
C ARG A 430 0.94 -26.64 5.01
N GLU A 431 -0.17 -26.75 4.28
CA GLU A 431 -0.58 -25.70 3.34
C GLU A 431 -0.78 -24.37 4.07
N VAL A 432 -1.48 -24.42 5.20
CA VAL A 432 -1.90 -23.19 5.89
C VAL A 432 -0.70 -22.50 6.51
N LEU A 433 0.15 -23.25 7.21
CA LEU A 433 1.33 -22.67 7.85
C LEU A 433 2.35 -22.15 6.83
N GLY A 434 2.38 -22.71 5.64
CA GLY A 434 3.25 -22.21 4.61
C GLY A 434 4.70 -22.64 4.74
N ASP A 435 5.59 -21.84 4.15
CA ASP A 435 6.96 -22.28 3.90
C ASP A 435 7.79 -22.40 5.16
N THR A 436 7.30 -21.92 6.30
CA THR A 436 8.08 -22.16 7.50
C THR A 436 7.91 -23.57 8.03
N SER A 437 6.94 -24.33 7.54
CA SER A 437 6.74 -25.70 7.97
C SER A 437 7.27 -26.70 6.95
N ARG A 438 7.54 -27.91 7.44
CA ARG A 438 7.88 -29.06 6.62
C ARG A 438 7.11 -30.25 7.15
N LEU A 439 6.72 -31.16 6.26
CA LEU A 439 5.96 -32.35 6.62
C LEU A 439 6.76 -33.60 6.35
N LEU A 440 6.91 -34.43 7.39
CA LEU A 440 7.43 -35.78 7.29
C LEU A 440 6.24 -36.74 7.33
N THR A 441 6.08 -37.54 6.28
CA THR A 441 5.07 -38.61 6.25
C THR A 441 5.74 -39.95 6.47
N VAL A 442 5.24 -40.72 7.43
CA VAL A 442 5.75 -42.06 7.69
C VAL A 442 4.81 -43.06 7.01
N ALA A 443 5.29 -43.74 5.98
CA ALA A 443 4.47 -44.60 5.13
C ALA A 443 4.08 -45.90 5.84
N ASP A 444 3.00 -46.51 5.35
CA ASP A 444 2.57 -47.85 5.76
C ASP A 444 2.50 -47.97 7.27
N THR A 445 1.82 -47.01 7.88
CA THR A 445 1.77 -46.88 9.32
C THR A 445 0.43 -46.29 9.71
N ALA A 446 -0.34 -47.04 10.49
CA ALA A 446 -1.63 -46.59 11.02
C ALA A 446 -1.44 -46.46 12.52
N HIS A 447 -0.86 -45.34 12.92
CA HIS A 447 -0.47 -45.14 14.31
C HIS A 447 -0.60 -43.66 14.66
N HIS A 448 -1.08 -43.42 15.87
CA HIS A 448 -1.28 -42.08 16.42
C HIS A 448 -0.14 -41.76 17.38
N ARG A 449 0.53 -40.62 17.15
CA ARG A 449 1.70 -40.18 17.93
C ARG A 449 2.94 -40.98 17.52
N VAL A 450 3.57 -40.56 16.42
CA VAL A 450 4.64 -41.36 15.82
C VAL A 450 5.93 -41.19 16.59
N PHE A 451 6.38 -39.95 16.76
CA PHE A 451 7.64 -39.69 17.46
C PHE A 451 7.36 -39.41 18.94
N PRO A 452 8.00 -40.14 19.88
CA PRO A 452 8.94 -41.25 19.72
C PRO A 452 8.28 -42.63 19.84
N PHE A 453 6.96 -42.64 20.07
CA PHE A 453 6.29 -43.83 20.61
C PHE A 453 6.30 -45.01 19.64
N TYR A 454 6.30 -44.79 18.33
CA TYR A 454 6.24 -45.91 17.40
C TYR A 454 7.61 -46.56 17.17
N GLY A 455 8.70 -45.88 17.50
CA GLY A 455 10.03 -46.41 17.23
C GLY A 455 10.33 -46.53 15.75
N ASN A 456 9.82 -45.59 14.95
CA ASN A 456 10.15 -45.58 13.54
C ASN A 456 11.55 -45.02 13.37
N PRO A 457 12.51 -45.79 12.82
CA PRO A 457 13.89 -45.28 12.75
C PRO A 457 14.00 -43.99 11.95
N GLY A 458 13.31 -43.88 10.82
CA GLY A 458 13.46 -42.70 9.98
C GLY A 458 12.90 -41.45 10.63
N ALA A 459 11.72 -41.56 11.25
CA ALA A 459 11.13 -40.43 11.96
C ALA A 459 12.00 -40.03 13.15
N ASP A 460 12.43 -41.01 13.93
CA ASP A 460 13.25 -40.70 15.10
C ASP A 460 14.51 -39.95 14.69
N GLU A 461 15.16 -40.42 13.62
CA GLU A 461 16.40 -39.81 13.17
C GLU A 461 16.16 -38.39 12.68
N LEU A 462 15.10 -38.18 11.89
CA LEU A 462 14.84 -36.85 11.36
C LEU A 462 14.43 -35.88 12.45
N VAL A 463 13.56 -36.31 13.37
CA VAL A 463 13.11 -35.40 14.42
C VAL A 463 14.26 -35.08 15.36
N THR A 464 15.09 -36.07 15.67
CA THR A 464 16.22 -35.85 16.57
C THR A 464 17.21 -34.87 15.93
N ALA A 465 17.45 -35.01 14.63
CA ALA A 465 18.35 -34.10 13.92
C ALA A 465 17.83 -32.67 13.94
N TYR A 466 16.51 -32.50 13.90
CA TYR A 466 15.93 -31.17 13.98
C TYR A 466 16.05 -30.61 15.39
N LEU A 467 15.62 -31.38 16.39
CA LEU A 467 15.61 -30.89 17.76
C LEU A 467 17.01 -30.62 18.27
N VAL A 468 17.96 -31.48 17.91
CA VAL A 468 19.32 -31.35 18.41
C VAL A 468 20.13 -30.40 17.54
N ASP A 469 20.12 -30.61 16.23
CA ASP A 469 21.00 -29.88 15.31
C ASP A 469 20.29 -28.80 14.50
N GLY A 470 18.98 -28.68 14.61
CA GLY A 470 18.24 -27.72 13.79
C GLY A 470 18.16 -28.06 12.31
N GLU A 471 18.48 -29.29 11.91
CA GLU A 471 18.38 -29.69 10.51
C GLU A 471 16.92 -29.87 10.11
N LEU A 472 16.55 -29.31 8.97
CA LEU A 472 15.23 -29.50 8.39
C LEU A 472 15.37 -29.82 6.91
N PRO A 473 14.59 -30.76 6.38
CA PRO A 473 14.65 -31.03 4.94
C PRO A 473 14.21 -29.82 4.13
N ALA A 474 14.70 -29.76 2.89
CA ALA A 474 14.38 -28.65 1.99
C ALA A 474 12.91 -28.64 1.60
N ALA A 475 12.24 -29.78 1.66
CA ALA A 475 10.84 -29.91 1.25
C ALA A 475 10.28 -31.12 2.00
N ASP A 476 9.00 -31.38 1.81
CA ASP A 476 8.38 -32.50 2.50
C ASP A 476 9.06 -33.81 2.11
N VAL A 477 9.09 -34.76 3.05
CA VAL A 477 9.79 -36.02 2.84
C VAL A 477 8.93 -37.16 3.37
N THR A 478 9.27 -38.37 2.91
CA THR A 478 8.65 -39.61 3.37
C THR A 478 9.71 -40.53 3.95
N ARG A 479 9.33 -41.27 4.98
CA ARG A 479 10.19 -42.30 5.54
C ARG A 479 9.41 -43.60 5.63
N PRO A 480 10.07 -44.73 5.40
CA PRO A 480 9.36 -46.02 5.35
C PRO A 480 9.16 -46.63 6.73
N ASN A 481 8.24 -47.58 6.78
CA ASN A 481 8.03 -48.39 7.97
C ASN A 481 8.69 -49.74 7.72
N PRO A 482 9.83 -50.04 8.32
CA PRO A 482 10.49 -51.32 8.01
C PRO A 482 9.77 -52.53 8.57
N ALA A 483 8.78 -52.34 9.45
CA ALA A 483 8.01 -53.43 10.03
C ALA A 483 6.53 -53.12 9.94
N PRO A 484 5.98 -53.11 8.73
CA PRO A 484 4.55 -52.80 8.57
C PRO A 484 3.67 -53.98 8.93
N MET A 485 2.46 -53.67 9.38
CA MET A 485 1.53 -54.72 9.76
C MET A 485 0.89 -55.38 8.54
N VAL A 486 0.79 -54.65 7.44
CA VAL A 486 0.22 -55.20 6.20
C VAL A 486 1.05 -54.73 5.02
N PRO A 487 1.00 -55.47 3.91
CA PRO A 487 1.76 -55.08 2.73
C PRO A 487 1.46 -53.66 2.26
N THR A 488 2.39 -53.11 1.50
CA THR A 488 2.25 -51.77 0.90
C THR A 488 1.11 -51.77 -0.12
N PRO B 8 6.83 -0.62 36.45
CA PRO B 8 6.40 0.19 35.30
C PRO B 8 5.72 -0.65 34.21
N HIS B 9 5.01 -0.01 33.29
CA HIS B 9 4.31 -0.72 32.23
C HIS B 9 4.77 -0.20 30.87
N LEU B 10 4.85 -1.11 29.91
CA LEU B 10 5.19 -0.74 28.54
C LEU B 10 3.99 -0.26 27.75
N LEU B 11 2.79 -0.73 28.10
CA LEU B 11 1.57 -0.40 27.36
C LEU B 11 1.64 -0.92 25.93
N THR B 12 2.08 -2.17 25.81
CA THR B 12 2.28 -2.79 24.51
C THR B 12 0.98 -2.90 23.73
N ASP B 13 -0.14 -3.19 24.41
CA ASP B 13 -1.39 -3.37 23.70
C ASP B 13 -1.76 -2.10 22.93
N ALA B 14 -1.65 -0.94 23.58
CA ALA B 14 -1.92 0.32 22.93
C ALA B 14 -0.97 0.55 21.75
N VAL B 15 0.32 0.27 21.95
CA VAL B 15 1.28 0.42 20.87
C VAL B 15 0.87 -0.43 19.67
N ARG B 16 0.57 -1.72 19.90
CA ARG B 16 0.21 -2.60 18.79
C ARG B 16 -0.99 -2.05 18.03
N ALA B 17 -1.95 -1.47 18.75
CA ALA B 17 -3.16 -0.97 18.11
C ALA B 17 -2.84 0.07 17.04
N PHE B 18 -1.82 0.89 17.28
CA PHE B 18 -1.45 1.94 16.34
C PHE B 18 -0.36 1.50 15.36
N GLN B 19 0.20 0.32 15.52
CA GLN B 19 1.24 -0.14 14.61
C GLN B 19 0.68 -0.64 13.28
N ALA B 20 -0.62 -0.72 13.13
CA ALA B 20 -1.23 -1.26 11.91
C ALA B 20 -1.39 -0.20 10.82
N GLN B 21 -1.03 1.05 11.10
CA GLN B 21 -1.15 2.10 10.09
C GLN B 21 -0.21 1.85 8.92
N SER B 22 -0.57 2.45 7.78
CA SER B 22 0.27 2.43 6.58
C SER B 22 0.28 3.83 6.00
N PRO B 23 1.19 4.69 6.44
CA PRO B 23 1.19 6.08 5.98
C PRO B 23 1.39 6.19 4.48
N VAL B 24 0.91 7.28 3.91
CA VAL B 24 1.09 7.61 2.50
C VAL B 24 2.21 8.63 2.38
N TRP B 25 3.26 8.29 1.64
CA TRP B 25 4.41 9.15 1.47
C TRP B 25 4.29 9.99 0.20
N ARG B 26 4.69 11.25 0.31
CA ARG B 26 4.77 12.17 -0.84
C ARG B 26 6.02 13.02 -0.72
N PRO B 27 6.40 13.75 -1.77
CA PRO B 27 7.48 14.74 -1.64
C PRO B 27 7.18 15.78 -0.58
N ALA B 28 8.21 16.16 0.18
CA ALA B 28 8.09 17.13 1.26
C ALA B 28 8.28 18.55 0.72
N ASP B 29 7.34 18.97 -0.11
CA ASP B 29 7.49 20.20 -0.87
C ASP B 29 7.05 21.46 -0.13
N ASP B 30 6.49 21.33 1.07
CA ASP B 30 5.95 22.50 1.77
C ASP B 30 6.94 23.13 2.75
N GLU B 31 8.23 22.79 2.64
CA GLU B 31 9.26 23.42 3.47
C GLU B 31 10.59 23.29 2.74
N GLU B 32 11.29 24.42 2.58
CA GLU B 32 12.51 24.44 1.78
C GLU B 32 13.53 23.42 2.29
N ALA B 33 13.80 23.45 3.59
CA ALA B 33 14.88 22.62 4.14
C ALA B 33 14.63 21.14 3.91
N LEU B 34 13.40 20.73 3.62
CA LEU B 34 13.04 19.34 3.47
C LEU B 34 12.90 18.89 2.03
N ARG B 35 13.09 19.78 1.06
CA ARG B 35 13.06 19.35 -0.32
C ARG B 35 14.17 18.33 -0.55
N GLY B 36 13.85 17.26 -1.27
CA GLY B 36 14.73 16.12 -1.41
C GLY B 36 14.29 14.91 -0.63
N LEU B 37 13.38 15.09 0.33
CA LEU B 37 12.86 14.02 1.16
C LEU B 37 11.37 13.79 0.87
N GLU B 38 10.91 12.60 1.24
CA GLU B 38 9.49 12.33 1.30
C GLU B 38 8.96 12.67 2.70
N ALA B 39 7.65 12.92 2.76
CA ALA B 39 6.99 13.21 4.02
C ALA B 39 5.77 12.31 4.17
N ALA B 40 5.43 12.02 5.42
CA ALA B 40 4.22 11.29 5.75
C ALA B 40 3.79 11.72 7.13
N GLU B 41 2.53 11.41 7.46
CA GLU B 41 1.97 11.70 8.76
C GLU B 41 1.46 10.41 9.37
N LEU B 42 1.52 10.35 10.69
CA LEU B 42 1.22 9.15 11.44
C LEU B 42 0.43 9.56 12.68
N THR B 43 -0.44 8.67 13.15
CA THR B 43 -1.27 8.92 14.32
C THR B 43 -0.76 8.16 15.53
N VAL B 44 -0.87 8.81 16.68
CA VAL B 44 -0.29 8.33 17.93
C VAL B 44 -1.23 8.76 19.05
N PRO B 45 -1.55 7.91 20.03
CA PRO B 45 -2.44 8.35 21.11
C PRO B 45 -1.74 9.39 21.98
N LEU B 46 -2.51 10.38 22.42
CA LEU B 46 -1.99 11.31 23.42
C LEU B 46 -1.53 10.55 24.66
N ASP B 47 -2.34 9.60 25.12
CA ASP B 47 -2.13 8.85 26.35
C ASP B 47 -2.23 7.37 25.99
N TYR B 48 -1.12 6.64 26.12
CA TYR B 48 -1.16 5.22 25.76
C TYR B 48 -1.97 4.40 26.76
N ARG B 49 -2.38 4.99 27.88
CA ARG B 49 -3.38 4.36 28.74
C ARG B 49 -4.78 4.49 28.18
N ALA B 50 -4.99 5.33 27.18
CA ALA B 50 -6.30 5.59 26.59
C ALA B 50 -6.19 5.53 25.08
N PRO B 51 -5.93 4.33 24.53
CA PRO B 51 -5.73 4.22 23.08
C PRO B 51 -6.94 4.58 22.25
N ALA B 52 -8.15 4.51 22.81
CA ALA B 52 -9.37 4.86 22.08
C ALA B 52 -9.73 6.32 22.25
N GLY B 53 -8.89 7.11 22.90
CA GLY B 53 -9.15 8.50 23.17
C GLY B 53 -8.44 9.44 22.24
N ARG B 54 -8.09 10.61 22.76
CA ARG B 54 -7.47 11.67 21.97
C ARG B 54 -6.17 11.19 21.32
N THR B 55 -5.94 11.63 20.09
CA THR B 55 -4.75 11.28 19.32
C THR B 55 -3.99 12.53 18.89
N LEU B 56 -2.76 12.29 18.44
CA LEU B 56 -1.85 13.28 17.90
C LEU B 56 -1.44 12.87 16.49
N THR B 57 -0.90 13.82 15.75
CA THR B 57 -0.28 13.53 14.47
C THR B 57 1.21 13.82 14.56
N LEU B 58 2.03 12.91 14.05
CA LEU B 58 3.46 13.12 13.93
C LEU B 58 3.85 13.26 12.46
N GLY B 59 4.73 14.20 12.17
CA GLY B 59 5.30 14.34 10.84
C GLY B 59 6.61 13.59 10.67
N LEU B 60 6.65 12.71 9.67
CA LEU B 60 7.82 11.93 9.32
C LEU B 60 8.42 12.41 8.01
N VAL B 61 9.73 12.22 7.85
CA VAL B 61 10.41 12.37 6.58
C VAL B 61 11.27 11.14 6.33
N ARG B 62 11.63 10.93 5.05
CA ARG B 62 12.38 9.76 4.63
C ARG B 62 13.21 10.09 3.41
N HIS B 63 14.35 9.42 3.28
CA HIS B 63 15.18 9.55 2.10
C HIS B 63 14.97 8.37 1.14
N ARG B 64 15.32 7.17 1.59
CA ARG B 64 15.22 5.87 0.91
C ARG B 64 16.61 5.45 0.43
N ALA B 65 16.99 4.22 0.74
CA ALA B 65 18.32 3.72 0.42
C ALA B 65 18.63 3.91 -1.07
N THR B 66 19.80 4.47 -1.36
CA THR B 66 20.15 4.79 -2.74
C THR B 66 20.54 3.57 -3.57
N ALA B 67 20.75 2.41 -2.94
CA ALA B 67 21.10 1.18 -3.64
C ALA B 67 20.12 0.09 -3.23
N PRO B 68 18.94 0.04 -3.86
CA PRO B 68 17.94 -0.96 -3.46
C PRO B 68 18.47 -2.36 -3.36
N GLU B 69 19.43 -2.74 -4.19
CA GLU B 69 19.94 -4.10 -4.10
C GLU B 69 20.87 -4.30 -2.91
N ARG B 70 21.33 -3.21 -2.27
CA ARG B 70 22.13 -3.30 -1.05
C ARG B 70 21.36 -2.85 0.20
N ARG B 71 20.04 -2.67 0.10
CA ARG B 71 19.26 -2.17 1.23
C ARG B 71 19.24 -3.16 2.38
N ARG B 72 19.58 -2.68 3.58
CA ARG B 72 19.60 -3.49 4.79
C ARG B 72 18.43 -3.24 5.74
N GLY B 73 17.89 -2.02 5.80
CA GLY B 73 16.82 -1.72 6.74
C GLY B 73 16.61 -0.22 6.81
N VAL B 74 15.98 0.25 7.89
CA VAL B 74 15.81 1.68 8.09
C VAL B 74 16.66 2.12 9.27
N LEU B 75 17.24 3.31 9.12
CA LEU B 75 17.98 4.00 10.16
C LEU B 75 17.10 5.13 10.64
N LEU B 76 16.53 4.96 11.84
CA LEU B 76 15.72 5.99 12.43
C LEU B 76 16.59 7.00 13.17
N VAL B 77 16.40 8.28 12.83
CA VAL B 77 17.11 9.40 13.46
C VAL B 77 16.35 9.77 14.72
N GLY B 78 17.04 9.87 15.85
CA GLY B 78 16.45 10.39 17.06
C GLY B 78 15.86 11.77 16.78
N PRO B 79 14.69 12.07 17.36
CA PRO B 79 13.90 13.24 16.93
C PRO B 79 14.46 14.56 17.43
N GLY B 80 15.68 14.88 16.99
CA GLY B 80 16.33 16.11 17.38
C GLY B 80 17.59 15.83 18.17
N ASP B 81 18.51 16.78 18.17
CA ASP B 81 19.72 16.60 18.95
C ASP B 81 19.47 17.20 20.31
N ASP B 82 19.73 18.50 20.44
CA ASP B 82 19.39 19.17 21.67
C ASP B 82 17.88 19.28 21.79
N LEU B 83 17.38 19.07 23.00
CA LEU B 83 15.94 19.10 23.24
C LEU B 83 15.40 20.48 22.89
N GLY B 84 14.37 20.50 22.04
CA GLY B 84 13.85 21.73 21.48
C GLY B 84 14.13 21.90 20.01
N ASN B 85 15.02 21.07 19.44
CA ASN B 85 15.31 21.07 18.01
C ASN B 85 14.50 20.01 17.28
N ARG B 86 14.27 20.25 15.99
CA ARG B 86 13.39 19.41 15.19
C ARG B 86 14.15 18.21 14.62
N GLY B 87 13.56 17.02 14.78
CA GLY B 87 14.17 15.82 14.21
C GLY B 87 14.13 15.76 12.70
N THR B 88 13.06 16.28 12.08
CA THR B 88 12.99 16.31 10.62
C THR B 88 14.14 17.13 10.03
N LEU B 89 14.47 18.26 10.66
CA LEU B 89 15.57 19.09 10.16
C LEU B 89 16.92 18.40 10.38
N LEU B 90 17.07 17.69 11.51
CA LEU B 90 18.27 16.90 11.72
C LEU B 90 18.42 15.83 10.64
N GLY B 91 17.30 15.20 10.27
CA GLY B 91 17.34 14.22 9.20
C GLY B 91 17.85 14.81 7.89
N ALA B 92 17.42 16.02 7.56
CA ALA B 92 17.89 16.66 6.33
C ALA B 92 19.38 16.96 6.40
N GLN B 93 19.84 17.47 7.55
CA GLN B 93 21.29 17.68 7.72
C GLN B 93 22.05 16.38 7.52
N LEU B 94 21.52 15.27 8.03
CA LEU B 94 22.21 13.99 7.98
C LEU B 94 22.26 13.43 6.57
N VAL B 95 21.16 13.54 5.83
CA VAL B 95 21.12 13.05 4.45
C VAL B 95 22.19 13.75 3.61
N GLY B 96 22.55 14.98 3.96
CA GLY B 96 23.59 15.69 3.24
C GLY B 96 25.00 15.38 3.68
N GLN B 97 25.18 14.67 4.79
CA GLN B 97 26.51 14.51 5.37
C GLN B 97 26.85 13.09 5.80
N LEU B 98 25.90 12.17 5.83
CA LEU B 98 26.21 10.78 6.18
C LEU B 98 27.10 10.15 5.10
N PRO B 99 27.89 9.15 5.46
CA PRO B 99 28.66 8.43 4.44
C PRO B 99 27.77 7.87 3.33
N LYS B 100 28.31 7.92 2.11
CA LYS B 100 27.57 7.41 0.95
C LYS B 100 27.05 6.00 1.17
N GLU B 101 27.87 5.13 1.78
CA GLU B 101 27.46 3.73 1.90
C GLU B 101 26.39 3.53 2.97
N VAL B 102 26.30 4.43 3.95
CA VAL B 102 25.16 4.39 4.87
C VAL B 102 23.87 4.75 4.14
N LEU B 103 23.92 5.85 3.38
CA LEU B 103 22.78 6.26 2.56
C LEU B 103 22.42 5.22 1.52
N ALA B 104 23.39 4.40 1.12
CA ALA B 104 23.12 3.37 0.12
C ALA B 104 22.35 2.19 0.70
N GLN B 105 22.61 1.82 1.96
CA GLN B 105 22.04 0.62 2.55
C GLN B 105 20.86 0.86 3.48
N TYR B 106 20.61 2.11 3.88
CA TYR B 106 19.54 2.41 4.82
C TYR B 106 18.55 3.42 4.24
N ASP B 107 17.26 3.14 4.45
CA ASP B 107 16.26 4.21 4.46
C ASP B 107 16.46 5.04 5.71
N VAL B 108 16.74 6.32 5.53
CA VAL B 108 16.86 7.25 6.66
C VAL B 108 15.49 7.85 6.93
N VAL B 109 14.97 7.62 8.14
CA VAL B 109 13.66 8.12 8.58
C VAL B 109 13.88 9.04 9.77
N ALA B 110 13.26 10.23 9.72
CA ALA B 110 13.34 11.20 10.80
C ALA B 110 11.93 11.70 11.10
N PHE B 111 11.78 12.34 12.27
CA PHE B 111 10.47 12.81 12.68
C PHE B 111 10.62 13.90 13.73
N ASP B 112 9.61 14.76 13.81
CA ASP B 112 9.49 15.69 14.92
C ASP B 112 8.71 14.99 16.02
N HIS B 113 9.24 15.03 17.24
CA HIS B 113 8.52 14.33 18.29
C HIS B 113 7.28 15.12 18.68
N ARG B 114 6.41 14.47 19.45
CA ARG B 114 5.12 15.04 19.81
C ARG B 114 5.25 16.44 20.40
N PHE B 115 4.37 17.33 19.95
CA PHE B 115 4.13 18.65 20.53
C PHE B 115 5.03 19.73 19.97
N MET B 116 5.75 19.48 18.86
CA MET B 116 6.54 20.54 18.27
C MET B 116 6.67 20.32 16.76
N GLY B 117 7.05 21.39 16.08
CA GLY B 117 7.38 21.31 14.66
C GLY B 117 6.22 20.83 13.83
N ARG B 118 6.46 19.78 13.06
CA ARG B 118 5.46 19.20 12.18
C ARG B 118 4.58 18.16 12.89
N SER B 119 4.66 18.05 14.22
CA SER B 119 3.95 17.02 14.97
C SER B 119 3.09 17.68 16.07
N SER B 120 1.93 18.20 15.69
CA SER B 120 0.95 18.71 16.63
C SER B 120 1.57 19.73 17.60
N PRO B 121 2.13 20.81 17.07
CA PRO B 121 2.88 21.75 17.92
C PRO B 121 2.00 22.43 18.96
N VAL B 122 2.61 22.75 20.10
CA VAL B 122 1.94 23.43 21.20
C VAL B 122 2.59 24.78 21.39
N VAL B 123 1.77 25.83 21.39
CA VAL B 123 2.24 27.21 21.47
C VAL B 123 1.52 27.89 22.62
N CYS B 124 2.23 28.78 23.33
CA CYS B 124 1.73 29.31 24.59
C CYS B 124 1.89 30.82 24.74
N GLY B 125 2.18 31.54 23.66
CA GLY B 125 2.38 32.98 23.75
C GLY B 125 3.65 33.41 24.46
N LEU B 126 4.72 32.64 24.36
CA LEU B 126 5.98 33.03 24.99
C LEU B 126 6.57 34.26 24.31
N GLU B 127 7.11 35.17 25.11
CA GLU B 127 7.82 36.32 24.58
C GLU B 127 9.24 35.93 24.18
N PRO B 128 9.87 36.69 23.28
CA PRO B 128 11.23 36.34 22.85
C PRO B 128 12.18 36.00 23.98
N GLU B 129 12.16 36.77 25.07
CA GLU B 129 13.12 36.54 26.15
C GLU B 129 12.82 35.24 26.90
N GLU B 130 11.54 34.85 26.96
CA GLU B 130 11.19 33.63 27.68
C GLU B 130 11.65 32.38 26.94
N ARG B 131 11.77 32.45 25.60
CA ARG B 131 12.34 31.34 24.86
C ARG B 131 13.79 31.06 25.23
N PHE B 132 14.45 31.96 25.97
CA PHE B 132 15.81 31.76 26.45
C PHE B 132 15.84 31.33 27.91
N TRP B 133 14.76 30.70 28.39
CA TRP B 133 14.64 30.36 29.80
C TRP B 133 15.76 29.44 30.27
N VAL B 134 16.35 28.63 29.38
CA VAL B 134 17.36 27.66 29.80
C VAL B 134 18.63 28.37 30.26
N PHE B 135 19.19 29.22 29.42
CA PHE B 135 20.46 29.87 29.73
C PHE B 135 20.26 31.30 30.25
N HIS B 136 19.03 31.67 30.58
CA HIS B 136 18.73 32.99 31.12
C HIS B 136 19.62 33.31 32.32
N HIS B 137 20.35 34.46 32.22
CA HIS B 137 21.21 34.89 33.32
C HIS B 137 20.44 35.84 34.22
N PRO B 138 20.46 35.64 35.53
CA PRO B 138 19.58 36.41 36.43
C PRO B 138 20.11 37.80 36.75
N ARG B 139 19.21 38.78 36.70
CA ARG B 139 19.47 40.07 37.33
C ARG B 139 19.79 39.89 38.80
N ASP B 140 18.87 39.25 39.51
CA ASP B 140 19.00 38.91 40.92
C ASP B 140 18.00 37.78 41.16
N PHE B 141 18.18 37.05 42.26
CA PHE B 141 17.38 35.84 42.44
C PHE B 141 15.89 36.15 42.39
N ASP B 142 15.45 37.17 43.13
CA ASP B 142 14.02 37.45 43.22
C ASP B 142 13.42 37.77 41.86
N HIS B 143 14.15 38.49 41.00
CA HIS B 143 13.63 38.76 39.67
C HIS B 143 13.58 37.49 38.83
N GLU B 144 14.54 36.59 39.02
CA GLU B 144 14.55 35.35 38.24
C GLU B 144 13.41 34.43 38.65
N VAL B 145 13.11 34.38 39.95
CA VAL B 145 11.95 33.62 40.42
C VAL B 145 10.71 34.04 39.65
N ARG B 146 10.47 35.35 39.57
CA ARG B 146 9.29 35.86 38.88
C ARG B 146 9.34 35.52 37.40
N PHE B 147 10.52 35.66 36.77
CA PHE B 147 10.65 35.35 35.35
C PHE B 147 10.34 33.88 35.08
N GLN B 148 10.95 32.98 35.83
CA GLN B 148 10.81 31.56 35.55
C GLN B 148 9.41 31.06 35.92
N ALA B 149 8.88 31.52 37.06
CA ALA B 149 7.50 31.17 37.42
C ALA B 149 6.52 31.65 36.36
N ASN B 150 6.79 32.80 35.74
CA ASN B 150 5.86 33.34 34.75
C ASN B 150 5.93 32.56 33.43
N VAL B 151 7.07 31.97 33.10
CA VAL B 151 7.13 31.06 31.97
C VAL B 151 6.22 29.86 32.23
N ALA B 152 6.41 29.21 33.39
CA ALA B 152 5.57 28.07 33.74
C ALA B 152 4.10 28.44 33.65
N ALA B 153 3.73 29.61 34.15
CA ALA B 153 2.33 30.07 34.12
C ALA B 153 1.76 30.04 32.71
N LYS B 154 2.49 30.60 31.74
CA LYS B 154 1.97 30.68 30.38
C LYS B 154 1.75 29.29 29.79
N VAL B 155 2.63 28.33 30.11
CA VAL B 155 2.46 26.98 29.59
C VAL B 155 1.30 26.29 30.31
N ALA B 156 1.21 26.46 31.63
CA ALA B 156 0.08 25.92 32.37
C ALA B 156 -1.24 26.41 31.78
N GLU B 157 -1.32 27.69 31.43
CA GLU B 157 -2.59 28.24 30.96
C GLU B 157 -3.00 27.63 29.63
N HIS B 158 -2.06 27.40 28.73
CA HIS B 158 -2.38 27.07 27.35
C HIS B 158 -2.17 25.60 27.00
N ALA B 159 -1.47 24.82 27.83
CA ALA B 159 -1.14 23.44 27.48
C ALA B 159 -1.42 22.44 28.59
N LEU B 160 -2.19 22.82 29.63
CA LEU B 160 -2.38 21.94 30.78
C LEU B 160 -2.86 20.55 30.39
N ASP B 161 -3.69 20.46 29.35
CA ASP B 161 -4.31 19.19 28.99
C ASP B 161 -3.34 18.19 28.39
N ILE B 162 -2.23 18.63 27.80
CA ILE B 162 -1.25 17.70 27.23
C ILE B 162 0.00 17.54 28.08
N LEU B 163 0.20 18.39 29.09
CA LEU B 163 1.44 18.33 29.86
C LEU B 163 1.68 16.99 30.55
N PRO B 164 0.67 16.25 31.01
CA PRO B 164 0.96 14.92 31.60
C PRO B 164 1.53 13.92 30.61
N TYR B 165 1.42 14.18 29.32
CA TYR B 165 1.73 13.19 28.30
C TYR B 165 2.96 13.56 27.50
N ALA B 166 3.68 14.60 27.93
CA ALA B 166 4.99 14.95 27.38
C ALA B 166 6.04 14.19 28.17
N SER B 167 6.48 13.05 27.63
CA SER B 167 7.47 12.24 28.34
C SER B 167 8.34 11.50 27.34
N SER B 168 9.56 11.18 27.80
CA SER B 168 10.46 10.38 26.98
C SER B 168 9.91 8.96 26.76
N ARG B 169 9.22 8.41 27.76
CA ARG B 169 8.63 7.09 27.61
C ARG B 169 7.55 7.10 26.53
N ASN B 170 6.76 8.18 26.46
CA ASN B 170 5.77 8.27 25.39
C ASN B 170 6.44 8.44 24.01
N ILE B 171 7.54 9.17 23.93
CA ILE B 171 8.21 9.29 22.64
C ILE B 171 8.79 7.95 22.22
N ALA B 172 9.22 7.15 23.18
CA ALA B 172 9.74 5.84 22.85
C ALA B 172 8.64 4.90 22.39
N ARG B 173 7.44 5.02 22.96
CA ARG B 173 6.29 4.32 22.42
C ARG B 173 5.92 4.84 21.03
N ASP B 174 6.04 6.16 20.82
CA ASP B 174 5.84 6.73 19.48
C ASP B 174 6.80 6.09 18.48
N ILE B 175 8.05 5.89 18.88
CA ILE B 175 9.01 5.22 17.99
C ILE B 175 8.53 3.83 17.63
N GLU B 176 7.97 3.10 18.60
CA GLU B 176 7.46 1.76 18.30
C GLU B 176 6.33 1.82 17.30
N VAL B 177 5.50 2.86 17.37
CA VAL B 177 4.41 2.99 16.42
C VAL B 177 4.98 3.26 15.02
N ILE B 178 5.98 4.15 14.94
CA ILE B 178 6.68 4.40 13.68
C ILE B 178 7.25 3.11 13.11
N ARG B 179 7.96 2.35 13.96
CA ARG B 179 8.56 1.09 13.51
C ARG B 179 7.51 0.16 12.90
N GLY B 180 6.39 -0.04 13.61
CA GLY B 180 5.35 -0.89 13.07
C GLY B 180 4.73 -0.34 11.80
N ALA B 181 4.54 0.98 11.74
CA ALA B 181 3.97 1.58 10.55
C ALA B 181 4.90 1.47 9.35
N LEU B 182 6.21 1.41 9.58
CA LEU B 182 7.17 1.14 8.52
C LEU B 182 7.21 -0.33 8.13
N GLY B 183 6.55 -1.20 8.89
CA GLY B 183 6.55 -2.61 8.60
C GLY B 183 7.81 -3.36 8.96
N GLU B 184 8.61 -2.83 9.89
CA GLU B 184 9.90 -3.41 10.22
C GLU B 184 9.86 -4.16 11.55
N ASP B 185 10.49 -5.34 11.57
CA ASP B 185 10.66 -6.08 12.82
C ASP B 185 11.78 -5.47 13.67
N ARG B 186 12.83 -4.98 13.03
CA ARG B 186 13.93 -4.32 13.72
C ARG B 186 14.29 -3.06 12.96
N ILE B 187 14.69 -2.02 13.71
CA ILE B 187 15.17 -0.78 13.13
C ILE B 187 16.51 -0.44 13.74
N SER B 188 17.33 0.27 12.98
CA SER B 188 18.54 0.87 13.53
C SER B 188 18.22 2.29 13.97
N TYR B 189 19.11 2.85 14.78
CA TYR B 189 18.85 4.15 15.42
C TYR B 189 20.14 4.95 15.50
N LEU B 190 20.04 6.25 15.20
CA LEU B 190 21.13 7.20 15.35
C LEU B 190 20.58 8.41 16.11
N GLY B 191 21.16 8.72 17.26
CA GLY B 191 20.68 9.85 18.05
C GLY B 191 21.83 10.64 18.64
N TYR B 192 21.54 11.92 18.92
CA TYR B 192 22.49 12.84 19.54
C TYR B 192 21.84 13.54 20.72
N SER B 193 22.66 13.84 21.73
CA SER B 193 22.26 14.65 22.88
C SER B 193 21.01 14.07 23.52
N TYR B 194 19.90 14.81 23.54
CA TYR B 194 18.66 14.25 24.09
C TYR B 194 18.27 12.96 23.36
N GLY B 195 18.56 12.88 22.06
CA GLY B 195 18.34 11.66 21.31
C GLY B 195 19.08 10.45 21.86
N THR B 196 20.17 10.66 22.61
CA THR B 196 20.84 9.50 23.22
C THR B 196 20.13 9.06 24.48
N TYR B 197 19.50 9.99 25.22
CA TYR B 197 18.63 9.54 26.30
C TYR B 197 17.43 8.79 25.76
N LEU B 198 16.82 9.32 24.69
CA LEU B 198 15.71 8.60 24.05
C LEU B 198 16.13 7.23 23.55
N GLY B 199 17.29 7.14 22.90
CA GLY B 199 17.77 5.85 22.43
C GLY B 199 17.97 4.86 23.56
N ALA B 200 18.52 5.32 24.68
CA ALA B 200 18.64 4.46 25.86
C ALA B 200 17.28 4.01 26.36
N VAL B 201 16.30 4.91 26.39
CA VAL B 201 14.98 4.57 26.91
C VAL B 201 14.29 3.60 25.97
N TRP B 202 14.30 3.91 24.66
CA TRP B 202 13.63 3.04 23.70
C TRP B 202 14.26 1.65 23.67
N THR B 203 15.59 1.56 23.72
CA THR B 203 16.20 0.24 23.76
C THR B 203 15.91 -0.46 25.09
N GLN B 204 15.86 0.29 26.19
CA GLN B 204 15.57 -0.34 27.47
C GLN B 204 14.18 -0.96 27.47
N MET B 205 13.22 -0.28 26.85
CA MET B 205 11.84 -0.76 26.86
C MET B 205 11.56 -1.76 25.74
N PHE B 206 12.13 -1.53 24.55
CA PHE B 206 11.73 -2.22 23.34
C PHE B 206 12.94 -2.72 22.55
N GLY B 207 14.09 -2.85 23.21
CA GLY B 207 15.36 -3.07 22.52
C GLY B 207 15.47 -4.38 21.77
N GLU B 208 14.59 -5.34 22.05
CA GLU B 208 14.53 -6.52 21.19
C GLU B 208 14.26 -6.16 19.74
N HIS B 209 13.76 -4.95 19.47
CA HIS B 209 13.47 -4.52 18.11
C HIS B 209 14.56 -3.63 17.54
N ALA B 210 15.72 -3.55 18.20
CA ALA B 210 16.85 -2.79 17.70
C ALA B 210 17.76 -3.65 16.84
N ASP B 211 18.22 -3.08 15.72
CA ASP B 211 19.23 -3.71 14.90
C ASP B 211 20.59 -3.17 15.33
N ARG B 212 21.00 -2.04 14.79
CA ARG B 212 22.25 -1.39 15.18
C ARG B 212 21.95 0.02 15.67
N VAL B 213 22.60 0.41 16.76
CA VAL B 213 22.26 1.63 17.50
C VAL B 213 23.53 2.45 17.70
N VAL B 214 23.50 3.70 17.25
CA VAL B 214 24.60 4.64 17.44
C VAL B 214 24.09 5.81 18.25
N LEU B 215 24.71 6.05 19.39
CA LEU B 215 24.46 7.24 20.21
C LEU B 215 25.73 8.08 20.23
N ASP B 216 25.59 9.37 19.96
CA ASP B 216 26.72 10.26 19.72
C ASP B 216 26.51 11.54 20.52
N SER B 217 27.48 11.88 21.38
CA SER B 217 27.40 13.03 22.29
C SER B 217 26.34 12.77 23.35
N ILE B 218 26.76 12.18 24.46
CA ILE B 218 25.91 11.35 25.30
C ILE B 218 25.39 12.17 26.47
N CYS B 219 24.08 12.10 26.68
CA CYS B 219 23.45 12.57 27.90
C CYS B 219 23.71 11.55 29.01
N SER B 220 24.14 12.02 30.19
CA SER B 220 24.34 11.08 31.30
C SER B 220 23.00 10.50 31.75
N PRO B 221 22.94 9.21 32.06
CA PRO B 221 21.69 8.64 32.60
C PRO B 221 21.30 9.20 33.95
N ASP B 222 22.23 9.79 34.69
CA ASP B 222 21.94 10.30 36.01
C ASP B 222 21.59 11.78 36.01
N TRP B 223 21.42 12.38 34.84
CA TRP B 223 21.12 13.79 34.72
C TRP B 223 19.64 14.15 34.86
N VAL B 224 18.73 13.18 34.77
CA VAL B 224 17.31 13.47 34.58
C VAL B 224 16.76 14.23 35.80
N TRP B 225 16.40 15.51 35.66
CA TRP B 225 16.77 16.40 34.56
C TRP B 225 17.50 17.65 35.04
N ARG B 226 17.59 17.90 36.35
CA ARG B 226 18.32 19.10 36.74
C ARG B 226 19.83 18.90 36.66
N GLY B 227 20.31 17.66 36.79
CA GLY B 227 21.74 17.40 36.61
C GLY B 227 22.25 17.86 35.27
N LEU B 228 21.41 17.80 34.24
CA LEU B 228 21.75 18.37 32.93
C LEU B 228 22.18 19.82 33.06
N PHE B 229 21.55 20.55 33.97
CA PHE B 229 21.85 21.96 34.18
C PHE B 229 23.04 22.14 35.10
N THR B 230 22.98 21.51 36.28
CA THR B 230 23.97 21.78 37.31
C THR B 230 25.33 21.20 36.99
N ASP B 231 25.42 20.22 36.09
CA ASP B 231 26.71 19.69 35.67
C ASP B 231 27.35 20.54 34.57
N PHE B 232 26.63 21.51 34.02
CA PHE B 232 27.15 22.25 32.88
C PHE B 232 28.26 23.23 33.23
N PRO B 233 28.15 24.05 34.27
CA PRO B 233 29.05 25.22 34.40
C PRO B 233 30.52 24.83 34.42
N PRO B 234 30.93 23.77 35.10
CA PRO B 234 32.35 23.40 35.01
C PRO B 234 32.79 23.07 33.60
N ASN B 235 31.91 22.46 32.81
CA ASN B 235 32.24 22.15 31.42
C ASN B 235 32.19 23.40 30.56
N GLY B 236 31.24 24.29 30.83
CA GLY B 236 31.30 25.62 30.23
C GLY B 236 32.61 26.32 30.50
N GLU B 237 33.06 26.31 31.76
CA GLU B 237 34.32 26.98 32.11
C GLU B 237 35.50 26.37 31.38
N ARG B 238 35.58 25.03 31.37
CA ARG B 238 36.71 24.35 30.75
C ARG B 238 36.75 24.64 29.24
N ALA B 239 35.59 24.71 28.60
CA ALA B 239 35.54 24.93 27.16
C ALA B 239 35.89 26.36 26.81
N LEU B 240 35.49 27.31 27.64
CA LEU B 240 35.86 28.70 27.42
C LEU B 240 37.36 28.90 27.61
N THR B 241 37.92 28.24 28.63
CA THR B 241 39.36 28.34 28.89
C THR B 241 40.17 27.72 27.75
N ARG B 242 39.64 26.66 27.13
CA ARG B 242 40.33 26.04 26.00
C ARG B 242 40.37 26.99 24.81
N TRP B 243 39.25 27.64 24.50
CA TRP B 243 39.26 28.70 23.49
C TRP B 243 40.26 29.79 23.85
N ALA B 244 40.30 30.21 25.12
CA ALA B 244 41.17 31.31 25.50
C ALA B 244 42.65 30.95 25.34
N ARG B 245 43.01 29.69 25.63
CA ARG B 245 44.37 29.23 25.35
C ARG B 245 44.67 29.31 23.86
N TRP B 246 43.68 28.99 23.02
CA TRP B 246 43.83 29.14 21.58
C TRP B 246 43.97 30.61 21.19
N ALA B 247 43.12 31.46 21.76
CA ALA B 247 43.16 32.89 21.45
C ALA B 247 44.49 33.51 21.85
N ALA B 248 44.98 33.16 23.04
CA ALA B 248 46.18 33.81 23.56
C ALA B 248 47.37 33.61 22.65
N ALA B 249 47.53 32.41 22.09
CA ALA B 249 48.60 32.13 21.15
C ALA B 249 48.45 32.88 19.84
N ARG B 250 47.31 33.54 19.61
CA ARG B 250 47.05 34.28 18.37
C ARG B 250 46.78 35.75 18.66
N ASP B 251 47.43 36.29 19.70
CA ASP B 251 47.28 37.70 20.02
C ASP B 251 47.53 38.58 18.80
N ALA B 252 48.55 38.24 18.00
CA ALA B 252 48.89 39.06 16.84
C ALA B 252 47.68 39.30 15.95
N ASP B 253 46.90 38.25 15.66
CA ASP B 253 45.79 38.38 14.72
C ASP B 253 44.48 38.74 15.39
N LEU B 254 44.31 38.43 16.66
CA LEU B 254 43.12 38.78 17.42
C LEU B 254 43.45 39.90 18.39
N GLY B 255 42.42 40.59 18.87
CA GLY B 255 42.66 41.75 19.71
C GLY B 255 42.84 41.46 21.18
N LEU B 256 42.54 40.23 21.60
CA LEU B 256 42.66 39.84 22.99
C LEU B 256 44.12 39.59 23.35
N GLY B 257 44.38 39.33 24.62
CA GLY B 257 45.73 39.32 25.12
C GLY B 257 46.54 38.10 24.70
N ALA B 258 47.68 37.95 25.36
CA ALA B 258 48.66 36.92 25.05
C ALA B 258 48.72 35.82 26.10
N THR B 259 47.89 35.89 27.13
CA THR B 259 47.70 34.81 28.10
C THR B 259 46.23 34.42 28.13
N ASP B 260 45.95 33.23 28.66
CA ASP B 260 44.56 32.83 28.87
C ASP B 260 43.82 33.89 29.67
N GLY B 261 44.39 34.28 30.82
CA GLY B 261 43.72 35.23 31.68
C GLY B 261 43.42 36.55 30.99
N ALA B 262 44.36 37.02 30.15
CA ALA B 262 44.15 38.28 29.46
C ALA B 262 42.95 38.19 28.52
N VAL B 263 42.89 37.12 27.73
CA VAL B 263 41.73 36.92 26.86
C VAL B 263 40.46 36.77 27.68
N ARG B 264 40.54 36.00 28.77
CA ARG B 264 39.39 35.82 29.63
C ARG B 264 38.95 37.15 30.22
N ALA B 265 39.91 37.90 30.79
CA ALA B 265 39.60 39.23 31.32
C ALA B 265 38.93 40.09 30.26
N ALA B 266 39.49 40.10 29.05
CA ALA B 266 38.85 40.80 27.94
C ALA B 266 37.38 40.44 27.84
N TYR B 267 37.07 39.14 27.89
CA TYR B 267 35.67 38.71 27.77
C TYR B 267 34.89 39.00 29.04
N ASP B 268 35.49 38.76 30.21
CA ASP B 268 34.78 39.12 31.44
C ASP B 268 34.43 40.60 31.46
N GLY B 269 35.23 41.44 30.81
CA GLY B 269 34.92 42.86 30.74
C GLY B 269 33.61 43.13 30.02
N VAL B 270 33.32 42.37 28.95
CA VAL B 270 32.05 42.54 28.26
C VAL B 270 30.90 41.96 29.08
N LEU B 271 31.19 41.05 30.00
CA LEU B 271 30.13 40.53 30.89
C LEU B 271 29.90 41.48 32.06
N ALA B 272 30.99 41.96 32.67
CA ALA B 272 30.91 43.06 33.62
C ALA B 272 29.99 44.16 33.11
N ARG B 273 30.07 44.46 31.81
CA ARG B 273 29.25 45.54 31.24
C ARG B 273 27.78 45.19 31.24
N VAL B 274 27.41 44.06 30.62
CA VAL B 274 25.99 43.73 30.50
C VAL B 274 25.38 43.47 31.87
N ASP B 275 26.18 42.95 32.81
CA ASP B 275 25.67 42.67 34.15
C ASP B 275 25.39 43.94 34.94
N THR B 276 25.87 45.10 34.46
CA THR B 276 25.52 46.39 35.02
C THR B 276 24.88 47.28 33.94
N ASP B 277 24.09 46.66 33.07
CA ASP B 277 23.20 47.33 32.13
C ASP B 277 23.92 48.29 31.18
N ARG B 278 25.25 48.33 31.21
CA ARG B 278 26.00 49.12 30.23
C ARG B 278 25.97 48.46 28.86
N GLU B 279 25.88 49.27 27.80
CA GLU B 279 25.56 48.76 26.48
C GLU B 279 26.70 47.95 25.86
N VAL B 280 26.31 46.99 25.02
CA VAL B 280 27.23 46.14 24.25
C VAL B 280 26.51 45.68 22.99
N THR B 281 27.16 45.84 21.83
CA THR B 281 26.70 45.21 20.60
C THR B 281 27.90 44.65 19.85
N VAL B 282 27.61 43.75 18.90
CA VAL B 282 28.67 43.11 18.11
C VAL B 282 28.60 43.62 16.67
N ALA B 283 27.53 43.27 15.96
CA ALA B 283 27.32 43.68 14.57
C ALA B 283 26.37 44.86 14.48
N GLY B 284 26.35 45.70 15.51
CA GLY B 284 25.25 46.61 15.72
C GLY B 284 24.00 45.94 16.24
N PHE B 285 24.09 44.68 16.68
CA PHE B 285 22.97 43.96 17.26
C PHE B 285 23.21 43.77 18.75
N PRO B 286 22.25 44.10 19.62
CA PRO B 286 22.57 44.31 21.04
C PRO B 286 22.62 43.02 21.85
N LEU B 287 23.39 43.09 22.94
CA LEU B 287 23.71 41.94 23.78
C LEU B 287 23.27 42.22 25.22
N ASP B 288 22.43 41.34 25.76
CA ASP B 288 21.99 41.44 27.14
C ASP B 288 22.81 40.50 28.04
N ARG B 289 22.37 40.38 29.29
CA ARG B 289 23.04 39.50 30.25
C ARG B 289 23.13 38.08 29.74
N THR B 290 22.09 37.62 29.05
CA THR B 290 22.01 36.23 28.62
C THR B 290 22.76 36.00 27.30
N LEU B 291 22.55 36.89 26.32
CA LEU B 291 23.17 36.71 25.02
C LEU B 291 24.69 36.82 25.08
N ALA B 292 25.21 37.75 25.89
CA ALA B 292 26.65 37.86 26.02
C ALA B 292 27.28 36.52 26.40
N ARG B 293 26.52 35.67 27.08
CA ARG B 293 26.96 34.33 27.44
C ARG B 293 26.52 33.28 26.43
N LEU B 294 25.28 33.38 25.94
CA LEU B 294 24.71 32.29 25.15
C LEU B 294 25.32 32.23 23.76
N ILE B 295 25.67 33.37 23.18
CA ILE B 295 26.33 33.34 21.88
C ILE B 295 27.64 32.58 22.00
N VAL B 296 28.36 32.77 23.11
CA VAL B 296 29.62 32.07 23.30
C VAL B 296 29.37 30.57 23.50
N VAL B 297 28.48 30.22 24.44
CA VAL B 297 28.12 28.81 24.63
C VAL B 297 27.78 28.18 23.29
N GLY B 298 26.95 28.84 22.50
CA GLY B 298 26.54 28.28 21.21
C GLY B 298 27.72 28.10 20.26
N MET B 299 28.69 29.03 20.30
CA MET B 299 29.88 28.88 19.48
C MET B 299 30.72 27.71 19.96
N LEU B 300 30.80 27.51 21.27
CA LEU B 300 31.65 26.48 21.85
C LEU B 300 31.12 25.07 21.63
N ASN B 301 30.02 24.90 20.89
CA ASN B 301 29.58 23.56 20.55
C ASN B 301 30.46 22.92 19.47
N SER B 302 31.37 23.68 18.85
CA SER B 302 32.37 23.10 17.96
C SER B 302 33.64 23.95 18.01
N ASP B 303 34.77 23.32 18.35
CA ASP B 303 36.03 24.06 18.40
C ASP B 303 36.47 24.56 17.02
N ARG B 304 35.80 24.14 15.95
CA ARG B 304 36.03 24.74 14.64
C ARG B 304 35.56 26.19 14.60
N ASN B 305 34.64 26.56 15.49
CA ASN B 305 34.13 27.93 15.55
C ASN B 305 35.04 28.88 16.30
N TYR B 306 36.21 28.43 16.77
CA TYR B 306 37.07 29.29 17.56
C TYR B 306 37.37 30.61 16.86
N PRO B 307 37.66 30.65 15.56
CA PRO B 307 37.89 31.95 14.90
C PRO B 307 36.66 32.85 14.92
N PHE B 308 35.48 32.30 14.63
CA PHE B 308 34.25 33.08 14.77
C PHE B 308 34.16 33.70 16.16
N LEU B 309 34.51 32.93 17.19
CA LEU B 309 34.39 33.41 18.56
C LEU B 309 35.41 34.50 18.85
N GLY B 310 36.61 34.38 18.29
CA GLY B 310 37.55 35.49 18.35
C GLY B 310 37.00 36.73 17.68
N ASP B 311 36.37 36.56 16.51
CA ASP B 311 35.79 37.69 15.80
C ASP B 311 34.72 38.38 16.65
N ILE B 312 33.89 37.60 17.33
CA ILE B 312 32.77 38.15 18.06
C ILE B 312 33.24 38.86 19.33
N VAL B 313 34.15 38.23 20.07
CA VAL B 313 34.67 38.84 21.29
C VAL B 313 35.43 40.12 20.97
N ARG B 314 36.10 40.16 19.82
CA ARG B 314 36.83 41.37 19.43
C ARG B 314 35.87 42.50 19.08
N SER B 315 34.84 42.19 18.27
CA SER B 315 33.85 43.18 17.90
C SER B 315 33.08 43.70 19.11
N ALA B 316 32.90 42.86 20.14
CA ALA B 316 32.21 43.30 21.34
C ALA B 316 33.09 44.21 22.19
N VAL B 317 34.39 43.90 22.25
CA VAL B 317 35.32 44.76 22.98
C VAL B 317 35.58 46.06 22.19
N HIS B 318 36.18 45.94 21.01
CA HIS B 318 36.52 47.12 20.21
C HIS B 318 35.56 47.37 19.05
N GLY B 319 35.68 46.54 18.01
CA GLY B 319 35.35 46.93 16.67
C GLY B 319 33.88 47.13 16.36
N GLY B 320 33.58 47.11 15.06
CA GLY B 320 32.22 47.17 14.57
C GLY B 320 31.98 46.12 13.51
N GLN B 321 32.69 46.21 12.39
CA GLN B 321 32.61 45.21 11.34
C GLN B 321 32.83 43.81 11.91
N LEU B 322 32.06 42.86 11.39
CA LEU B 322 32.34 41.44 11.54
C LEU B 322 32.78 40.89 10.19
N GLU B 323 33.71 39.94 10.21
CA GLU B 323 34.11 39.30 8.97
C GLU B 323 32.88 38.65 8.32
N PRO B 324 32.81 38.63 6.99
CA PRO B 324 31.55 38.19 6.35
C PRO B 324 31.20 36.75 6.65
N ALA B 325 32.19 35.88 6.88
CA ALA B 325 31.90 34.51 7.29
C ALA B 325 31.19 34.48 8.64
N THR B 326 31.72 35.22 9.61
CA THR B 326 31.11 35.28 10.93
C THR B 326 29.68 35.79 10.89
N MET B 327 29.31 36.55 9.86
CA MET B 327 27.98 37.15 9.81
C MET B 327 26.92 36.11 9.43
N GLY B 328 27.14 35.37 8.34
CA GLY B 328 26.19 34.35 7.96
C GLY B 328 26.01 33.28 9.02
N PHE B 329 27.08 32.97 9.75
CA PHE B 329 27.00 31.95 10.79
C PHE B 329 26.20 32.43 11.99
N LEU B 330 26.42 33.67 12.42
CA LEU B 330 25.61 34.24 13.49
C LEU B 330 24.15 34.34 13.07
N GLY B 331 23.90 34.89 11.87
CA GLY B 331 22.53 35.04 11.40
C GLY B 331 21.80 33.72 11.29
N GLN B 332 22.51 32.65 10.99
CA GLN B 332 21.91 31.32 10.97
C GLN B 332 21.42 30.92 12.36
N MET B 333 22.12 31.36 13.41
CA MET B 333 21.82 30.95 14.78
C MET B 333 20.76 31.86 15.39
N PHE B 334 21.13 33.10 15.70
CA PHE B 334 20.22 34.08 16.28
C PHE B 334 19.82 35.09 15.20
N GLY B 335 19.20 36.19 15.62
CA GLY B 335 18.61 37.14 14.70
C GLY B 335 17.11 36.93 14.58
N GLN B 336 16.70 35.65 14.56
CA GLN B 336 15.31 35.23 14.60
C GLN B 336 15.00 34.56 15.94
N PRO B 337 13.84 34.80 16.53
CA PRO B 337 13.53 34.15 17.82
C PRO B 337 13.45 32.64 17.73
N LYS B 338 13.77 31.99 18.84
CA LYS B 338 13.86 30.53 18.92
C LYS B 338 12.48 29.89 18.75
N GLU B 339 12.42 28.79 17.99
CA GLU B 339 11.15 28.19 17.58
C GLU B 339 10.32 27.83 18.81
N GLU B 340 9.13 28.43 18.93
CA GLU B 340 8.44 28.42 20.21
C GLU B 340 7.91 27.04 20.59
N SER B 341 7.29 26.33 19.66
CA SER B 341 6.76 25.01 20.02
C SER B 341 7.87 24.08 20.49
N GLY B 342 9.10 24.30 20.02
CA GLY B 342 10.22 23.51 20.51
C GLY B 342 10.61 23.89 21.93
N THR B 343 10.58 25.18 22.24
CA THR B 343 10.77 25.64 23.61
C THR B 343 9.72 25.03 24.53
N VAL B 344 8.46 25.00 24.08
CA VAL B 344 7.37 24.49 24.91
C VAL B 344 7.54 23.00 25.15
N ALA B 345 7.76 22.23 24.08
CA ALA B 345 7.94 20.79 24.23
C ALA B 345 9.13 20.48 25.13
N GLN B 346 10.20 21.27 25.00
CA GLN B 346 11.37 21.08 25.85
C GLN B 346 11.03 21.26 27.33
N LEU B 347 10.38 22.39 27.66
CA LEU B 347 9.85 22.58 29.01
C LEU B 347 9.01 21.39 29.45
N ALA B 348 8.06 20.99 28.59
CA ALA B 348 7.09 19.96 28.98
C ALA B 348 7.79 18.64 29.26
N ILE B 349 8.83 18.30 28.49
CA ILE B 349 9.51 17.03 28.68
C ILE B 349 10.42 17.07 29.90
N LEU B 350 11.14 18.17 30.09
CA LEU B 350 12.04 18.28 31.23
C LEU B 350 11.28 18.19 32.55
N ALA B 351 10.08 18.76 32.61
CA ALA B 351 9.25 18.64 33.80
C ALA B 351 8.31 17.44 33.75
N GLY B 352 7.98 16.96 32.55
CA GLY B 352 7.09 15.82 32.42
C GLY B 352 7.73 14.49 32.74
N ASP B 353 9.06 14.38 32.55
CA ASP B 353 9.76 13.15 32.87
C ASP B 353 9.98 12.95 34.37
N TRP B 354 10.11 14.04 35.13
CA TRP B 354 10.75 13.98 36.44
C TRP B 354 10.39 15.24 37.22
N ALA B 355 10.09 15.07 38.50
CA ALA B 355 9.65 16.17 39.35
C ALA B 355 10.85 16.95 39.88
N TRP B 356 10.94 18.23 39.53
CA TRP B 356 12.04 19.09 39.95
C TRP B 356 11.86 19.53 41.40
N PRO B 357 12.95 19.84 42.09
CA PRO B 357 12.83 20.48 43.42
C PRO B 357 12.00 21.75 43.30
N ARG B 358 11.23 22.04 44.35
CA ARG B 358 10.37 23.20 44.35
C ARG B 358 10.73 24.21 45.43
N ASN B 359 11.56 23.84 46.42
CA ASN B 359 12.03 24.81 47.41
C ASN B 359 12.90 25.86 46.73
N VAL B 360 12.51 27.12 46.87
CA VAL B 360 13.16 28.21 46.17
C VAL B 360 14.52 28.54 46.76
N ASP B 361 14.75 28.22 48.05
CA ASP B 361 16.01 28.58 48.69
C ASP B 361 17.16 27.66 48.26
N LEU B 362 16.89 26.38 47.98
CA LEU B 362 17.90 25.50 47.41
C LEU B 362 18.50 26.13 46.15
N TYR B 363 17.65 26.71 45.29
CA TYR B 363 18.13 27.26 44.03
C TYR B 363 18.97 28.51 44.25
N GLU B 364 18.61 29.36 45.22
CA GLU B 364 19.44 30.53 45.50
C GLU B 364 20.80 30.11 46.04
N ARG B 365 20.82 29.17 46.98
CA ARG B 365 22.07 28.62 47.48
C ARG B 365 22.93 28.11 46.33
N ASP B 366 22.34 27.29 45.45
CA ASP B 366 23.09 26.71 44.33
C ASP B 366 23.57 27.77 43.36
N MET B 367 22.72 28.74 43.02
CA MET B 367 23.12 29.80 42.11
C MET B 367 24.32 30.58 42.64
N GLU B 368 24.28 30.97 43.92
CA GLU B 368 25.36 31.77 44.46
C GLU B 368 26.65 30.98 44.59
N ARG B 369 26.55 29.71 45.00
CA ARG B 369 27.73 28.85 45.03
C ARG B 369 28.34 28.74 43.64
N ALA B 370 27.50 28.64 42.61
CA ALA B 370 27.96 28.40 41.24
C ALA B 370 28.38 29.68 40.55
N SER B 371 27.75 30.80 40.90
CA SER B 371 28.20 32.11 40.41
C SER B 371 29.67 32.35 40.75
N ARG B 372 30.11 31.82 41.89
CA ARG B 372 31.44 32.05 42.45
C ARG B 372 32.46 31.07 41.89
N THR B 373 32.10 29.79 41.86
CA THR B 373 33.04 28.74 41.48
C THR B 373 33.17 28.59 39.97
N HIS B 374 32.15 28.97 39.21
CA HIS B 374 32.15 28.86 37.75
C HIS B 374 31.44 30.07 37.17
N PRO B 375 32.11 31.23 37.15
CA PRO B 375 31.41 32.47 36.82
C PRO B 375 30.75 32.50 35.46
N PHE B 376 31.27 31.77 34.48
CA PHE B 376 30.83 31.93 33.09
C PHE B 376 29.33 31.65 32.97
N THR B 377 28.87 30.47 33.40
CA THR B 377 27.48 30.08 33.27
C THR B 377 26.86 29.63 34.59
N GLY B 378 27.54 29.85 35.71
CA GLY B 378 27.10 29.22 36.95
C GLY B 378 25.75 29.71 37.43
N ALA B 379 25.56 31.04 37.48
CA ALA B 379 24.29 31.57 37.92
C ALA B 379 23.15 31.11 37.02
N ALA B 380 23.38 31.10 35.70
CA ALA B 380 22.32 30.80 34.74
C ALA B 380 21.91 29.32 34.75
N MET B 381 22.80 28.42 35.19
CA MET B 381 22.50 26.99 35.15
C MET B 381 22.05 26.42 36.49
N ALA B 382 22.61 26.92 37.59
CA ALA B 382 22.30 26.41 38.92
C ALA B 382 21.09 27.08 39.55
N GLY B 383 20.54 28.10 38.89
CA GLY B 383 19.48 28.91 39.48
C GLY B 383 18.09 28.33 39.25
N ILE B 384 17.11 29.10 39.71
CA ILE B 384 15.71 28.69 39.61
C ILE B 384 15.30 28.56 38.15
N LYS B 385 14.52 27.51 37.86
CA LYS B 385 14.04 27.28 36.50
C LYS B 385 12.56 26.94 36.51
N ALA B 386 11.89 27.26 35.40
CA ALA B 386 10.46 27.07 35.26
C ALA B 386 9.92 25.72 35.71
N PRO B 387 10.61 24.59 35.48
CA PRO B 387 10.07 23.31 35.96
C PRO B 387 9.88 23.25 37.47
N ALA B 388 10.59 24.09 38.23
CA ALA B 388 10.37 24.13 39.68
C ALA B 388 8.96 24.58 40.03
N PHE B 389 8.23 25.17 39.09
CA PHE B 389 6.87 25.64 39.31
C PHE B 389 5.86 24.89 38.45
N TRP B 390 6.16 23.65 38.08
CA TRP B 390 5.37 22.99 37.05
C TRP B 390 3.99 22.62 37.60
N PRO B 391 2.93 22.74 36.78
CA PRO B 391 1.57 22.49 37.28
C PRO B 391 1.11 21.04 37.28
N VAL B 392 1.87 20.12 36.69
CA VAL B 392 1.49 18.71 36.73
C VAL B 392 2.71 17.88 37.14
N PRO B 393 2.52 16.74 37.77
CA PRO B 393 3.63 15.87 38.09
C PRO B 393 3.85 14.90 36.94
N PRO B 394 4.95 14.15 36.96
CA PRO B 394 5.13 13.09 35.94
C PRO B 394 4.07 12.02 36.06
N SER B 395 3.66 11.48 34.91
CA SER B 395 2.65 10.43 34.88
C SER B 395 3.25 9.06 35.16
N GLU B 396 4.54 8.87 34.87
CA GLU B 396 5.21 7.60 35.11
C GLU B 396 6.54 7.82 35.81
N PRO B 397 7.03 6.83 36.54
CA PRO B 397 8.43 6.87 36.99
C PRO B 397 9.39 7.01 35.82
N VAL B 398 10.58 7.52 36.11
CA VAL B 398 11.62 7.54 35.09
C VAL B 398 12.03 6.11 34.76
N THR B 399 12.35 5.87 33.50
CA THR B 399 12.86 4.58 33.08
C THR B 399 14.11 4.20 33.86
N ARG B 400 14.14 2.98 34.38
CA ARG B 400 15.36 2.46 35.00
C ARG B 400 16.27 1.91 33.90
N LEU B 401 17.29 2.67 33.56
CA LEU B 401 18.29 2.21 32.60
C LEU B 401 19.25 1.26 33.29
N GLY B 402 19.69 0.23 32.58
CA GLY B 402 20.59 -0.72 33.18
C GLY B 402 21.13 -1.81 32.27
N PRO B 403 22.03 -2.61 32.82
CA PRO B 403 22.73 -3.64 32.01
C PRO B 403 21.86 -4.78 31.55
N ASP B 404 20.58 -4.82 31.94
CA ASP B 404 19.63 -5.76 31.36
C ASP B 404 19.01 -5.22 30.07
N ASN B 405 19.52 -4.11 29.55
CA ASN B 405 19.06 -3.56 28.29
C ASN B 405 19.04 -4.63 27.21
N PRO B 406 17.91 -4.87 26.53
CA PRO B 406 17.83 -5.99 25.58
C PRO B 406 18.39 -5.72 24.19
N ALA B 407 18.91 -4.52 23.90
CA ALA B 407 19.49 -4.26 22.59
C ALA B 407 20.69 -5.18 22.34
N ASP B 408 20.79 -5.68 21.11
CA ASP B 408 21.88 -6.58 20.77
C ASP B 408 23.23 -5.87 20.82
N SER B 409 23.27 -4.59 20.44
CA SER B 409 24.52 -3.82 20.54
C SER B 409 24.21 -2.33 20.46
N ILE B 410 25.03 -1.54 21.17
CA ILE B 410 24.95 -0.08 21.17
C ILE B 410 26.36 0.47 21.05
N LEU B 411 26.61 1.29 20.04
CA LEU B 411 27.87 2.02 19.92
C LEU B 411 27.69 3.45 20.41
N LEU B 412 28.52 3.85 21.38
CA LEU B 412 28.56 5.21 21.90
C LEU B 412 29.75 5.95 21.30
N VAL B 413 29.52 7.18 20.84
CA VAL B 413 30.54 8.04 20.23
C VAL B 413 30.60 9.34 21.01
N GLN B 414 31.81 9.77 21.36
CA GLN B 414 31.95 10.90 22.27
C GLN B 414 33.24 11.66 22.01
N ALA B 415 33.15 12.97 21.79
CA ALA B 415 34.34 13.80 21.74
C ALA B 415 34.84 14.02 23.17
N ALA B 416 36.15 13.86 23.36
CA ALA B 416 36.70 13.84 24.72
C ALA B 416 36.52 15.18 25.43
N ASP B 417 36.48 16.28 24.68
CA ASP B 417 36.47 17.62 25.25
C ASP B 417 35.16 18.35 24.98
N ASP B 418 34.12 17.63 24.59
CA ASP B 418 32.83 18.25 24.31
C ASP B 418 32.28 18.91 25.58
N MET B 419 31.53 19.99 25.38
CA MET B 419 31.07 20.85 26.48
C MET B 419 29.73 20.39 27.06
N SER B 420 28.69 20.40 26.23
CA SER B 420 27.31 20.17 26.70
C SER B 420 27.11 18.73 27.14
N THR B 421 27.72 17.79 26.44
CA THR B 421 27.67 16.38 26.81
C THR B 421 29.12 15.96 27.01
N PRO B 422 29.59 15.89 28.24
CA PRO B 422 31.02 15.66 28.49
C PRO B 422 31.36 14.18 28.48
N LEU B 423 32.67 13.91 28.45
CA LEU B 423 33.16 12.54 28.43
C LEU B 423 32.65 11.75 29.63
N ALA B 424 32.58 12.39 30.81
CA ALA B 424 32.07 11.69 31.99
C ALA B 424 30.66 11.17 31.77
N ALA B 425 29.84 11.91 31.02
CA ALA B 425 28.46 11.48 30.79
C ALA B 425 28.42 10.22 29.92
N ALA B 426 29.23 10.19 28.86
CA ALA B 426 29.31 9.00 28.01
C ALA B 426 29.84 7.80 28.79
N ARG B 427 30.83 8.02 29.65
CA ARG B 427 31.36 6.92 30.44
C ARG B 427 30.32 6.38 31.41
N ARG B 428 29.51 7.26 32.00
CA ARG B 428 28.43 6.77 32.86
C ARG B 428 27.39 5.98 32.07
N MET B 429 27.00 6.48 30.89
CA MET B 429 26.08 5.70 30.05
C MET B 429 26.68 4.33 29.73
N ARG B 430 27.96 4.30 29.37
CA ARG B 430 28.64 3.03 29.11
C ARG B 430 28.56 2.09 30.31
N GLU B 431 28.81 2.63 31.52
CA GLU B 431 28.70 1.81 32.72
C GLU B 431 27.29 1.26 32.88
N VAL B 432 26.30 2.12 32.68
CA VAL B 432 24.90 1.75 32.98
C VAL B 432 24.40 0.72 31.99
N LEU B 433 24.65 0.94 30.69
CA LEU B 433 24.16 0.02 29.68
C LEU B 433 24.87 -1.33 29.73
N GLY B 434 26.10 -1.36 30.23
CA GLY B 434 26.79 -2.64 30.39
C GLY B 434 27.41 -3.15 29.10
N ASP B 435 27.61 -4.47 29.06
CA ASP B 435 28.50 -5.07 28.06
C ASP B 435 27.90 -5.08 26.66
N THR B 436 26.64 -4.76 26.50
CA THR B 436 26.14 -4.64 25.14
C THR B 436 26.58 -3.35 24.47
N SER B 437 27.11 -2.38 25.22
CA SER B 437 27.59 -1.13 24.65
C SER B 437 29.12 -1.10 24.54
N ARG B 438 29.59 -0.24 23.64
CA ARG B 438 31.00 0.08 23.49
C ARG B 438 31.13 1.57 23.31
N LEU B 439 32.22 2.13 23.82
CA LEU B 439 32.45 3.58 23.75
C LEU B 439 33.67 3.88 22.89
N LEU B 440 33.46 4.72 21.88
CA LEU B 440 34.52 5.33 21.09
C LEU B 440 34.73 6.75 21.60
N THR B 441 35.94 7.05 22.07
CA THR B 441 36.31 8.40 22.44
C THR B 441 37.18 9.02 21.35
N VAL B 442 36.83 10.22 20.89
CA VAL B 442 37.62 10.94 19.91
C VAL B 442 38.43 11.99 20.66
N ALA B 443 39.75 11.83 20.68
CA ALA B 443 40.63 12.65 21.50
C ALA B 443 40.83 14.05 20.91
N ASP B 444 41.21 14.98 21.79
CA ASP B 444 41.62 16.34 21.38
C ASP B 444 40.58 17.01 20.50
N THR B 445 39.34 16.94 20.95
CA THR B 445 38.20 17.37 20.16
C THR B 445 37.15 17.93 21.10
N ALA B 446 36.82 19.21 20.94
CA ALA B 446 35.77 19.86 21.70
C ALA B 446 34.66 20.16 20.69
N HIS B 447 33.84 19.15 20.43
CA HIS B 447 32.83 19.24 19.39
C HIS B 447 31.62 18.40 19.78
N HIS B 448 30.45 18.92 19.48
CA HIS B 448 29.17 18.30 19.76
C HIS B 448 28.61 17.71 18.47
N ARG B 449 28.30 16.40 18.50
CA ARG B 449 27.81 15.63 17.34
C ARG B 449 28.97 15.27 16.41
N VAL B 450 29.71 14.23 16.76
CA VAL B 450 30.96 13.93 16.08
C VAL B 450 30.70 13.26 14.73
N PHE B 451 29.95 12.14 14.74
CA PHE B 451 29.66 11.43 13.50
C PHE B 451 28.34 11.92 12.92
N PRO B 452 28.28 12.35 11.64
CA PRO B 452 29.38 12.50 10.67
C PRO B 452 29.94 13.93 10.60
N PHE B 453 29.41 14.83 11.43
CA PHE B 453 29.54 16.26 11.18
C PHE B 453 30.96 16.78 11.35
N TYR B 454 31.79 16.15 12.19
CA TYR B 454 33.14 16.65 12.40
C TYR B 454 34.13 16.19 11.33
N GLY B 455 33.79 15.15 10.58
CA GLY B 455 34.71 14.58 9.62
C GLY B 455 35.94 13.98 10.24
N ASN B 456 35.81 13.39 11.41
CA ASN B 456 36.92 12.69 12.02
C ASN B 456 37.12 11.37 11.27
N PRO B 457 38.27 11.14 10.63
CA PRO B 457 38.42 9.91 9.86
C PRO B 457 38.25 8.64 10.70
N GLY B 458 38.80 8.62 11.92
CA GLY B 458 38.73 7.42 12.72
C GLY B 458 37.30 7.10 13.17
N ALA B 459 36.57 8.12 13.62
CA ALA B 459 35.18 7.92 14.01
C ALA B 459 34.34 7.51 12.81
N ASP B 460 34.49 8.20 11.69
CA ASP B 460 33.69 7.87 10.51
C ASP B 460 33.93 6.43 10.09
N GLU B 461 35.18 5.98 10.12
CA GLU B 461 35.51 4.63 9.69
C GLU B 461 34.93 3.59 10.66
N LEU B 462 35.06 3.83 11.95
CA LEU B 462 34.54 2.88 12.93
C LEU B 462 33.01 2.82 12.90
N VAL B 463 32.36 3.99 12.85
CA VAL B 463 30.90 3.99 12.86
C VAL B 463 30.37 3.38 11.56
N THR B 464 31.02 3.67 10.43
CA THR B 464 30.56 3.11 9.17
C THR B 464 30.73 1.60 9.16
N ALA B 465 31.84 1.11 9.71
CA ALA B 465 32.06 -0.34 9.80
C ALA B 465 30.99 -1.02 10.63
N TYR B 466 30.52 -0.34 11.69
CA TYR B 466 29.45 -0.89 12.51
C TYR B 466 28.13 -0.88 11.77
N LEU B 467 27.74 0.27 11.22
CA LEU B 467 26.44 0.39 10.58
C LEU B 467 26.35 -0.50 9.34
N VAL B 468 27.42 -0.58 8.57
CA VAL B 468 27.39 -1.36 7.33
C VAL B 468 27.67 -2.83 7.60
N ASP B 469 28.76 -3.12 8.31
CA ASP B 469 29.21 -4.51 8.47
C ASP B 469 28.91 -5.12 9.84
N GLY B 470 28.39 -4.35 10.79
CA GLY B 470 28.16 -4.86 12.13
C GLY B 470 29.40 -5.06 12.97
N GLU B 471 30.54 -4.50 12.56
CA GLU B 471 31.77 -4.65 13.33
C GLU B 471 31.73 -3.76 14.57
N LEU B 472 32.11 -4.32 15.70
CA LEU B 472 32.24 -3.56 16.94
C LEU B 472 33.56 -3.92 17.61
N PRO B 473 34.28 -2.96 18.17
CA PRO B 473 35.51 -3.30 18.90
C PRO B 473 35.21 -4.17 20.11
N ALA B 474 36.24 -4.91 20.53
CA ALA B 474 36.10 -5.81 21.67
C ALA B 474 35.93 -5.06 22.98
N ALA B 475 36.36 -3.81 23.04
CA ALA B 475 36.32 -2.99 24.25
C ALA B 475 36.35 -1.54 23.79
N ASP B 476 36.24 -0.62 24.74
CA ASP B 476 36.26 0.79 24.39
C ASP B 476 37.56 1.15 23.69
N VAL B 477 37.50 2.14 22.79
CA VAL B 477 38.63 2.52 21.98
C VAL B 477 38.70 4.04 21.87
N THR B 478 39.88 4.52 21.48
CA THR B 478 40.12 5.94 21.25
C THR B 478 40.60 6.15 19.83
N ARG B 479 40.17 7.24 19.23
CA ARG B 479 40.66 7.62 17.92
C ARG B 479 41.16 9.06 17.98
N PRO B 480 42.24 9.37 17.27
CA PRO B 480 42.84 10.71 17.37
C PRO B 480 42.17 11.72 16.46
N ASN B 481 42.43 12.99 16.77
CA ASN B 481 42.01 14.10 15.94
C ASN B 481 43.23 14.55 15.14
N PRO B 482 43.32 14.27 13.83
CA PRO B 482 44.53 14.66 13.10
C PRO B 482 44.67 16.16 12.88
N ALA B 483 43.62 16.93 13.13
CA ALA B 483 43.66 18.39 12.98
C ALA B 483 43.07 19.05 14.22
N PRO B 484 43.78 18.98 15.34
CA PRO B 484 43.28 19.57 16.59
C PRO B 484 43.47 21.08 16.61
N MET B 485 42.58 21.75 17.33
CA MET B 485 42.66 23.21 17.41
C MET B 485 43.76 23.65 18.37
N VAL B 486 44.05 22.85 19.38
CA VAL B 486 45.13 23.15 20.33
C VAL B 486 45.93 21.89 20.59
N PRO B 487 47.20 22.04 21.00
CA PRO B 487 48.04 20.86 21.28
C PRO B 487 47.42 19.88 22.27
N THR B 488 47.90 18.64 22.24
CA THR B 488 47.49 17.62 23.19
C THR B 488 47.91 18.01 24.60
N PRO C 8 -16.19 5.45 -35.70
CA PRO C 8 -17.16 5.60 -34.62
C PRO C 8 -16.85 6.80 -33.74
N HIS C 9 -17.82 7.23 -32.93
CA HIS C 9 -17.71 8.43 -32.13
C HIS C 9 -17.80 8.10 -30.65
N LEU C 10 -16.95 8.76 -29.87
CA LEU C 10 -16.97 8.62 -28.42
C LEU C 10 -17.87 9.66 -27.75
N LEU C 11 -18.05 10.81 -28.38
CA LEU C 11 -18.87 11.90 -27.83
C LEU C 11 -18.35 12.32 -26.47
N THR C 12 -17.02 12.43 -26.36
CA THR C 12 -16.38 12.76 -25.09
C THR C 12 -16.83 14.12 -24.56
N ASP C 13 -16.97 15.12 -25.44
CA ASP C 13 -17.30 16.47 -24.97
C ASP C 13 -18.67 16.51 -24.30
N ALA C 14 -19.63 15.76 -24.84
CA ALA C 14 -20.93 15.62 -24.18
C ALA C 14 -20.77 14.98 -22.82
N VAL C 15 -20.00 13.88 -22.75
CA VAL C 15 -19.73 13.22 -21.48
C VAL C 15 -19.16 14.21 -20.47
N ARG C 16 -18.19 15.02 -20.90
CA ARG C 16 -17.56 15.97 -19.99
C ARG C 16 -18.56 16.96 -19.41
N ALA C 17 -19.44 17.51 -20.25
CA ALA C 17 -20.38 18.51 -19.77
C ALA C 17 -21.20 18.00 -18.61
N PHE C 18 -21.42 16.69 -18.54
CA PHE C 18 -22.20 16.10 -17.46
C PHE C 18 -21.35 15.52 -16.34
N GLN C 19 -20.02 15.43 -16.54
CA GLN C 19 -19.13 14.98 -15.48
C GLN C 19 -18.99 16.00 -14.35
N ALA C 20 -19.47 17.22 -14.54
CA ALA C 20 -19.28 18.30 -13.57
C ALA C 20 -20.39 18.34 -12.51
N GLN C 21 -21.16 17.27 -12.37
CA GLN C 21 -22.19 17.23 -11.33
C GLN C 21 -21.61 16.79 -10.00
N SER C 22 -22.23 17.25 -8.93
CA SER C 22 -21.96 16.77 -7.58
C SER C 22 -23.27 16.32 -6.94
N PRO C 23 -23.60 15.04 -6.98
CA PRO C 23 -24.88 14.59 -6.39
C PRO C 23 -24.80 14.54 -4.88
N VAL C 24 -25.88 15.00 -4.25
CA VAL C 24 -26.06 14.85 -2.81
C VAL C 24 -26.51 13.43 -2.50
N TRP C 25 -25.82 12.78 -1.55
CA TRP C 25 -26.05 11.41 -1.17
C TRP C 25 -26.84 11.34 0.14
N ARG C 26 -27.54 10.23 0.36
CA ARG C 26 -28.27 10.03 1.61
C ARG C 26 -28.44 8.55 1.89
N PRO C 27 -28.82 8.20 3.12
CA PRO C 27 -29.17 6.81 3.44
C PRO C 27 -30.30 6.27 2.56
N ALA C 28 -30.09 5.07 2.02
CA ALA C 28 -31.08 4.41 1.17
C ALA C 28 -32.13 3.76 2.05
N ASP C 29 -33.17 4.52 2.37
CA ASP C 29 -34.19 4.09 3.31
C ASP C 29 -35.56 3.88 2.66
N ASP C 30 -35.65 4.07 1.35
CA ASP C 30 -36.90 3.85 0.63
C ASP C 30 -37.08 2.40 0.19
N GLU C 31 -36.11 1.53 0.48
CA GLU C 31 -36.15 0.15 -0.02
C GLU C 31 -35.33 -0.74 0.91
N GLU C 32 -35.94 -1.84 1.37
CA GLU C 32 -35.29 -2.68 2.38
C GLU C 32 -33.96 -3.23 1.89
N ALA C 33 -33.92 -3.70 0.64
CA ALA C 33 -32.76 -4.44 0.15
C ALA C 33 -31.52 -3.56 0.05
N LEU C 34 -31.67 -2.24 0.23
CA LEU C 34 -30.57 -1.30 0.15
C LEU C 34 -30.15 -0.74 1.49
N ARG C 35 -30.94 -0.96 2.55
CA ARG C 35 -30.59 -0.43 3.86
C ARG C 35 -29.15 -0.82 4.22
N GLY C 36 -28.37 0.17 4.64
CA GLY C 36 -26.95 0.03 4.82
C GLY C 36 -26.12 0.75 3.76
N LEU C 37 -26.74 1.21 2.68
CA LEU C 37 -26.06 1.87 1.58
C LEU C 37 -26.50 3.32 1.52
N GLU C 38 -25.70 4.15 0.85
CA GLU C 38 -26.11 5.51 0.51
C GLU C 38 -26.56 5.54 -0.95
N ALA C 39 -27.55 6.38 -1.21
CA ALA C 39 -28.20 6.46 -2.52
C ALA C 39 -28.23 7.90 -3.04
N ALA C 40 -28.09 8.04 -4.35
CA ALA C 40 -28.08 9.35 -5.00
C ALA C 40 -28.77 9.25 -6.35
N GLU C 41 -29.11 10.41 -6.91
CA GLU C 41 -29.60 10.52 -8.28
C GLU C 41 -28.67 11.42 -9.09
N LEU C 42 -28.44 11.04 -10.34
CA LEU C 42 -27.48 11.70 -11.22
C LEU C 42 -28.13 11.87 -12.60
N THR C 43 -27.78 12.96 -13.28
CA THR C 43 -28.43 13.31 -14.53
C THR C 43 -27.53 12.99 -15.72
N VAL C 44 -28.14 12.47 -16.76
CA VAL C 44 -27.46 11.87 -17.91
C VAL C 44 -28.27 12.28 -19.13
N PRO C 45 -27.65 12.63 -20.26
CA PRO C 45 -28.45 12.98 -21.44
C PRO C 45 -29.00 11.75 -22.12
N LEU C 46 -30.25 11.88 -22.60
CA LEU C 46 -30.85 10.80 -23.37
C LEU C 46 -29.98 10.41 -24.55
N ASP C 47 -29.55 11.42 -25.31
CA ASP C 47 -28.74 11.27 -26.51
C ASP C 47 -27.47 12.07 -26.30
N TYR C 48 -26.31 11.39 -26.35
CA TYR C 48 -25.07 12.12 -26.14
C TYR C 48 -24.70 12.97 -27.34
N ARG C 49 -25.38 12.79 -28.47
CA ARG C 49 -25.31 13.76 -29.55
C ARG C 49 -26.09 15.04 -29.26
N ALA C 50 -26.89 15.08 -28.18
CA ALA C 50 -27.74 16.22 -27.87
C ALA C 50 -27.67 16.54 -26.38
N PRO C 51 -26.50 17.00 -25.92
CA PRO C 51 -26.34 17.26 -24.46
C PRO C 51 -27.21 18.38 -23.93
N ALA C 52 -27.65 19.33 -24.76
CA ALA C 52 -28.54 20.39 -24.29
C ALA C 52 -30.00 20.00 -24.33
N GLY C 53 -30.32 18.78 -24.76
CA GLY C 53 -31.70 18.35 -24.91
C GLY C 53 -32.18 17.53 -23.73
N ARG C 54 -33.01 16.53 -24.03
CA ARG C 54 -33.70 15.76 -23.01
C ARG C 54 -32.72 14.95 -22.16
N THR C 55 -33.03 14.82 -20.87
CA THR C 55 -32.17 14.14 -19.92
C THR C 55 -32.93 13.03 -19.19
N LEU C 56 -32.15 12.15 -18.55
CA LEU C 56 -32.62 11.06 -17.70
C LEU C 56 -31.97 11.21 -16.32
N THR C 57 -32.52 10.50 -15.33
CA THR C 57 -31.87 10.33 -14.04
C THR C 57 -31.50 8.87 -13.83
N LEU C 58 -30.34 8.65 -13.20
CA LEU C 58 -29.89 7.33 -12.80
C LEU C 58 -29.83 7.24 -11.29
N GLY C 59 -30.11 6.04 -10.76
CA GLY C 59 -30.04 5.78 -9.34
C GLY C 59 -28.77 5.05 -8.97
N LEU C 60 -27.95 5.68 -8.13
CA LEU C 60 -26.71 5.12 -7.65
C LEU C 60 -26.86 4.66 -6.20
N VAL C 61 -26.03 3.68 -5.82
CA VAL C 61 -25.81 3.38 -4.41
C VAL C 61 -24.31 3.20 -4.19
N ARG C 62 -23.90 3.31 -2.93
CA ARG C 62 -22.50 3.24 -2.56
C ARG C 62 -22.38 2.77 -1.12
N HIS C 63 -21.38 1.92 -0.84
CA HIS C 63 -21.06 1.56 0.54
C HIS C 63 -20.09 2.59 1.12
N ARG C 64 -18.82 2.51 0.70
CA ARG C 64 -17.67 3.27 1.21
C ARG C 64 -16.62 2.35 1.79
N ALA C 65 -15.36 2.59 1.45
CA ALA C 65 -14.24 1.96 2.14
C ALA C 65 -14.46 1.98 3.65
N THR C 66 -14.45 0.79 4.26
CA THR C 66 -14.62 0.72 5.71
C THR C 66 -13.41 1.26 6.45
N ALA C 67 -12.24 1.32 5.80
CA ALA C 67 -11.00 1.80 6.41
C ALA C 67 -10.55 3.05 5.66
N PRO C 68 -11.02 4.24 6.05
CA PRO C 68 -10.64 5.47 5.35
C PRO C 68 -9.15 5.57 5.02
N GLU C 69 -8.29 5.19 5.96
CA GLU C 69 -6.86 5.38 5.77
C GLU C 69 -6.29 4.50 4.68
N ARG C 70 -6.89 3.34 4.41
CA ARG C 70 -6.40 2.43 3.37
C ARG C 70 -7.16 2.59 2.05
N ARG C 71 -8.11 3.51 1.99
CA ARG C 71 -8.93 3.71 0.79
C ARG C 71 -8.07 3.93 -0.45
N ARG C 72 -8.32 3.12 -1.48
CA ARG C 72 -7.57 3.19 -2.74
C ARG C 72 -8.34 3.90 -3.86
N GLY C 73 -9.60 3.55 -4.05
CA GLY C 73 -10.38 4.14 -5.11
C GLY C 73 -11.82 3.71 -4.96
N VAL C 74 -12.59 3.80 -6.04
CA VAL C 74 -13.94 3.22 -6.06
C VAL C 74 -13.93 2.02 -6.99
N LEU C 75 -14.71 1.01 -6.62
CA LEU C 75 -14.92 -0.18 -7.42
C LEU C 75 -16.36 -0.16 -7.90
N LEU C 76 -16.53 0.04 -9.21
CA LEU C 76 -17.86 0.18 -9.79
C LEU C 76 -18.39 -1.19 -10.17
N VAL C 77 -19.62 -1.47 -9.76
CA VAL C 77 -20.27 -2.75 -10.04
C VAL C 77 -20.98 -2.62 -11.39
N GLY C 78 -20.69 -3.54 -12.31
CA GLY C 78 -21.42 -3.60 -13.54
C GLY C 78 -22.90 -3.57 -13.25
N PRO C 79 -23.66 -2.73 -13.96
CA PRO C 79 -25.05 -2.49 -13.56
C PRO C 79 -25.98 -3.67 -13.80
N GLY C 80 -25.63 -4.83 -13.25
CA GLY C 80 -26.44 -6.01 -13.42
C GLY C 80 -25.65 -7.15 -14.01
N ASP C 81 -26.04 -8.37 -13.69
CA ASP C 81 -25.35 -9.54 -14.19
C ASP C 81 -26.04 -10.01 -15.46
N ASP C 82 -27.18 -10.69 -15.31
CA ASP C 82 -28.00 -10.96 -16.47
C ASP C 82 -28.76 -9.69 -16.84
N LEU C 83 -28.81 -9.42 -18.13
CA LEU C 83 -29.42 -8.18 -18.61
C LEU C 83 -30.88 -8.13 -18.18
N GLY C 84 -31.25 -7.05 -17.50
CA GLY C 84 -32.57 -6.88 -16.95
C GLY C 84 -32.62 -6.91 -15.44
N ASN C 85 -31.57 -7.43 -14.80
CA ASN C 85 -31.44 -7.34 -13.34
C ASN C 85 -30.88 -5.97 -12.95
N ARG C 86 -31.25 -5.53 -11.76
CA ARG C 86 -30.86 -4.21 -11.29
C ARG C 86 -29.44 -4.24 -10.71
N GLY C 87 -28.62 -3.29 -11.15
CA GLY C 87 -27.25 -3.22 -10.66
C GLY C 87 -27.14 -2.84 -9.20
N THR C 88 -28.07 -2.00 -8.72
CA THR C 88 -28.05 -1.64 -7.30
C THR C 88 -28.28 -2.87 -6.43
N LEU C 89 -29.19 -3.76 -6.85
CA LEU C 89 -29.40 -5.00 -6.10
C LEU C 89 -28.16 -5.87 -6.15
N LEU C 90 -27.53 -6.00 -7.31
CA LEU C 90 -26.26 -6.73 -7.38
C LEU C 90 -25.24 -6.11 -6.44
N GLY C 91 -25.21 -4.78 -6.38
CA GLY C 91 -24.33 -4.11 -5.43
C GLY C 91 -24.60 -4.54 -3.99
N ALA C 92 -25.87 -4.51 -3.57
CA ALA C 92 -26.22 -4.90 -2.22
C ALA C 92 -25.70 -6.30 -1.89
N GLN C 93 -25.98 -7.28 -2.74
CA GLN C 93 -25.42 -8.62 -2.56
C GLN C 93 -23.90 -8.54 -2.37
N LEU C 94 -23.22 -7.83 -3.26
CA LEU C 94 -21.75 -7.85 -3.27
C LEU C 94 -21.17 -7.27 -1.99
N VAL C 95 -21.82 -6.25 -1.42
CA VAL C 95 -21.36 -5.73 -0.14
C VAL C 95 -21.34 -6.85 0.89
N GLY C 96 -22.38 -7.69 0.90
CA GLY C 96 -22.50 -8.74 1.88
C GLY C 96 -21.50 -9.87 1.75
N GLN C 97 -20.85 -10.02 0.59
CA GLN C 97 -20.05 -11.20 0.32
C GLN C 97 -18.66 -10.92 -0.23
N LEU C 98 -18.30 -9.66 -0.44
CA LEU C 98 -16.96 -9.31 -0.91
C LEU C 98 -15.95 -9.47 0.24
N PRO C 99 -14.71 -9.85 -0.06
CA PRO C 99 -13.69 -10.00 1.00
C PRO C 99 -13.63 -8.77 1.90
N LYS C 100 -13.35 -9.03 3.19
CA LYS C 100 -13.29 -7.96 4.17
C LYS C 100 -12.32 -6.86 3.77
N GLU C 101 -11.29 -7.22 3.01
CA GLU C 101 -10.24 -6.28 2.65
C GLU C 101 -10.54 -5.51 1.38
N VAL C 102 -11.40 -6.03 0.51
CA VAL C 102 -11.92 -5.26 -0.61
C VAL C 102 -12.86 -4.17 -0.11
N LEU C 103 -13.80 -4.54 0.76
CA LEU C 103 -14.70 -3.55 1.35
C LEU C 103 -13.94 -2.49 2.11
N ALA C 104 -12.70 -2.78 2.52
CA ALA C 104 -11.90 -1.83 3.28
C ALA C 104 -11.24 -0.78 2.39
N GLN C 105 -10.71 -1.19 1.24
CA GLN C 105 -9.94 -0.29 0.39
C GLN C 105 -10.73 0.31 -0.75
N TYR C 106 -12.05 0.08 -0.81
CA TYR C 106 -12.84 0.51 -1.96
C TYR C 106 -14.19 1.06 -1.53
N ASP C 107 -14.58 2.17 -2.16
CA ASP C 107 -15.97 2.57 -2.23
C ASP C 107 -16.65 1.72 -3.30
N VAL C 108 -17.57 0.86 -2.87
CA VAL C 108 -18.37 0.07 -3.81
C VAL C 108 -19.53 0.94 -4.28
N VAL C 109 -19.55 1.27 -5.57
CA VAL C 109 -20.65 2.01 -6.18
C VAL C 109 -21.38 1.09 -7.14
N ALA C 110 -22.71 1.09 -7.07
CA ALA C 110 -23.55 0.35 -8.00
C ALA C 110 -24.64 1.27 -8.52
N PHE C 111 -25.25 0.86 -9.64
CA PHE C 111 -26.29 1.69 -10.25
C PHE C 111 -27.18 0.82 -11.12
N ASP C 112 -28.42 1.28 -11.28
CA ASP C 112 -29.32 0.74 -12.29
C ASP C 112 -29.08 1.48 -13.61
N HIS C 113 -28.81 0.73 -14.68
CA HIS C 113 -28.56 1.40 -15.95
C HIS C 113 -29.85 2.04 -16.47
N ARG C 114 -29.68 2.94 -17.44
CA ARG C 114 -30.79 3.71 -17.98
C ARG C 114 -31.98 2.82 -18.34
N PHE C 115 -33.17 3.31 -17.98
CA PHE C 115 -34.47 2.81 -18.43
C PHE C 115 -35.05 1.69 -17.57
N MET C 116 -34.47 1.43 -16.39
CA MET C 116 -35.01 0.38 -15.54
C MET C 116 -34.74 0.69 -14.07
N GLY C 117 -35.54 0.05 -13.21
CA GLY C 117 -35.41 0.19 -11.77
C GLY C 117 -35.49 1.63 -11.28
N ARG C 118 -34.43 2.08 -10.61
CA ARG C 118 -34.37 3.43 -10.09
C ARG C 118 -33.82 4.44 -11.10
N SER C 119 -33.68 4.06 -12.37
CA SER C 119 -33.03 4.90 -13.38
C SER C 119 -33.99 5.16 -14.54
N SER C 120 -35.00 6.00 -14.29
CA SER C 120 -35.99 6.40 -15.29
C SER C 120 -36.64 5.17 -15.93
N PRO C 121 -37.38 4.38 -15.17
CA PRO C 121 -37.88 3.10 -15.71
C PRO C 121 -38.85 3.32 -16.86
N VAL C 122 -38.82 2.40 -17.81
CA VAL C 122 -39.70 2.42 -18.98
C VAL C 122 -40.60 1.20 -18.89
N VAL C 123 -41.90 1.43 -18.92
CA VAL C 123 -42.91 0.40 -18.75
C VAL C 123 -43.85 0.45 -19.94
N CYS C 124 -44.35 -0.71 -20.35
CA CYS C 124 -45.03 -0.81 -21.64
C CYS C 124 -46.31 -1.66 -21.61
N GLY C 125 -46.84 -1.99 -20.44
CA GLY C 125 -48.01 -2.86 -20.38
C GLY C 125 -47.73 -4.30 -20.73
N LEU C 126 -46.50 -4.77 -20.53
CA LEU C 126 -46.20 -6.18 -20.77
C LEU C 126 -47.00 -7.05 -19.80
N GLU C 127 -47.54 -8.16 -20.33
CA GLU C 127 -48.22 -9.13 -19.49
C GLU C 127 -47.23 -10.13 -18.92
N PRO C 128 -47.62 -10.90 -17.89
CA PRO C 128 -46.65 -11.79 -17.24
C PRO C 128 -45.98 -12.78 -18.18
N GLU C 129 -46.71 -13.38 -19.13
CA GLU C 129 -46.05 -14.33 -20.01
C GLU C 129 -45.02 -13.64 -20.88
N GLU C 130 -45.23 -12.36 -21.21
CA GLU C 130 -44.31 -11.63 -22.07
C GLU C 130 -43.01 -11.30 -21.36
N ARG C 131 -42.99 -11.34 -20.03
CA ARG C 131 -41.75 -11.17 -19.30
C ARG C 131 -40.81 -12.35 -19.50
N PHE C 132 -41.31 -13.48 -20.00
CA PHE C 132 -40.49 -14.65 -20.28
C PHE C 132 -40.11 -14.78 -21.75
N TRP C 133 -39.97 -13.67 -22.47
CA TRP C 133 -39.74 -13.74 -23.92
C TRP C 133 -38.40 -14.39 -24.26
N VAL C 134 -37.40 -14.27 -23.37
CA VAL C 134 -36.06 -14.79 -23.68
C VAL C 134 -36.09 -16.30 -23.85
N PHE C 135 -36.56 -17.02 -22.83
CA PHE C 135 -36.58 -18.47 -22.85
C PHE C 135 -37.94 -19.05 -23.21
N HIS C 136 -38.88 -18.21 -23.65
CA HIS C 136 -40.19 -18.69 -24.05
C HIS C 136 -40.07 -19.89 -24.98
N HIS C 137 -40.74 -20.99 -24.62
CA HIS C 137 -40.75 -22.18 -25.46
C HIS C 137 -41.98 -22.16 -26.38
N PRO C 138 -41.79 -22.28 -27.69
CA PRO C 138 -42.92 -22.06 -28.62
C PRO C 138 -43.87 -23.25 -28.70
N ARG C 139 -45.18 -22.96 -28.64
CA ARG C 139 -46.19 -23.93 -29.05
C ARG C 139 -45.90 -24.41 -30.46
N ASP C 140 -45.85 -23.46 -31.40
CA ASP C 140 -45.55 -23.71 -32.79
C ASP C 140 -45.09 -22.38 -33.36
N PHE C 141 -44.43 -22.43 -34.52
CA PHE C 141 -43.74 -21.25 -35.02
C PHE C 141 -44.71 -20.09 -35.22
N ASP C 142 -45.78 -20.31 -35.98
CA ASP C 142 -46.73 -19.24 -36.26
C ASP C 142 -47.24 -18.59 -34.98
N HIS C 143 -47.49 -19.40 -33.95
CA HIS C 143 -47.94 -18.87 -32.67
C HIS C 143 -46.86 -18.06 -31.98
N GLU C 144 -45.58 -18.44 -32.14
CA GLU C 144 -44.49 -17.72 -31.50
C GLU C 144 -44.17 -16.42 -32.24
N VAL C 145 -44.28 -16.44 -33.56
CA VAL C 145 -44.18 -15.20 -34.33
C VAL C 145 -45.09 -14.13 -33.74
N ARG C 146 -46.37 -14.46 -33.60
CA ARG C 146 -47.33 -13.50 -33.07
C ARG C 146 -46.99 -13.10 -31.64
N PHE C 147 -46.62 -14.07 -30.81
CA PHE C 147 -46.24 -13.75 -29.43
C PHE C 147 -45.10 -12.75 -29.39
N GLN C 148 -44.04 -12.99 -30.16
CA GLN C 148 -42.86 -12.13 -30.08
C GLN C 148 -43.06 -10.82 -30.84
N ALA C 149 -43.77 -10.84 -31.96
CA ALA C 149 -44.10 -9.58 -32.62
C ALA C 149 -44.92 -8.68 -31.70
N ASN C 150 -45.83 -9.28 -30.92
CA ASN C 150 -46.70 -8.47 -30.08
C ASN C 150 -45.95 -7.92 -28.87
N VAL C 151 -44.87 -8.58 -28.45
CA VAL C 151 -44.01 -8.00 -27.43
C VAL C 151 -43.37 -6.72 -27.98
N ALA C 152 -42.73 -6.81 -29.15
CA ALA C 152 -42.10 -5.63 -29.73
C ALA C 152 -43.12 -4.52 -29.97
N ALA C 153 -44.37 -4.88 -30.30
CA ALA C 153 -45.37 -3.86 -30.60
C ALA C 153 -45.70 -3.03 -29.38
N LYS C 154 -45.79 -3.66 -28.20
CA LYS C 154 -46.04 -2.91 -26.98
C LYS C 154 -44.89 -1.95 -26.68
N VAL C 155 -43.65 -2.38 -26.88
CA VAL C 155 -42.53 -1.49 -26.59
C VAL C 155 -42.49 -0.36 -27.60
N ALA C 156 -42.76 -0.68 -28.87
CA ALA C 156 -42.81 0.35 -29.89
C ALA C 156 -43.88 1.39 -29.58
N GLU C 157 -45.06 0.95 -29.12
CA GLU C 157 -46.15 1.89 -28.90
C GLU C 157 -45.82 2.86 -27.77
N HIS C 158 -45.16 2.39 -26.72
CA HIS C 158 -45.01 3.18 -25.51
C HIS C 158 -43.60 3.69 -25.25
N ALA C 159 -42.60 3.26 -26.02
CA ALA C 159 -41.22 3.65 -25.74
C ALA C 159 -40.45 4.11 -26.98
N LEU C 160 -41.12 4.33 -28.11
CA LEU C 160 -40.42 4.58 -29.37
C LEU C 160 -39.39 5.69 -29.25
N ASP C 161 -39.70 6.74 -28.48
CA ASP C 161 -38.86 7.93 -28.45
C ASP C 161 -37.51 7.68 -27.77
N ILE C 162 -37.44 6.71 -26.85
CA ILE C 162 -36.18 6.44 -26.15
C ILE C 162 -35.44 5.24 -26.72
N LEU C 163 -36.06 4.44 -27.58
CA LEU C 163 -35.41 3.23 -28.08
C LEU C 163 -34.11 3.47 -28.82
N PRO C 164 -33.94 4.54 -29.60
CA PRO C 164 -32.64 4.74 -30.27
C PRO C 164 -31.48 4.91 -29.30
N TYR C 165 -31.75 5.18 -28.03
CA TYR C 165 -30.73 5.57 -27.07
C TYR C 165 -30.53 4.53 -25.99
N ALA C 166 -31.02 3.31 -26.20
CA ALA C 166 -30.75 2.16 -25.35
C ALA C 166 -29.63 1.38 -26.00
N SER C 167 -28.40 1.57 -25.51
CA SER C 167 -27.26 0.90 -26.12
C SER C 167 -26.16 0.71 -25.09
N SER C 168 -25.38 -0.35 -25.29
CA SER C 168 -24.23 -0.59 -24.41
C SER C 168 -23.25 0.58 -24.47
N ARG C 169 -23.06 1.16 -25.65
CA ARG C 169 -22.18 2.33 -25.77
C ARG C 169 -22.70 3.51 -24.94
N ASN C 170 -24.03 3.72 -24.90
CA ASN C 170 -24.54 4.81 -24.08
C ASN C 170 -24.36 4.54 -22.59
N ILE C 171 -24.47 3.28 -22.19
CA ILE C 171 -24.24 2.94 -20.79
C ILE C 171 -22.77 3.15 -20.44
N ALA C 172 -21.87 2.82 -21.38
CA ALA C 172 -20.45 3.10 -21.17
C ALA C 172 -20.19 4.59 -21.00
N ARG C 173 -20.88 5.44 -21.79
CA ARG C 173 -20.80 6.88 -21.54
C ARG C 173 -21.42 7.24 -20.19
N ASP C 174 -22.55 6.61 -19.85
CA ASP C 174 -23.14 6.78 -18.53
C ASP C 174 -22.12 6.46 -17.43
N ILE C 175 -21.36 5.38 -17.59
CA ILE C 175 -20.34 5.03 -16.60
C ILE C 175 -19.32 6.16 -16.47
N GLU C 176 -18.88 6.71 -17.61
CA GLU C 176 -17.96 7.85 -17.57
C GLU C 176 -18.56 9.04 -16.83
N VAL C 177 -19.87 9.26 -16.95
CA VAL C 177 -20.48 10.36 -16.21
C VAL C 177 -20.43 10.08 -14.72
N ILE C 178 -20.71 8.84 -14.31
CA ILE C 178 -20.62 8.48 -12.91
C ILE C 178 -19.20 8.70 -12.40
N ARG C 179 -18.21 8.21 -13.16
CA ARG C 179 -16.81 8.38 -12.75
C ARG C 179 -16.48 9.84 -12.49
N GLY C 180 -16.81 10.71 -13.45
CA GLY C 180 -16.56 12.13 -13.28
C GLY C 180 -17.38 12.76 -12.18
N ALA C 181 -18.53 12.18 -11.86
CA ALA C 181 -19.38 12.73 -10.81
C ALA C 181 -18.90 12.34 -9.42
N LEU C 182 -18.05 11.31 -9.33
CA LEU C 182 -17.42 10.93 -8.07
C LEU C 182 -16.03 11.54 -7.90
N GLY C 183 -15.57 12.33 -8.88
CA GLY C 183 -14.29 13.00 -8.78
C GLY C 183 -13.08 12.14 -9.08
N GLU C 184 -13.25 11.04 -9.81
CA GLU C 184 -12.20 10.03 -9.93
C GLU C 184 -11.61 10.05 -11.33
N ASP C 185 -10.27 10.09 -11.39
CA ASP C 185 -9.56 9.94 -12.66
C ASP C 185 -9.66 8.52 -13.17
N ARG C 186 -9.54 7.55 -12.28
CA ARG C 186 -9.54 6.13 -12.61
C ARG C 186 -10.52 5.42 -11.69
N ILE C 187 -11.21 4.42 -12.21
CA ILE C 187 -12.10 3.58 -11.40
C ILE C 187 -11.80 2.13 -11.71
N SER C 188 -11.96 1.28 -10.69
CA SER C 188 -11.93 -0.16 -10.87
C SER C 188 -13.35 -0.67 -11.12
N TYR C 189 -13.43 -1.84 -11.75
CA TYR C 189 -14.70 -2.34 -12.26
C TYR C 189 -14.78 -3.84 -12.08
N LEU C 190 -15.95 -4.30 -11.64
CA LEU C 190 -16.25 -5.70 -11.43
C LEU C 190 -17.63 -5.97 -12.03
N GLY C 191 -17.70 -6.89 -12.99
CA GLY C 191 -18.98 -7.20 -13.61
C GLY C 191 -19.09 -8.63 -14.08
N TYR C 192 -20.34 -9.06 -14.26
CA TYR C 192 -20.69 -10.43 -14.60
C TYR C 192 -21.59 -10.47 -15.84
N SER C 193 -21.45 -11.53 -16.64
CA SER C 193 -22.31 -11.80 -17.79
C SER C 193 -22.45 -10.58 -18.70
N TYR C 194 -23.62 -9.94 -18.75
CA TYR C 194 -23.75 -8.74 -19.56
C TYR C 194 -22.76 -7.68 -19.10
N GLY C 195 -22.54 -7.58 -17.79
CA GLY C 195 -21.54 -6.68 -17.25
C GLY C 195 -20.14 -6.93 -17.76
N THR C 196 -19.84 -8.15 -18.24
CA THR C 196 -18.53 -8.37 -18.83
C THR C 196 -18.45 -7.77 -20.23
N TYR C 197 -19.53 -7.90 -21.03
CA TYR C 197 -19.57 -7.19 -22.30
C TYR C 197 -19.46 -5.69 -22.07
N LEU C 198 -20.22 -5.18 -21.10
CA LEU C 198 -20.16 -3.75 -20.79
C LEU C 198 -18.73 -3.34 -20.47
N GLY C 199 -18.10 -4.02 -19.51
CA GLY C 199 -16.73 -3.70 -19.17
C GLY C 199 -15.81 -3.76 -20.36
N ALA C 200 -16.05 -4.70 -21.27
CA ALA C 200 -15.28 -4.77 -22.51
C ALA C 200 -15.54 -3.57 -23.41
N VAL C 201 -16.77 -3.06 -23.41
CA VAL C 201 -17.09 -1.88 -24.21
C VAL C 201 -16.51 -0.62 -23.59
N TRP C 202 -16.75 -0.43 -22.30
CA TRP C 202 -16.30 0.78 -21.62
C TRP C 202 -14.77 0.91 -21.64
N THR C 203 -14.05 -0.19 -21.44
CA THR C 203 -12.59 -0.14 -21.58
C THR C 203 -12.14 0.02 -23.03
N GLN C 204 -12.83 -0.58 -24.00
CA GLN C 204 -12.47 -0.33 -25.39
C GLN C 204 -12.59 1.16 -25.70
N MET C 205 -13.62 1.80 -25.16
CA MET C 205 -13.89 3.21 -25.45
C MET C 205 -13.10 4.15 -24.54
N PHE C 206 -13.04 3.84 -23.24
CA PHE C 206 -12.52 4.78 -22.25
C PHE C 206 -11.52 4.13 -21.29
N GLY C 207 -10.91 3.01 -21.70
CA GLY C 207 -10.11 2.19 -20.81
C GLY C 207 -8.83 2.81 -20.30
N GLU C 208 -8.45 4.00 -20.79
CA GLU C 208 -7.39 4.75 -20.14
C GLU C 208 -7.80 5.26 -18.76
N HIS C 209 -9.08 5.21 -18.43
CA HIS C 209 -9.56 5.57 -17.10
C HIS C 209 -9.79 4.34 -16.22
N ALA C 210 -9.25 3.20 -16.61
CA ALA C 210 -9.43 1.96 -15.86
C ALA C 210 -8.28 1.76 -14.90
N ASP C 211 -8.60 1.54 -13.62
CA ASP C 211 -7.62 1.08 -12.64
C ASP C 211 -7.50 -0.44 -12.76
N ARG C 212 -8.29 -1.18 -11.99
CA ARG C 212 -8.29 -2.64 -12.02
C ARG C 212 -9.68 -3.13 -12.38
N VAL C 213 -9.75 -4.07 -13.33
CA VAL C 213 -11.00 -4.50 -13.96
C VAL C 213 -11.07 -6.02 -13.87
N VAL C 214 -12.14 -6.52 -13.24
CA VAL C 214 -12.37 -7.96 -13.09
C VAL C 214 -13.68 -8.29 -13.80
N LEU C 215 -13.62 -9.21 -14.76
CA LEU C 215 -14.79 -9.66 -15.50
C LEU C 215 -14.96 -11.15 -15.25
N ASP C 216 -16.14 -11.54 -14.78
CA ASP C 216 -16.38 -12.88 -14.22
C ASP C 216 -17.61 -13.49 -14.88
N SER C 217 -17.41 -14.66 -15.50
CA SER C 217 -18.46 -15.35 -16.24
C SER C 217 -18.79 -14.53 -17.50
N ILE C 218 -18.16 -14.90 -18.61
CA ILE C 218 -17.80 -13.95 -19.66
C ILE C 218 -18.74 -14.09 -20.86
N CYS C 219 -19.22 -12.95 -21.35
CA CYS C 219 -19.93 -12.87 -22.60
C CYS C 219 -18.94 -12.92 -23.76
N SER C 220 -19.20 -13.78 -24.75
CA SER C 220 -18.33 -13.82 -25.93
C SER C 220 -18.53 -12.54 -26.74
N PRO C 221 -17.45 -11.88 -27.17
CA PRO C 221 -17.62 -10.68 -28.00
C PRO C 221 -18.31 -10.93 -29.32
N ASP C 222 -18.29 -12.16 -29.83
CA ASP C 222 -18.92 -12.50 -31.10
C ASP C 222 -20.41 -12.81 -30.97
N TRP C 223 -20.97 -12.71 -29.76
CA TRP C 223 -22.35 -13.12 -29.53
C TRP C 223 -23.38 -12.05 -29.85
N VAL C 224 -22.96 -10.79 -30.01
CA VAL C 224 -23.86 -9.65 -30.17
C VAL C 224 -24.80 -9.83 -31.36
N TRP C 225 -26.09 -10.07 -31.13
CA TRP C 225 -26.68 -10.50 -29.86
C TRP C 225 -27.50 -11.78 -30.03
N ARG C 226 -27.69 -12.26 -31.27
CA ARG C 226 -28.37 -13.55 -31.38
C ARG C 226 -27.43 -14.71 -31.08
N GLY C 227 -26.12 -14.50 -31.18
CA GLY C 227 -25.17 -15.52 -30.76
C GLY C 227 -25.30 -15.89 -29.30
N LEU C 228 -25.69 -14.92 -28.46
CA LEU C 228 -26.02 -15.22 -27.06
C LEU C 228 -27.11 -16.28 -26.96
N PHE C 229 -28.11 -16.22 -27.84
CA PHE C 229 -29.21 -17.17 -27.83
C PHE C 229 -28.82 -18.49 -28.49
N THR C 230 -28.26 -18.42 -29.70
CA THR C 230 -28.08 -19.63 -30.51
C THR C 230 -26.91 -20.49 -30.04
N ASP C 231 -25.97 -19.93 -29.29
CA ASP C 231 -24.88 -20.70 -28.69
C ASP C 231 -25.25 -21.32 -27.36
N PHE C 232 -26.50 -21.14 -26.89
CA PHE C 232 -26.84 -21.63 -25.55
C PHE C 232 -27.26 -23.10 -25.55
N PRO C 233 -28.06 -23.57 -26.50
CA PRO C 233 -28.62 -24.93 -26.40
C PRO C 233 -27.57 -25.99 -26.16
N PRO C 234 -26.45 -25.99 -26.89
CA PRO C 234 -25.43 -27.03 -26.61
C PRO C 234 -24.89 -26.96 -25.20
N ASN C 235 -24.75 -25.75 -24.66
CA ASN C 235 -24.26 -25.61 -23.29
C ASN C 235 -25.32 -26.05 -22.29
N GLY C 236 -26.59 -25.77 -22.57
CA GLY C 236 -27.66 -26.26 -21.71
C GLY C 236 -27.70 -27.78 -21.67
N GLU C 237 -27.60 -28.42 -22.84
CA GLU C 237 -27.52 -29.87 -22.90
C GLU C 237 -26.38 -30.39 -22.03
N ARG C 238 -25.23 -29.72 -22.07
CA ARG C 238 -24.08 -30.14 -21.29
C ARG C 238 -24.37 -30.04 -19.80
N ALA C 239 -24.83 -28.87 -19.35
CA ALA C 239 -25.06 -28.67 -17.92
C ALA C 239 -26.18 -29.54 -17.39
N LEU C 240 -27.19 -29.84 -18.22
CA LEU C 240 -28.26 -30.73 -17.77
C LEU C 240 -27.77 -32.17 -17.66
N THR C 241 -26.97 -32.60 -18.64
CA THR C 241 -26.40 -33.94 -18.61
C THR C 241 -25.47 -34.12 -17.42
N ARG C 242 -24.73 -33.06 -17.05
CA ARG C 242 -23.88 -33.13 -15.87
C ARG C 242 -24.70 -33.41 -14.62
N TRP C 243 -25.82 -32.70 -14.45
CA TRP C 243 -26.71 -32.97 -13.33
C TRP C 243 -27.30 -34.37 -13.43
N ALA C 244 -27.63 -34.81 -14.65
CA ALA C 244 -28.22 -36.13 -14.83
C ALA C 244 -27.28 -37.23 -14.35
N ARG C 245 -25.96 -37.02 -14.48
CA ARG C 245 -25.00 -37.97 -13.92
C ARG C 245 -25.05 -37.96 -12.40
N TRP C 246 -24.94 -36.77 -11.82
CA TRP C 246 -24.90 -36.63 -10.37
C TRP C 246 -26.17 -37.16 -9.73
N ALA C 247 -27.32 -36.98 -10.37
CA ALA C 247 -28.59 -37.42 -9.80
C ALA C 247 -28.83 -38.91 -9.98
N ALA C 248 -28.20 -39.52 -10.99
CA ALA C 248 -28.32 -40.95 -11.18
C ALA C 248 -27.60 -41.72 -10.08
N ALA C 249 -26.42 -41.23 -9.67
CA ALA C 249 -25.69 -41.82 -8.57
C ALA C 249 -26.49 -41.78 -7.27
N ARG C 250 -27.58 -41.03 -7.22
CA ARG C 250 -28.40 -40.87 -6.01
C ARG C 250 -29.82 -41.38 -6.24
N ASP C 251 -29.96 -42.33 -7.18
CA ASP C 251 -31.24 -42.97 -7.44
C ASP C 251 -31.88 -43.53 -6.17
N ALA C 252 -31.10 -43.78 -5.12
CA ALA C 252 -31.66 -44.22 -3.86
C ALA C 252 -32.42 -43.09 -3.18
N ASP C 253 -31.81 -41.91 -3.11
CA ASP C 253 -32.44 -40.77 -2.45
C ASP C 253 -33.40 -40.03 -3.36
N LEU C 254 -33.12 -40.01 -4.66
CA LEU C 254 -33.94 -39.33 -5.65
C LEU C 254 -34.71 -40.35 -6.47
N GLY C 255 -35.96 -40.02 -6.82
CA GLY C 255 -36.80 -40.95 -7.54
C GLY C 255 -36.36 -41.22 -8.97
N LEU C 256 -35.36 -40.51 -9.46
CA LEU C 256 -34.96 -40.58 -10.86
C LEU C 256 -33.96 -41.70 -11.08
N GLY C 257 -34.00 -42.27 -12.28
CA GLY C 257 -33.26 -43.46 -12.63
C GLY C 257 -31.82 -43.56 -12.20
N ALA C 258 -31.19 -44.68 -12.56
CA ALA C 258 -29.84 -45.01 -12.11
C ALA C 258 -28.78 -44.75 -13.18
N THR C 259 -29.16 -44.22 -14.34
CA THR C 259 -28.21 -43.86 -15.39
C THR C 259 -28.52 -42.45 -15.89
N ASP C 260 -27.60 -41.92 -16.71
CA ASP C 260 -27.83 -40.66 -17.40
C ASP C 260 -29.19 -40.66 -18.09
N GLY C 261 -29.36 -41.57 -19.05
CA GLY C 261 -30.54 -41.53 -19.91
C GLY C 261 -31.84 -41.65 -19.15
N ALA C 262 -31.85 -42.45 -18.08
CA ALA C 262 -33.08 -42.65 -17.33
C ALA C 262 -33.46 -41.41 -16.53
N VAL C 263 -32.47 -40.72 -15.97
CA VAL C 263 -32.75 -39.43 -15.33
C VAL C 263 -33.27 -38.44 -16.36
N ARG C 264 -32.63 -38.41 -17.53
CA ARG C 264 -33.08 -37.51 -18.60
C ARG C 264 -34.46 -37.91 -19.11
N ALA C 265 -34.70 -39.21 -19.31
CA ALA C 265 -36.01 -39.67 -19.76
C ALA C 265 -37.09 -39.24 -18.78
N ALA C 266 -36.82 -39.32 -17.49
CA ALA C 266 -37.78 -38.83 -16.50
C ALA C 266 -38.12 -37.38 -16.75
N TYR C 267 -37.10 -36.53 -16.88
CA TYR C 267 -37.34 -35.11 -17.14
C TYR C 267 -37.98 -34.91 -18.50
N ASP C 268 -37.41 -35.49 -19.56
CA ASP C 268 -38.10 -35.41 -20.85
C ASP C 268 -39.56 -35.81 -20.72
N GLY C 269 -39.88 -36.68 -19.77
CA GLY C 269 -41.27 -37.03 -19.52
C GLY C 269 -42.09 -35.85 -19.03
N VAL C 270 -41.52 -35.01 -18.16
CA VAL C 270 -42.24 -33.82 -17.73
C VAL C 270 -42.42 -32.86 -18.88
N LEU C 271 -41.43 -32.79 -19.78
CA LEU C 271 -41.53 -31.91 -20.94
C LEU C 271 -42.57 -32.41 -21.94
N ALA C 272 -42.61 -33.73 -22.17
CA ALA C 272 -43.65 -34.28 -23.02
C ALA C 272 -45.04 -33.88 -22.51
N ARG C 273 -45.20 -33.80 -21.19
CA ARG C 273 -46.47 -33.44 -20.62
C ARG C 273 -46.82 -31.98 -20.89
N VAL C 274 -45.94 -31.06 -20.52
CA VAL C 274 -46.25 -29.64 -20.67
C VAL C 274 -46.33 -29.26 -22.14
N ASP C 275 -45.55 -29.93 -23.00
CA ASP C 275 -45.58 -29.64 -24.43
C ASP C 275 -46.86 -30.13 -25.10
N THR C 276 -47.69 -30.88 -24.40
CA THR C 276 -48.99 -31.32 -24.90
C THR C 276 -50.11 -30.84 -23.99
N ASP C 277 -49.85 -29.80 -23.20
CA ASP C 277 -50.84 -29.15 -22.35
C ASP C 277 -51.36 -30.09 -21.26
N ARG C 278 -50.56 -31.10 -20.91
CA ARG C 278 -50.86 -31.98 -19.80
C ARG C 278 -50.32 -31.40 -18.51
N GLU C 279 -51.11 -31.52 -17.44
CA GLU C 279 -50.79 -30.85 -16.19
C GLU C 279 -49.50 -31.39 -15.55
N VAL C 280 -48.62 -30.47 -15.18
CA VAL C 280 -47.47 -30.75 -14.32
C VAL C 280 -47.44 -29.69 -13.23
N THR C 281 -47.36 -30.13 -11.97
CA THR C 281 -47.19 -29.25 -10.84
C THR C 281 -45.97 -29.70 -10.03
N VAL C 282 -45.42 -28.78 -9.24
CA VAL C 282 -44.32 -29.14 -8.35
C VAL C 282 -44.76 -29.03 -6.89
N ALA C 283 -44.97 -27.81 -6.40
CA ALA C 283 -45.48 -27.60 -5.05
C ALA C 283 -46.98 -27.34 -5.07
N GLY C 284 -47.69 -28.01 -5.98
CA GLY C 284 -49.03 -27.60 -6.33
C GLY C 284 -49.09 -26.35 -7.18
N PHE C 285 -47.95 -25.73 -7.50
CA PHE C 285 -47.94 -24.60 -8.41
C PHE C 285 -47.72 -25.10 -9.84
N PRO C 286 -48.41 -24.55 -10.85
CA PRO C 286 -48.37 -25.16 -12.19
C PRO C 286 -47.16 -24.76 -13.02
N LEU C 287 -46.65 -25.73 -13.79
CA LEU C 287 -45.63 -25.50 -14.80
C LEU C 287 -46.26 -25.36 -16.18
N ASP C 288 -45.45 -24.90 -17.12
CA ASP C 288 -45.85 -24.81 -18.53
C ASP C 288 -44.62 -25.08 -19.39
N ARG C 289 -44.76 -24.88 -20.70
CA ARG C 289 -43.65 -25.23 -21.60
C ARG C 289 -42.41 -24.40 -21.32
N THR C 290 -42.58 -23.17 -20.85
CA THR C 290 -41.43 -22.31 -20.58
C THR C 290 -40.87 -22.57 -19.19
N LEU C 291 -41.73 -22.51 -18.18
CA LEU C 291 -41.29 -22.65 -16.80
C LEU C 291 -40.62 -24.00 -16.55
N ALA C 292 -41.10 -25.06 -17.19
CA ALA C 292 -40.53 -26.38 -16.96
C ALA C 292 -39.07 -26.43 -17.37
N ARG C 293 -38.68 -25.56 -18.30
CA ARG C 293 -37.30 -25.47 -18.77
C ARG C 293 -36.53 -24.36 -18.07
N LEU C 294 -37.18 -23.23 -17.79
CA LEU C 294 -36.52 -22.07 -17.21
C LEU C 294 -36.23 -22.24 -15.73
N ILE C 295 -37.04 -23.02 -15.02
CA ILE C 295 -36.71 -23.30 -13.62
C ILE C 295 -35.43 -24.14 -13.55
N VAL C 296 -35.28 -25.11 -14.45
CA VAL C 296 -34.07 -25.93 -14.48
C VAL C 296 -32.87 -25.10 -14.89
N VAL C 297 -32.98 -24.40 -16.03
CA VAL C 297 -31.95 -23.47 -16.47
C VAL C 297 -31.50 -22.63 -15.29
N GLY C 298 -32.47 -22.11 -14.55
CA GLY C 298 -32.16 -21.26 -13.42
C GLY C 298 -31.41 -22.00 -12.32
N MET C 299 -31.83 -23.23 -12.01
CA MET C 299 -31.09 -24.03 -11.04
C MET C 299 -29.65 -24.26 -11.50
N LEU C 300 -29.50 -24.61 -12.77
CA LEU C 300 -28.21 -24.99 -13.34
C LEU C 300 -27.21 -23.83 -13.39
N ASN C 301 -27.54 -22.64 -12.90
CA ASN C 301 -26.54 -21.60 -12.83
C ASN C 301 -25.54 -21.80 -11.70
N SER C 302 -25.80 -22.77 -10.81
CA SER C 302 -24.81 -23.20 -9.83
C SER C 302 -24.96 -24.69 -9.58
N ASP C 303 -23.85 -25.41 -9.57
CA ASP C 303 -23.96 -26.83 -9.24
C ASP C 303 -24.17 -27.04 -7.75
N ARG C 304 -24.05 -26.00 -6.92
CA ARG C 304 -24.50 -26.11 -5.54
C ARG C 304 -26.00 -26.35 -5.44
N ASN C 305 -26.75 -26.03 -6.50
CA ASN C 305 -28.19 -26.19 -6.50
C ASN C 305 -28.66 -27.58 -6.88
N TYR C 306 -27.73 -28.47 -7.26
CA TYR C 306 -28.09 -29.80 -7.70
C TYR C 306 -29.11 -30.49 -6.79
N PRO C 307 -28.97 -30.46 -5.46
CA PRO C 307 -30.00 -31.10 -4.62
C PRO C 307 -31.37 -30.48 -4.81
N PHE C 308 -31.45 -29.15 -4.88
CA PHE C 308 -32.73 -28.49 -5.13
C PHE C 308 -33.35 -28.97 -6.43
N LEU C 309 -32.52 -29.18 -7.46
CA LEU C 309 -33.04 -29.63 -8.75
C LEU C 309 -33.60 -31.04 -8.64
N GLY C 310 -32.84 -31.95 -8.03
CA GLY C 310 -33.35 -33.29 -7.77
C GLY C 310 -34.70 -33.27 -7.10
N ASP C 311 -34.83 -32.47 -6.03
CA ASP C 311 -36.11 -32.37 -5.32
C ASP C 311 -37.22 -31.91 -6.24
N ILE C 312 -36.98 -30.84 -7.02
CA ILE C 312 -38.04 -30.28 -7.87
C ILE C 312 -38.45 -31.29 -8.93
N VAL C 313 -37.49 -31.96 -9.56
CA VAL C 313 -37.80 -32.91 -10.61
C VAL C 313 -38.51 -34.14 -10.03
N ARG C 314 -38.09 -34.57 -8.84
CA ARG C 314 -38.81 -35.60 -8.11
C ARG C 314 -40.26 -35.18 -7.88
N SER C 315 -40.48 -33.98 -7.34
CA SER C 315 -41.83 -33.46 -7.17
C SER C 315 -42.62 -33.52 -8.47
N ALA C 316 -41.99 -33.07 -9.57
CA ALA C 316 -42.67 -33.02 -10.86
C ALA C 316 -43.10 -34.42 -11.32
N VAL C 317 -42.19 -35.39 -11.23
CA VAL C 317 -42.53 -36.76 -11.62
C VAL C 317 -43.49 -37.37 -10.60
N HIS C 318 -43.07 -37.42 -9.34
CA HIS C 318 -43.83 -38.10 -8.30
C HIS C 318 -44.53 -37.15 -7.34
N GLY C 319 -43.78 -36.61 -6.39
CA GLY C 319 -44.32 -36.20 -5.11
C GLY C 319 -45.26 -35.01 -5.08
N GLY C 320 -45.35 -34.39 -3.91
CA GLY C 320 -46.05 -33.14 -3.73
C GLY C 320 -45.27 -32.20 -2.85
N GLN C 321 -44.69 -32.74 -1.79
CA GLN C 321 -43.94 -31.94 -0.82
C GLN C 321 -42.54 -31.65 -1.32
N LEU C 322 -42.19 -30.37 -1.38
CA LEU C 322 -40.80 -29.95 -1.49
C LEU C 322 -40.17 -29.93 -0.10
N GLU C 323 -38.87 -30.25 -0.04
CA GLU C 323 -38.14 -30.07 1.21
C GLU C 323 -38.11 -28.59 1.57
N PRO C 324 -38.19 -28.24 2.86
CA PRO C 324 -38.32 -26.82 3.21
C PRO C 324 -37.20 -25.94 2.70
N ALA C 325 -35.98 -26.47 2.56
CA ALA C 325 -34.90 -25.70 1.96
C ALA C 325 -35.29 -25.21 0.58
N THR C 326 -35.68 -26.15 -0.29
CA THR C 326 -36.10 -25.81 -1.65
C THR C 326 -37.25 -24.81 -1.68
N MET C 327 -38.11 -24.81 -0.65
CA MET C 327 -39.34 -24.03 -0.74
C MET C 327 -39.09 -22.53 -0.68
N GLY C 328 -38.02 -22.10 -0.02
CA GLY C 328 -37.71 -20.68 -0.01
C GLY C 328 -37.01 -20.26 -1.29
N PHE C 329 -36.01 -21.05 -1.69
CA PHE C 329 -35.26 -20.81 -2.93
C PHE C 329 -36.22 -20.56 -4.09
N LEU C 330 -37.23 -21.43 -4.22
CA LEU C 330 -38.18 -21.28 -5.31
C LEU C 330 -39.10 -20.08 -5.11
N GLY C 331 -39.36 -19.70 -3.86
CA GLY C 331 -40.19 -18.52 -3.60
C GLY C 331 -39.46 -17.22 -3.73
N GLN C 332 -38.13 -17.27 -3.73
CA GLN C 332 -37.28 -16.12 -4.06
C GLN C 332 -37.26 -15.87 -5.55
N MET C 333 -37.07 -16.95 -6.31
CA MET C 333 -36.78 -16.87 -7.74
C MET C 333 -38.03 -16.57 -8.55
N PHE C 334 -39.03 -17.45 -8.46
CA PHE C 334 -40.29 -17.27 -9.16
C PHE C 334 -41.38 -16.94 -8.12
N GLY C 335 -42.64 -17.13 -8.50
CA GLY C 335 -43.76 -16.77 -7.66
C GLY C 335 -44.22 -15.34 -7.84
N GLN C 336 -43.32 -14.45 -8.25
CA GLN C 336 -43.61 -13.07 -8.55
C GLN C 336 -43.24 -12.75 -10.00
N PRO C 337 -43.98 -11.87 -10.68
CA PRO C 337 -43.60 -11.51 -12.05
C PRO C 337 -42.27 -10.77 -12.10
N LYS C 338 -41.58 -10.94 -13.23
CA LYS C 338 -40.23 -10.40 -13.42
C LYS C 338 -40.29 -8.91 -13.75
N GLU C 339 -39.40 -8.14 -13.12
CA GLU C 339 -39.49 -6.68 -13.06
C GLU C 339 -39.67 -6.07 -14.46
N GLU C 340 -40.80 -5.39 -14.67
CA GLU C 340 -41.18 -5.02 -16.04
C GLU C 340 -40.14 -4.13 -16.70
N SER C 341 -39.73 -3.05 -16.02
CA SER C 341 -38.80 -2.11 -16.64
C SER C 341 -37.50 -2.79 -17.02
N GLY C 342 -37.10 -3.84 -16.30
CA GLY C 342 -35.89 -4.55 -16.65
C GLY C 342 -36.06 -5.37 -17.91
N THR C 343 -37.22 -6.01 -18.08
CA THR C 343 -37.49 -6.73 -19.32
C THR C 343 -37.49 -5.77 -20.50
N VAL C 344 -38.06 -4.57 -20.32
CA VAL C 344 -38.11 -3.59 -21.41
C VAL C 344 -36.71 -3.11 -21.77
N ALA C 345 -35.92 -2.76 -20.75
CA ALA C 345 -34.56 -2.30 -21.01
C ALA C 345 -33.72 -3.39 -21.64
N GLN C 346 -33.92 -4.64 -21.22
CA GLN C 346 -33.23 -5.77 -21.84
C GLN C 346 -33.53 -5.86 -23.33
N LEU C 347 -34.82 -5.93 -23.67
CA LEU C 347 -35.23 -5.88 -25.08
C LEU C 347 -34.56 -4.71 -25.80
N ALA C 348 -34.63 -3.52 -25.18
CA ALA C 348 -34.21 -2.30 -25.85
C ALA C 348 -32.71 -2.31 -26.13
N ILE C 349 -31.93 -2.88 -25.22
CA ILE C 349 -30.49 -2.94 -25.39
C ILE C 349 -30.10 -4.02 -26.40
N LEU C 350 -30.70 -5.21 -26.28
CA LEU C 350 -30.36 -6.29 -27.20
C LEU C 350 -30.70 -5.93 -28.64
N ALA C 351 -31.69 -5.05 -28.84
CA ALA C 351 -32.08 -4.61 -30.17
C ALA C 351 -31.44 -3.29 -30.56
N GLY C 352 -31.13 -2.44 -29.57
CA GLY C 352 -30.52 -1.15 -29.86
C GLY C 352 -29.03 -1.22 -30.11
N ASP C 353 -28.38 -2.32 -29.72
CA ASP C 353 -26.96 -2.49 -29.99
C ASP C 353 -26.70 -2.96 -31.41
N TRP C 354 -27.62 -3.72 -31.98
CA TRP C 354 -27.29 -4.55 -33.11
C TRP C 354 -28.60 -4.98 -33.78
N ALA C 355 -28.61 -4.95 -35.11
CA ALA C 355 -29.82 -5.22 -35.87
C ALA C 355 -29.98 -6.72 -36.08
N TRP C 356 -31.05 -7.28 -35.55
CA TRP C 356 -31.32 -8.69 -35.69
C TRP C 356 -31.81 -9.02 -37.10
N PRO C 357 -31.66 -10.27 -37.53
CA PRO C 357 -32.29 -10.68 -38.79
C PRO C 357 -33.81 -10.57 -38.69
N ARG C 358 -34.43 -10.19 -39.81
CA ARG C 358 -35.86 -9.98 -39.85
C ARG C 358 -36.61 -11.00 -40.71
N ASN C 359 -35.90 -11.78 -41.52
CA ASN C 359 -36.56 -12.86 -42.27
C ASN C 359 -37.09 -13.91 -41.30
N VAL C 360 -38.37 -14.22 -41.42
CA VAL C 360 -39.04 -15.11 -40.48
C VAL C 360 -38.72 -16.57 -40.78
N ASP C 361 -38.46 -16.92 -42.04
CA ASP C 361 -38.19 -18.31 -42.39
C ASP C 361 -36.86 -18.77 -41.82
N LEU C 362 -35.88 -17.88 -41.73
CA LEU C 362 -34.61 -18.24 -41.10
C LEU C 362 -34.85 -18.78 -39.71
N TYR C 363 -35.64 -18.06 -38.89
CA TYR C 363 -35.88 -18.50 -37.52
C TYR C 363 -36.63 -19.83 -37.46
N GLU C 364 -37.53 -20.12 -38.41
CA GLU C 364 -38.22 -21.41 -38.39
C GLU C 364 -37.24 -22.54 -38.73
N ARG C 365 -36.35 -22.31 -39.69
CA ARG C 365 -35.36 -23.32 -40.03
C ARG C 365 -34.42 -23.58 -38.86
N ASP C 366 -34.06 -22.54 -38.12
CA ASP C 366 -33.15 -22.73 -36.99
C ASP C 366 -33.87 -23.33 -35.79
N MET C 367 -35.11 -22.90 -35.53
CA MET C 367 -35.89 -23.53 -34.48
C MET C 367 -36.00 -25.03 -34.71
N GLU C 368 -36.47 -25.43 -35.90
CA GLU C 368 -36.61 -26.85 -36.22
C GLU C 368 -35.31 -27.59 -35.98
N ARG C 369 -34.20 -27.04 -36.46
CA ARG C 369 -32.91 -27.71 -36.36
C ARG C 369 -32.52 -27.91 -34.91
N ALA C 370 -32.47 -26.82 -34.13
CA ALA C 370 -32.00 -26.89 -32.75
C ALA C 370 -32.94 -27.69 -31.86
N SER C 371 -34.23 -27.76 -32.22
CA SER C 371 -35.15 -28.64 -31.50
C SER C 371 -34.70 -30.09 -31.58
N ARG C 372 -34.07 -30.46 -32.69
CA ARG C 372 -33.69 -31.84 -32.99
C ARG C 372 -32.30 -32.17 -32.48
N THR C 373 -31.37 -31.22 -32.54
CA THR C 373 -30.00 -31.45 -32.12
C THR C 373 -29.78 -31.19 -30.64
N HIS C 374 -30.51 -30.26 -30.04
CA HIS C 374 -30.37 -29.90 -28.63
C HIS C 374 -31.75 -29.68 -28.04
N PRO C 375 -32.48 -30.76 -27.73
CA PRO C 375 -33.93 -30.63 -27.46
C PRO C 375 -34.27 -29.86 -26.20
N PHE C 376 -33.33 -29.64 -25.29
CA PHE C 376 -33.66 -29.06 -23.99
C PHE C 376 -34.11 -27.60 -24.12
N THR C 377 -33.32 -26.76 -24.80
CA THR C 377 -33.66 -25.36 -24.98
C THR C 377 -33.48 -24.90 -26.43
N GLY C 378 -33.29 -25.81 -27.38
CA GLY C 378 -32.97 -25.42 -28.73
C GLY C 378 -34.08 -24.62 -29.41
N ALA C 379 -35.32 -25.04 -29.22
CA ALA C 379 -36.44 -24.32 -29.85
C ALA C 379 -36.61 -22.95 -29.23
N ALA C 380 -36.43 -22.84 -27.92
CA ALA C 380 -36.64 -21.58 -27.23
C ALA C 380 -35.55 -20.56 -27.55
N MET C 381 -34.34 -21.03 -27.86
CA MET C 381 -33.19 -20.16 -28.05
C MET C 381 -32.94 -19.79 -29.51
N ALA C 382 -33.20 -20.72 -30.43
CA ALA C 382 -32.91 -20.50 -31.84
C ALA C 382 -34.09 -19.95 -32.63
N GLY C 383 -35.27 -19.89 -32.02
CA GLY C 383 -36.46 -19.45 -32.71
C GLY C 383 -36.60 -17.93 -32.74
N ILE C 384 -37.80 -17.49 -33.13
CA ILE C 384 -38.04 -16.07 -33.39
C ILE C 384 -38.11 -15.30 -32.08
N LYS C 385 -37.51 -14.12 -32.07
CA LYS C 385 -37.45 -13.27 -30.88
C LYS C 385 -37.84 -11.84 -31.23
N ALA C 386 -38.36 -11.13 -30.23
CA ALA C 386 -38.94 -9.80 -30.45
C ALA C 386 -38.01 -8.83 -31.18
N PRO C 387 -36.70 -8.81 -30.92
CA PRO C 387 -35.83 -7.88 -31.67
C PRO C 387 -35.85 -8.10 -33.18
N ALA C 388 -36.40 -9.21 -33.67
CA ALA C 388 -36.57 -9.40 -35.11
C ALA C 388 -37.62 -8.48 -35.69
N PHE C 389 -38.41 -7.82 -34.84
CA PHE C 389 -39.50 -6.93 -35.25
C PHE C 389 -39.28 -5.53 -34.71
N TRP C 390 -38.03 -5.15 -34.45
CA TRP C 390 -37.79 -3.92 -33.71
C TRP C 390 -38.12 -2.70 -34.58
N PRO C 391 -38.72 -1.65 -34.00
CA PRO C 391 -39.12 -0.48 -34.79
C PRO C 391 -38.05 0.57 -35.01
N VAL C 392 -36.89 0.45 -34.36
CA VAL C 392 -35.81 1.39 -34.60
C VAL C 392 -34.53 0.60 -34.86
N PRO C 393 -33.59 1.15 -35.62
CA PRO C 393 -32.32 0.48 -35.84
C PRO C 393 -31.30 0.95 -34.82
N PRO C 394 -30.15 0.29 -34.73
CA PRO C 394 -29.11 0.79 -33.83
C PRO C 394 -28.63 2.17 -34.23
N SER C 395 -28.41 3.02 -33.23
CA SER C 395 -27.93 4.37 -33.47
C SER C 395 -26.46 4.39 -33.86
N GLU C 396 -25.70 3.38 -33.46
CA GLU C 396 -24.26 3.30 -33.71
C GLU C 396 -23.88 1.89 -34.10
N PRO C 397 -22.78 1.73 -34.84
CA PRO C 397 -22.20 0.39 -35.01
C PRO C 397 -21.82 -0.22 -33.67
N VAL C 398 -21.77 -1.55 -33.65
CA VAL C 398 -21.29 -2.25 -32.46
C VAL C 398 -19.83 -1.89 -32.23
N THR C 399 -19.45 -1.77 -30.97
CA THR C 399 -18.05 -1.50 -30.65
C THR C 399 -17.14 -2.55 -31.26
N ARG C 400 -16.01 -2.10 -31.79
CA ARG C 400 -14.96 -2.98 -32.27
C ARG C 400 -14.07 -3.35 -31.08
N LEU C 401 -14.32 -4.51 -30.48
CA LEU C 401 -13.45 -4.99 -29.43
C LEU C 401 -12.21 -5.60 -30.06
N GLY C 402 -11.05 -5.31 -29.48
CA GLY C 402 -9.80 -5.80 -30.03
C GLY C 402 -8.60 -5.53 -29.14
N PRO C 403 -7.45 -6.05 -29.55
CA PRO C 403 -6.25 -5.98 -28.70
C PRO C 403 -5.72 -4.57 -28.48
N ASP C 404 -6.19 -3.59 -29.24
CA ASP C 404 -5.82 -2.19 -28.97
C ASP C 404 -6.54 -1.63 -27.76
N ASN C 405 -7.27 -2.46 -27.02
CA ASN C 405 -7.99 -1.98 -25.84
C ASN C 405 -7.01 -1.28 -24.90
N PRO C 406 -7.31 -0.05 -24.47
CA PRO C 406 -6.34 0.73 -23.69
C PRO C 406 -6.32 0.46 -22.20
N ALA C 407 -7.11 -0.49 -21.70
CA ALA C 407 -7.08 -0.78 -20.28
C ALA C 407 -5.71 -1.32 -19.90
N ASP C 408 -5.20 -0.87 -18.75
CA ASP C 408 -3.91 -1.36 -18.28
C ASP C 408 -3.93 -2.88 -18.10
N SER C 409 -4.94 -3.38 -17.39
CA SER C 409 -5.03 -4.80 -17.07
C SER C 409 -6.50 -5.22 -16.97
N ILE C 410 -6.80 -6.43 -17.44
CA ILE C 410 -8.12 -7.02 -17.30
C ILE C 410 -7.97 -8.45 -16.79
N LEU C 411 -8.56 -8.75 -15.65
CA LEU C 411 -8.59 -10.09 -15.07
C LEU C 411 -9.92 -10.77 -15.41
N LEU C 412 -9.86 -11.79 -16.27
CA LEU C 412 -11.04 -12.60 -16.61
C LEU C 412 -11.14 -13.82 -15.71
N VAL C 413 -12.34 -14.05 -15.16
CA VAL C 413 -12.63 -15.18 -14.27
C VAL C 413 -13.71 -16.04 -14.91
N GLN C 414 -13.49 -17.35 -14.96
CA GLN C 414 -14.41 -18.25 -15.66
C GLN C 414 -14.39 -19.63 -15.02
N ALA C 415 -15.55 -20.11 -14.58
CA ALA C 415 -15.69 -21.50 -14.20
C ALA C 415 -15.73 -22.38 -15.45
N ALA C 416 -15.01 -23.50 -15.41
CA ALA C 416 -14.72 -24.25 -16.63
C ALA C 416 -15.95 -24.92 -17.22
N ASP C 417 -16.99 -25.17 -16.42
CA ASP C 417 -18.18 -25.86 -16.91
C ASP C 417 -19.44 -25.01 -16.76
N ASP C 418 -19.30 -23.71 -16.50
CA ASP C 418 -20.46 -22.82 -16.50
C ASP C 418 -21.27 -23.02 -17.77
N MET C 419 -22.58 -22.79 -17.65
CA MET C 419 -23.53 -23.05 -18.73
C MET C 419 -23.84 -21.79 -19.53
N SER C 420 -24.35 -20.75 -18.87
CA SER C 420 -24.76 -19.52 -19.56
C SER C 420 -23.60 -18.91 -20.34
N THR C 421 -22.46 -18.73 -19.68
CA THR C 421 -21.25 -18.18 -20.29
C THR C 421 -20.18 -19.25 -20.27
N PRO C 422 -19.98 -19.99 -21.36
CA PRO C 422 -19.06 -21.12 -21.33
C PRO C 422 -17.61 -20.69 -21.28
N LEU C 423 -16.73 -21.70 -21.12
CA LEU C 423 -15.30 -21.44 -21.13
C LEU C 423 -14.84 -20.93 -22.50
N ALA C 424 -15.41 -21.49 -23.57
CA ALA C 424 -15.04 -21.08 -24.92
C ALA C 424 -15.36 -19.61 -25.17
N ALA C 425 -16.31 -19.05 -24.42
CA ALA C 425 -16.64 -17.62 -24.55
C ALA C 425 -15.61 -16.75 -23.85
N ALA C 426 -15.18 -17.15 -22.65
CA ALA C 426 -14.12 -16.43 -21.96
C ALA C 426 -12.80 -16.53 -22.72
N ARG C 427 -12.57 -17.64 -23.42
CA ARG C 427 -11.33 -17.79 -24.17
C ARG C 427 -11.35 -16.94 -25.44
N ARG C 428 -12.52 -16.82 -26.08
CA ARG C 428 -12.65 -15.92 -27.22
C ARG C 428 -12.49 -14.47 -26.78
N MET C 429 -12.96 -14.12 -25.58
CA MET C 429 -12.70 -12.78 -25.05
C MET C 429 -11.22 -12.58 -24.77
N ARG C 430 -10.58 -13.55 -24.14
CA ARG C 430 -9.14 -13.48 -23.90
C ARG C 430 -8.38 -13.24 -25.20
N GLU C 431 -8.74 -13.96 -26.26
CA GLU C 431 -8.11 -13.75 -27.56
C GLU C 431 -8.29 -12.31 -28.04
N VAL C 432 -9.46 -11.73 -27.80
CA VAL C 432 -9.81 -10.45 -28.44
C VAL C 432 -9.15 -9.29 -27.70
N LEU C 433 -9.26 -9.27 -26.36
CA LEU C 433 -8.55 -8.23 -25.61
C LEU C 433 -7.05 -8.44 -25.65
N GLY C 434 -6.60 -9.62 -26.06
CA GLY C 434 -5.18 -9.87 -26.23
C GLY C 434 -4.40 -9.73 -24.95
N ASP C 435 -3.17 -9.22 -25.08
CA ASP C 435 -2.16 -9.27 -24.03
C ASP C 435 -2.51 -8.43 -22.81
N THR C 436 -3.48 -7.52 -22.88
CA THR C 436 -3.82 -6.78 -21.67
C THR C 436 -4.62 -7.63 -20.69
N SER C 437 -5.07 -8.81 -21.09
CA SER C 437 -6.00 -9.61 -20.30
C SER C 437 -5.41 -10.97 -19.95
N ARG C 438 -5.87 -11.51 -18.81
CA ARG C 438 -5.47 -12.81 -18.28
C ARG C 438 -6.71 -13.58 -17.87
N LEU C 439 -6.68 -14.90 -18.08
CA LEU C 439 -7.83 -15.77 -17.81
C LEU C 439 -7.50 -16.72 -16.66
N LEU C 440 -8.21 -16.57 -15.55
CA LEU C 440 -8.30 -17.59 -14.50
C LEU C 440 -9.45 -18.55 -14.83
N THR C 441 -9.12 -19.82 -15.03
CA THR C 441 -10.10 -20.88 -15.15
C THR C 441 -10.22 -21.58 -13.80
N VAL C 442 -11.45 -21.83 -13.37
CA VAL C 442 -11.71 -22.59 -12.14
C VAL C 442 -12.23 -23.95 -12.55
N ALA C 443 -11.40 -24.98 -12.37
CA ALA C 443 -11.70 -26.32 -12.85
C ALA C 443 -12.87 -26.94 -12.07
N ASP C 444 -13.48 -27.95 -12.69
CA ASP C 444 -14.47 -28.80 -12.04
C ASP C 444 -15.53 -27.95 -11.34
N THR C 445 -16.06 -26.98 -12.06
CA THR C 445 -16.99 -26.01 -11.49
C THR C 445 -17.97 -25.59 -12.57
N ALA C 446 -19.24 -25.93 -12.38
CA ALA C 446 -20.34 -25.37 -13.16
C ALA C 446 -21.02 -24.36 -12.25
N HIS C 447 -20.65 -23.08 -12.38
CA HIS C 447 -21.23 -22.04 -11.54
C HIS C 447 -21.09 -20.69 -12.23
N HIS C 448 -22.17 -19.90 -12.17
CA HIS C 448 -22.23 -18.57 -12.76
C HIS C 448 -21.92 -17.53 -11.69
N ARG C 449 -20.91 -16.70 -11.95
CA ARG C 449 -20.43 -15.69 -11.02
C ARG C 449 -19.58 -16.33 -9.92
N VAL C 450 -18.33 -16.65 -10.24
CA VAL C 450 -17.47 -17.39 -9.32
C VAL C 450 -17.04 -16.52 -8.15
N PHE C 451 -16.43 -15.36 -8.45
CA PHE C 451 -15.97 -14.47 -7.39
C PHE C 451 -17.04 -13.42 -7.07
N PRO C 452 -17.43 -13.23 -5.79
CA PRO C 452 -16.98 -13.96 -4.61
C PRO C 452 -17.94 -15.09 -4.19
N PHE C 453 -18.97 -15.32 -4.99
CA PHE C 453 -20.16 -16.00 -4.48
C PHE C 453 -19.90 -17.48 -4.20
N TYR C 454 -19.11 -18.14 -5.04
CA TYR C 454 -18.87 -19.57 -4.87
C TYR C 454 -17.96 -19.86 -3.68
N GLY C 455 -17.24 -18.87 -3.19
CA GLY C 455 -16.25 -19.10 -2.15
C GLY C 455 -15.16 -20.06 -2.55
N ASN C 456 -14.71 -19.99 -3.80
CA ASN C 456 -13.58 -20.82 -4.23
C ASN C 456 -12.29 -20.19 -3.72
N PRO C 457 -11.47 -20.93 -2.95
CA PRO C 457 -10.30 -20.26 -2.34
C PRO C 457 -9.27 -19.79 -3.36
N GLY C 458 -8.99 -20.61 -4.38
CA GLY C 458 -8.07 -20.17 -5.42
C GLY C 458 -8.49 -18.85 -6.05
N ALA C 459 -9.76 -18.74 -6.42
CA ALA C 459 -10.25 -17.53 -7.09
C ALA C 459 -10.29 -16.35 -6.14
N ASP C 460 -10.83 -16.54 -4.94
CA ASP C 460 -10.87 -15.44 -3.97
C ASP C 460 -9.47 -14.90 -3.71
N GLU C 461 -8.49 -15.80 -3.67
CA GLU C 461 -7.11 -15.42 -3.41
C GLU C 461 -6.55 -14.57 -4.55
N LEU C 462 -6.53 -15.15 -5.76
CA LEU C 462 -5.92 -14.47 -6.90
C LEU C 462 -6.67 -13.21 -7.30
N VAL C 463 -7.99 -13.18 -7.14
CA VAL C 463 -8.74 -11.97 -7.47
C VAL C 463 -8.57 -10.93 -6.36
N THR C 464 -8.59 -11.34 -5.10
CA THR C 464 -8.33 -10.39 -4.03
C THR C 464 -6.94 -9.80 -4.15
N ALA C 465 -5.97 -10.60 -4.59
CA ALA C 465 -4.62 -10.09 -4.80
C ALA C 465 -4.60 -9.02 -5.87
N TYR C 466 -5.42 -9.19 -6.92
CA TYR C 466 -5.42 -8.25 -8.02
C TYR C 466 -6.06 -6.92 -7.63
N LEU C 467 -7.19 -6.96 -6.93
CA LEU C 467 -7.86 -5.71 -6.54
C LEU C 467 -7.06 -4.94 -5.51
N VAL C 468 -6.37 -5.64 -4.60
CA VAL C 468 -5.68 -4.97 -3.49
C VAL C 468 -4.23 -4.65 -3.83
N ASP C 469 -3.50 -5.62 -4.36
CA ASP C 469 -2.05 -5.48 -4.54
C ASP C 469 -1.64 -5.44 -6.01
N GLY C 470 -2.60 -5.36 -6.93
CA GLY C 470 -2.27 -5.26 -8.34
C GLY C 470 -1.60 -6.48 -8.93
N GLU C 471 -1.65 -7.62 -8.24
CA GLU C 471 -0.94 -8.82 -8.69
C GLU C 471 -1.67 -9.45 -9.87
N LEU C 472 -0.98 -9.52 -11.01
CA LEU C 472 -1.47 -10.27 -12.15
C LEU C 472 -0.52 -11.41 -12.50
N PRO C 473 -1.03 -12.59 -12.86
CA PRO C 473 -0.14 -13.62 -13.42
C PRO C 473 0.38 -13.21 -14.80
N ALA C 474 1.60 -13.63 -15.08
CA ALA C 474 2.20 -13.40 -16.39
C ALA C 474 1.52 -14.18 -17.50
N ALA C 475 0.60 -15.09 -17.17
CA ALA C 475 -0.11 -15.87 -18.18
C ALA C 475 -1.40 -16.40 -17.57
N ASP C 476 -2.14 -17.15 -18.37
CA ASP C 476 -3.40 -17.72 -17.90
C ASP C 476 -3.14 -18.81 -16.86
N VAL C 477 -4.07 -18.94 -15.92
CA VAL C 477 -3.89 -19.80 -14.76
C VAL C 477 -5.17 -20.57 -14.50
N THR C 478 -5.01 -21.74 -13.87
CA THR C 478 -6.14 -22.53 -13.42
C THR C 478 -6.06 -22.70 -11.91
N ARG C 479 -7.22 -22.82 -11.27
CA ARG C 479 -7.30 -23.17 -9.86
C ARG C 479 -8.30 -24.31 -9.71
N PRO C 480 -8.07 -25.21 -8.76
CA PRO C 480 -8.99 -26.34 -8.58
C PRO C 480 -10.16 -25.99 -7.67
N ASN C 481 -11.19 -26.82 -7.76
CA ASN C 481 -12.32 -26.78 -6.84
C ASN C 481 -12.08 -27.84 -5.78
N PRO C 482 -11.81 -27.48 -4.52
CA PRO C 482 -11.61 -28.53 -3.51
C PRO C 482 -12.83 -29.41 -3.32
N ALA C 483 -14.03 -28.82 -3.28
CA ALA C 483 -15.27 -29.56 -3.13
C ALA C 483 -16.04 -29.61 -4.44
N PRO C 484 -15.63 -30.44 -5.41
CA PRO C 484 -16.47 -30.61 -6.59
C PRO C 484 -17.82 -31.22 -6.20
N MET C 485 -18.77 -31.13 -7.13
CA MET C 485 -20.04 -31.83 -6.96
C MET C 485 -19.99 -33.21 -7.61
N VAL C 486 -19.15 -33.39 -8.61
CA VAL C 486 -18.99 -34.68 -9.28
C VAL C 486 -17.51 -35.01 -9.37
N PRO C 487 -17.15 -36.25 -9.72
CA PRO C 487 -15.74 -36.58 -9.93
C PRO C 487 -15.11 -35.75 -11.04
N THR C 488 -13.81 -35.92 -11.21
CA THR C 488 -13.03 -35.20 -12.20
C THR C 488 -13.09 -35.89 -13.56
N PRO D 8 -14.50 23.99 -20.38
CA PRO D 8 -13.72 23.98 -21.63
C PRO D 8 -13.89 22.70 -22.43
N HIS D 9 -13.57 22.76 -23.72
CA HIS D 9 -13.78 21.66 -24.64
C HIS D 9 -12.45 21.07 -25.09
N LEU D 10 -12.39 19.74 -25.14
CA LEU D 10 -11.25 19.05 -25.71
C LEU D 10 -11.41 18.80 -27.20
N LEU D 11 -12.65 18.73 -27.68
CA LEU D 11 -12.93 18.49 -29.10
C LEU D 11 -12.31 17.18 -29.55
N THR D 12 -12.44 16.16 -28.71
CA THR D 12 -11.77 14.88 -28.96
C THR D 12 -12.26 14.22 -30.24
N ASP D 13 -13.57 14.31 -30.53
CA ASP D 13 -14.11 13.60 -31.69
C ASP D 13 -13.55 14.16 -32.99
N ALA D 14 -13.34 15.47 -33.06
CA ALA D 14 -12.66 16.05 -34.21
C ALA D 14 -11.24 15.51 -34.33
N VAL D 15 -10.51 15.50 -33.20
CA VAL D 15 -9.16 14.95 -33.19
C VAL D 15 -9.14 13.52 -33.73
N ARG D 16 -10.12 12.71 -33.33
CA ARG D 16 -10.17 11.31 -33.76
C ARG D 16 -10.31 11.19 -35.28
N ALA D 17 -11.21 11.98 -35.86
CA ALA D 17 -11.47 11.86 -37.29
C ALA D 17 -10.21 12.10 -38.11
N PHE D 18 -9.23 12.80 -37.56
CA PHE D 18 -7.97 13.05 -38.26
C PHE D 18 -6.84 12.15 -37.78
N GLN D 19 -7.02 11.41 -36.69
CA GLN D 19 -6.03 10.43 -36.26
C GLN D 19 -5.97 9.22 -37.19
N ALA D 20 -6.86 9.12 -38.15
CA ALA D 20 -6.96 7.95 -39.02
C ALA D 20 -6.10 8.06 -40.27
N GLN D 21 -5.17 9.00 -40.31
CA GLN D 21 -4.29 9.18 -41.46
C GLN D 21 -3.09 8.26 -41.40
N SER D 22 -2.59 7.89 -42.57
CA SER D 22 -1.31 7.18 -42.71
C SER D 22 -0.43 7.95 -43.69
N PRO D 23 0.48 8.79 -43.21
CA PRO D 23 1.32 9.57 -44.13
C PRO D 23 2.40 8.72 -44.76
N VAL D 24 2.83 9.14 -45.95
CA VAL D 24 3.89 8.48 -46.70
C VAL D 24 5.19 9.23 -46.44
N TRP D 25 6.12 8.58 -45.76
CA TRP D 25 7.40 9.15 -45.37
C TRP D 25 8.43 9.02 -46.49
N ARG D 26 9.38 9.94 -46.53
CA ARG D 26 10.48 9.87 -47.48
C ARG D 26 11.70 10.58 -46.91
N PRO D 27 12.87 10.35 -47.50
CA PRO D 27 14.08 11.08 -47.08
C PRO D 27 13.91 12.59 -47.24
N ALA D 28 14.34 13.33 -46.21
CA ALA D 28 14.29 14.78 -46.23
C ALA D 28 15.48 15.30 -47.03
N ASP D 29 15.26 15.49 -48.33
CA ASP D 29 16.32 15.87 -49.26
C ASP D 29 16.12 17.25 -49.85
N ASP D 30 15.06 17.95 -49.48
CA ASP D 30 14.80 19.31 -49.96
C ASP D 30 15.46 20.37 -49.10
N GLU D 31 16.19 19.98 -48.05
CA GLU D 31 16.76 20.93 -47.10
C GLU D 31 17.96 20.29 -46.42
N GLU D 32 19.11 20.97 -46.49
CA GLU D 32 20.36 20.38 -46.00
C GLU D 32 20.25 20.01 -44.52
N ALA D 33 19.69 20.91 -43.71
CA ALA D 33 19.71 20.73 -42.26
C ALA D 33 18.96 19.49 -41.81
N LEU D 34 18.17 18.88 -42.70
CA LEU D 34 17.39 17.70 -42.38
C LEU D 34 17.94 16.41 -42.97
N ARG D 35 18.88 16.49 -43.92
CA ARG D 35 19.43 15.29 -44.53
C ARG D 35 19.89 14.33 -43.44
N GLY D 36 19.43 13.08 -43.55
CA GLY D 36 19.56 12.08 -42.51
C GLY D 36 18.22 11.68 -41.91
N LEU D 37 17.24 12.56 -41.98
CA LEU D 37 15.91 12.32 -41.43
C LEU D 37 14.93 11.98 -42.56
N GLU D 38 13.81 11.38 -42.19
CA GLU D 38 12.70 11.18 -43.10
C GLU D 38 11.62 12.21 -42.80
N ALA D 39 10.92 12.65 -43.87
CA ALA D 39 9.96 13.75 -43.78
C ALA D 39 8.61 13.34 -44.35
N ALA D 40 7.55 13.88 -43.75
CA ALA D 40 6.19 13.61 -44.17
C ALA D 40 5.33 14.86 -44.02
N GLU D 41 4.16 14.84 -44.66
CA GLU D 41 3.14 15.86 -44.50
C GLU D 41 1.84 15.23 -44.00
N LEU D 42 1.20 15.89 -43.05
CA LEU D 42 0.02 15.39 -42.36
C LEU D 42 -1.05 16.48 -42.31
N THR D 43 -2.32 16.08 -42.41
CA THR D 43 -3.40 17.04 -42.53
C THR D 43 -4.11 17.22 -41.19
N VAL D 44 -4.43 18.47 -40.89
CA VAL D 44 -4.93 18.90 -39.60
C VAL D 44 -6.05 19.91 -39.89
N PRO D 45 -7.13 19.96 -39.12
CA PRO D 45 -8.18 20.94 -39.41
C PRO D 45 -7.80 22.31 -38.85
N LEU D 46 -8.09 23.34 -39.64
CA LEU D 46 -7.86 24.70 -39.17
C LEU D 46 -8.54 24.94 -37.83
N ASP D 47 -9.81 24.55 -37.73
CA ASP D 47 -10.63 24.75 -36.55
C ASP D 47 -11.17 23.39 -36.15
N TYR D 48 -10.85 22.95 -34.93
CA TYR D 48 -11.31 21.64 -34.49
C TYR D 48 -12.79 21.62 -34.18
N ARG D 49 -13.44 22.79 -34.13
CA ARG D 49 -14.89 22.84 -34.14
C ARG D 49 -15.48 22.57 -35.53
N ALA D 50 -14.66 22.59 -36.59
CA ALA D 50 -15.12 22.40 -37.96
C ALA D 50 -14.26 21.39 -38.68
N PRO D 51 -14.34 20.11 -38.29
CA PRO D 51 -13.49 19.08 -38.93
C PRO D 51 -13.79 18.84 -40.39
N ALA D 52 -14.99 19.14 -40.88
CA ALA D 52 -15.31 18.97 -42.29
C ALA D 52 -14.93 20.20 -43.13
N GLY D 53 -14.38 21.23 -42.51
CA GLY D 53 -14.07 22.46 -43.20
C GLY D 53 -12.62 22.57 -43.62
N ARG D 54 -12.09 23.78 -43.53
CA ARG D 54 -10.77 24.08 -44.04
C ARG D 54 -9.68 23.34 -43.25
N THR D 55 -8.64 22.91 -43.96
CA THR D 55 -7.56 22.14 -43.36
C THR D 55 -6.21 22.79 -43.62
N LEU D 56 -5.22 22.35 -42.83
CA LEU D 56 -3.81 22.73 -42.94
C LEU D 56 -2.96 21.48 -43.12
N THR D 57 -1.72 21.68 -43.56
CA THR D 57 -0.72 20.61 -43.56
C THR D 57 0.40 20.94 -42.58
N LEU D 58 0.86 19.93 -41.86
CA LEU D 58 2.02 20.04 -40.98
C LEU D 58 3.16 19.23 -41.55
N GLY D 59 4.39 19.72 -41.36
CA GLY D 59 5.59 19.03 -41.78
C GLY D 59 6.24 18.32 -40.62
N LEU D 60 6.40 17.00 -40.74
CA LEU D 60 7.03 16.18 -39.73
C LEU D 60 8.40 15.69 -40.21
N VAL D 61 9.27 15.39 -39.26
CA VAL D 61 10.49 14.63 -39.52
C VAL D 61 10.62 13.56 -38.43
N ARG D 62 11.42 12.53 -38.74
CA ARG D 62 11.59 11.39 -37.86
C ARG D 62 12.97 10.78 -38.11
N HIS D 63 13.64 10.36 -37.05
CA HIS D 63 14.88 9.58 -37.21
C HIS D 63 14.53 8.10 -37.32
N ARG D 64 14.14 7.48 -36.19
CA ARG D 64 13.89 6.05 -36.02
C ARG D 64 14.86 5.46 -35.00
N ALA D 65 14.33 4.66 -34.08
CA ALA D 65 15.18 3.85 -33.20
C ALA D 65 16.27 3.17 -34.00
N THR D 66 17.53 3.38 -33.59
CA THR D 66 18.65 2.75 -34.28
C THR D 66 18.73 1.26 -34.01
N ALA D 67 18.14 0.80 -32.91
CA ALA D 67 18.13 -0.61 -32.53
C ALA D 67 16.69 -1.13 -32.61
N PRO D 68 16.22 -1.57 -33.78
CA PRO D 68 14.83 -2.04 -33.89
C PRO D 68 14.38 -2.95 -32.76
N GLU D 69 15.26 -3.83 -32.28
CA GLU D 69 14.84 -4.81 -31.28
C GLU D 69 14.57 -4.18 -29.92
N ARG D 70 15.26 -3.09 -29.59
CA ARG D 70 15.08 -2.41 -28.30
C ARG D 70 14.09 -1.25 -28.37
N ARG D 71 13.41 -1.08 -29.50
CA ARG D 71 12.51 0.06 -29.71
C ARG D 71 11.39 0.08 -28.67
N ARG D 72 11.26 1.20 -27.95
CA ARG D 72 10.23 1.34 -26.91
C ARG D 72 9.01 2.10 -27.39
N GLY D 73 9.19 3.29 -27.94
CA GLY D 73 8.09 4.11 -28.39
C GLY D 73 8.61 5.19 -29.32
N VAL D 74 7.85 6.28 -29.43
CA VAL D 74 8.35 7.47 -30.11
C VAL D 74 8.51 8.56 -29.06
N LEU D 75 9.53 9.39 -29.27
CA LEU D 75 9.82 10.55 -28.44
C LEU D 75 9.57 11.78 -29.30
N LEU D 76 8.52 12.53 -28.98
CA LEU D 76 8.11 13.67 -29.79
C LEU D 76 8.80 14.92 -29.27
N VAL D 77 9.45 15.64 -30.17
CA VAL D 77 10.14 16.88 -29.83
C VAL D 77 9.12 18.00 -29.82
N GLY D 78 9.08 18.76 -28.72
CA GLY D 78 8.28 19.97 -28.67
C GLY D 78 8.58 20.80 -29.91
N PRO D 79 7.55 21.36 -30.55
CA PRO D 79 7.77 21.97 -31.87
C PRO D 79 8.49 23.31 -31.81
N GLY D 80 9.65 23.33 -31.15
CA GLY D 80 10.42 24.55 -31.03
C GLY D 80 10.71 24.89 -29.60
N ASP D 81 11.87 25.52 -29.38
CA ASP D 81 12.27 25.91 -28.03
C ASP D 81 11.68 27.28 -27.74
N ASP D 82 12.32 28.32 -28.26
CA ASP D 82 11.74 29.64 -28.18
C ASP D 82 10.68 29.78 -29.26
N LEU D 83 9.57 30.38 -28.89
CA LEU D 83 8.42 30.43 -29.79
C LEU D 83 8.79 31.18 -31.07
N GLY D 84 8.59 30.53 -32.20
CA GLY D 84 8.98 31.06 -33.49
C GLY D 84 10.11 30.28 -34.15
N ASN D 85 10.82 29.46 -33.39
CA ASN D 85 11.80 28.55 -33.96
C ASN D 85 11.12 27.29 -34.47
N ARG D 86 11.70 26.69 -35.50
CA ARG D 86 11.12 25.51 -36.13
C ARG D 86 11.42 24.26 -35.32
N GLY D 87 10.37 23.48 -35.04
CA GLY D 87 10.56 22.25 -34.31
C GLY D 87 11.36 21.21 -35.08
N THR D 88 11.18 21.16 -36.41
CA THR D 88 11.95 20.20 -37.20
C THR D 88 13.44 20.47 -37.08
N LEU D 89 13.84 21.74 -37.08
CA LEU D 89 15.25 22.08 -36.87
C LEU D 89 15.71 21.65 -35.49
N LEU D 90 14.90 21.89 -34.46
CA LEU D 90 15.24 21.42 -33.12
C LEU D 90 15.42 19.91 -33.13
N GLY D 91 14.57 19.20 -33.87
CA GLY D 91 14.73 17.76 -34.00
C GLY D 91 16.07 17.37 -34.57
N ALA D 92 16.48 18.01 -35.67
CA ALA D 92 17.76 17.67 -36.29
C ALA D 92 18.91 17.86 -35.31
N GLN D 93 18.94 19.00 -34.61
CA GLN D 93 19.94 19.20 -33.56
C GLN D 93 19.94 18.03 -32.58
N LEU D 94 18.76 17.70 -32.06
CA LEU D 94 18.67 16.72 -30.98
C LEU D 94 19.15 15.35 -31.43
N VAL D 95 18.90 14.98 -32.69
CA VAL D 95 19.43 13.71 -33.20
C VAL D 95 20.94 13.67 -33.00
N GLY D 96 21.64 14.75 -33.32
CA GLY D 96 23.08 14.81 -33.24
C GLY D 96 23.67 15.01 -31.87
N GLN D 97 22.89 14.90 -30.80
CA GLN D 97 23.40 15.20 -29.47
C GLN D 97 22.70 14.40 -28.37
N LEU D 98 21.61 13.73 -28.70
CA LEU D 98 20.91 12.89 -27.73
C LEU D 98 21.74 11.65 -27.41
N PRO D 99 21.72 11.18 -26.16
CA PRO D 99 22.48 9.96 -25.82
C PRO D 99 22.23 8.83 -26.82
N LYS D 100 23.31 8.11 -27.13
CA LYS D 100 23.26 7.02 -28.10
C LYS D 100 22.16 6.02 -27.77
N GLU D 101 21.83 5.87 -26.49
CA GLU D 101 20.87 4.86 -26.05
C GLU D 101 19.43 5.37 -26.11
N VAL D 102 19.23 6.69 -26.02
CA VAL D 102 17.93 7.27 -26.35
C VAL D 102 17.65 7.10 -27.84
N LEU D 103 18.62 7.47 -28.67
CA LEU D 103 18.50 7.28 -30.12
C LEU D 103 18.24 5.84 -30.49
N ALA D 104 18.60 4.88 -29.61
CA ALA D 104 18.42 3.47 -29.90
C ALA D 104 16.99 3.01 -29.64
N GLN D 105 16.38 3.46 -28.55
CA GLN D 105 15.09 2.94 -28.12
C GLN D 105 13.91 3.80 -28.55
N TYR D 106 14.14 4.87 -29.31
CA TYR D 106 13.09 5.82 -29.63
C TYR D 106 13.12 6.22 -31.10
N ASP D 107 11.93 6.33 -31.70
CA ASP D 107 11.76 7.12 -32.90
C ASP D 107 11.63 8.58 -32.47
N VAL D 108 12.60 9.40 -32.83
CA VAL D 108 12.52 10.84 -32.58
C VAL D 108 11.68 11.46 -33.69
N VAL D 109 10.53 12.02 -33.33
CA VAL D 109 9.68 12.73 -34.27
C VAL D 109 9.65 14.21 -33.87
N ALA D 110 9.84 15.08 -34.86
CA ALA D 110 9.72 16.52 -34.67
C ALA D 110 8.81 17.09 -35.74
N PHE D 111 8.35 18.32 -35.51
CA PHE D 111 7.44 18.95 -36.47
C PHE D 111 7.46 20.45 -36.28
N ASP D 112 7.14 21.16 -37.37
CA ASP D 112 6.87 22.59 -37.32
C ASP D 112 5.40 22.78 -36.99
N HIS D 113 5.11 23.54 -35.93
CA HIS D 113 3.71 23.72 -35.57
C HIS D 113 3.00 24.57 -36.62
N ARG D 114 1.67 24.53 -36.57
CA ARG D 114 0.84 25.21 -37.56
C ARG D 114 1.28 26.65 -37.77
N PHE D 115 1.31 27.04 -39.06
CA PHE D 115 1.44 28.43 -39.52
C PHE D 115 2.88 28.89 -39.71
N MET D 116 3.86 27.99 -39.66
CA MET D 116 5.24 28.42 -39.83
C MET D 116 6.08 27.29 -40.41
N GLY D 117 7.18 27.69 -41.05
CA GLY D 117 8.14 26.74 -41.58
C GLY D 117 7.54 25.85 -42.64
N ARG D 118 7.62 24.55 -42.42
CA ARG D 118 7.08 23.57 -43.35
C ARG D 118 5.61 23.23 -43.08
N SER D 119 4.93 24.02 -42.26
CA SER D 119 3.57 23.70 -41.80
C SER D 119 2.62 24.86 -42.13
N SER D 120 2.27 24.98 -43.41
CA SER D 120 1.36 26.01 -43.89
C SER D 120 1.80 27.41 -43.44
N PRO D 121 2.96 27.88 -43.86
CA PRO D 121 3.51 29.12 -43.31
C PRO D 121 2.65 30.33 -43.66
N VAL D 122 2.55 31.26 -42.71
CA VAL D 122 1.79 32.49 -42.89
C VAL D 122 2.78 33.64 -42.89
N VAL D 123 2.75 34.43 -43.97
CA VAL D 123 3.67 35.54 -44.18
C VAL D 123 2.83 36.80 -44.42
N CYS D 124 3.35 37.94 -43.96
CA CYS D 124 2.53 39.15 -43.87
C CYS D 124 3.24 40.42 -44.31
N GLY D 125 4.37 40.33 -45.01
CA GLY D 125 5.09 41.53 -45.41
C GLY D 125 5.82 42.24 -44.28
N LEU D 126 6.18 41.51 -43.23
CA LEU D 126 6.94 42.10 -42.14
C LEU D 126 8.30 42.57 -42.64
N GLU D 127 8.73 43.75 -42.19
CA GLU D 127 10.05 44.24 -42.53
C GLU D 127 11.07 43.77 -41.51
N PRO D 128 12.36 43.84 -41.84
CA PRO D 128 13.38 43.28 -40.93
C PRO D 128 13.30 43.78 -39.50
N GLU D 129 13.11 45.08 -39.26
CA GLU D 129 13.03 45.56 -37.89
C GLU D 129 11.82 44.97 -37.18
N GLU D 130 10.74 44.69 -37.91
CA GLU D 130 9.53 44.16 -37.30
C GLU D 130 9.71 42.73 -36.82
N ARG D 131 10.67 42.00 -37.38
CA ARG D 131 10.95 40.67 -36.86
C ARG D 131 11.56 40.71 -35.46
N PHE D 132 12.01 41.88 -34.99
CA PHE D 132 12.55 42.04 -33.65
C PHE D 132 11.55 42.65 -32.67
N TRP D 133 10.24 42.41 -32.85
CA TRP D 133 9.25 43.08 -32.02
C TRP D 133 9.35 42.67 -30.55
N VAL D 134 9.82 41.46 -30.26
CA VAL D 134 9.82 40.96 -28.88
C VAL D 134 10.75 41.80 -28.00
N PHE D 135 12.02 41.91 -28.40
CA PHE D 135 13.00 42.64 -27.60
C PHE D 135 13.25 44.05 -28.11
N HIS D 136 12.46 44.52 -29.07
CA HIS D 136 12.59 45.88 -29.57
C HIS D 136 12.72 46.87 -28.43
N HIS D 137 13.76 47.70 -28.47
CA HIS D 137 13.97 48.73 -27.47
C HIS D 137 13.40 50.04 -27.99
N PRO D 138 12.51 50.71 -27.25
CA PRO D 138 11.80 51.87 -27.81
C PRO D 138 12.66 53.13 -27.85
N ARG D 139 12.61 53.85 -28.98
CA ARG D 139 13.08 55.23 -29.00
C ARG D 139 12.37 56.05 -27.95
N ASP D 140 11.05 56.04 -28.00
CA ASP D 140 10.18 56.73 -27.05
C ASP D 140 8.82 56.07 -27.19
N PHE D 141 7.96 56.28 -26.18
CA PHE D 141 6.73 55.50 -26.12
C PHE D 141 5.88 55.70 -27.37
N ASP D 142 5.60 56.96 -27.72
CA ASP D 142 4.72 57.23 -28.86
C ASP D 142 5.24 56.59 -30.14
N HIS D 143 6.56 56.58 -30.31
CA HIS D 143 7.15 55.93 -31.48
C HIS D 143 6.99 54.42 -31.42
N GLU D 144 7.06 53.84 -30.22
CA GLU D 144 6.92 52.39 -30.09
C GLU D 144 5.47 51.95 -30.23
N VAL D 145 4.53 52.76 -29.72
CA VAL D 145 3.12 52.50 -29.97
C VAL D 145 2.88 52.27 -31.46
N ARG D 146 3.33 53.23 -32.28
CA ARG D 146 3.12 53.13 -33.71
C ARG D 146 3.84 51.92 -34.30
N PHE D 147 5.09 51.70 -33.88
CA PHE D 147 5.84 50.54 -34.38
C PHE D 147 5.08 49.24 -34.12
N GLN D 148 4.61 49.05 -32.89
CA GLN D 148 3.97 47.79 -32.54
C GLN D 148 2.54 47.69 -33.07
N ALA D 149 1.81 48.80 -33.12
CA ALA D 149 0.50 48.77 -33.76
C ALA D 149 0.62 48.40 -35.23
N ASN D 150 1.67 48.87 -35.90
CA ASN D 150 1.82 48.60 -37.31
C ASN D 150 2.24 47.18 -37.58
N VAL D 151 2.91 46.53 -36.62
CA VAL D 151 3.16 45.10 -36.73
C VAL D 151 1.85 44.34 -36.73
N ALA D 152 1.00 44.60 -35.74
CA ALA D 152 -0.30 43.92 -35.66
C ALA D 152 -1.14 44.19 -36.90
N ALA D 153 -1.05 45.42 -37.44
CA ALA D 153 -1.86 45.78 -38.60
C ALA D 153 -1.52 44.92 -39.80
N LYS D 154 -0.23 44.64 -40.01
CA LYS D 154 0.17 43.77 -41.12
C LYS D 154 -0.38 42.37 -40.95
N VAL D 155 -0.34 41.82 -39.73
CA VAL D 155 -0.85 40.46 -39.53
C VAL D 155 -2.36 40.45 -39.68
N ALA D 156 -3.02 41.48 -39.16
CA ALA D 156 -4.47 41.61 -39.34
C ALA D 156 -4.84 41.65 -40.81
N GLU D 157 -4.09 42.41 -41.62
CA GLU D 157 -4.48 42.55 -43.02
C GLU D 157 -4.35 41.24 -43.78
N HIS D 158 -3.32 40.45 -43.48
CA HIS D 158 -2.98 39.31 -44.32
C HIS D 158 -3.30 37.95 -43.69
N ALA D 159 -3.60 37.89 -42.39
CA ALA D 159 -3.80 36.60 -41.74
C ALA D 159 -5.09 36.52 -40.91
N LEU D 160 -5.99 37.50 -41.05
CA LEU D 160 -7.14 37.60 -40.16
C LEU D 160 -7.91 36.28 -40.04
N ASP D 161 -8.05 35.54 -41.15
CA ASP D 161 -8.92 34.38 -41.17
C ASP D 161 -8.36 33.20 -40.39
N ILE D 162 -7.05 33.12 -40.22
CA ILE D 162 -6.45 32.01 -39.47
C ILE D 162 -6.11 32.39 -38.03
N LEU D 163 -6.13 33.68 -37.69
CA LEU D 163 -5.72 34.10 -36.37
C LEU D 163 -6.54 33.51 -35.22
N PRO D 164 -7.86 33.30 -35.34
CA PRO D 164 -8.58 32.68 -34.22
C PRO D 164 -8.10 31.28 -33.88
N TYR D 165 -7.33 30.65 -34.77
CA TYR D 165 -7.01 29.24 -34.66
C TYR D 165 -5.52 29.02 -34.39
N ALA D 166 -4.81 30.06 -34.00
CA ALA D 166 -3.43 29.98 -33.55
C ALA D 166 -3.47 29.94 -32.02
N SER D 167 -3.37 28.74 -31.45
CA SER D 167 -3.47 28.59 -30.00
C SER D 167 -2.67 27.40 -29.55
N SER D 168 -2.14 27.50 -28.32
CA SER D 168 -1.45 26.36 -27.72
C SER D 168 -2.37 25.14 -27.62
N ARG D 169 -3.64 25.36 -27.27
CA ARG D 169 -4.59 24.25 -27.23
C ARG D 169 -4.75 23.59 -28.60
N ASN D 170 -4.75 24.36 -29.69
CA ASN D 170 -4.87 23.72 -31.01
C ASN D 170 -3.62 22.93 -31.36
N ILE D 171 -2.46 23.42 -30.95
CA ILE D 171 -1.23 22.67 -31.18
C ILE D 171 -1.24 21.38 -30.38
N ALA D 172 -1.71 21.44 -29.14
CA ALA D 172 -1.89 20.23 -28.35
C ALA D 172 -2.82 19.25 -29.05
N ARG D 173 -3.87 19.75 -29.72
CA ARG D 173 -4.71 18.87 -30.53
C ARG D 173 -3.96 18.35 -31.75
N ASP D 174 -3.14 19.20 -32.37
CA ASP D 174 -2.30 18.74 -33.48
C ASP D 174 -1.38 17.61 -33.04
N ILE D 175 -0.83 17.71 -31.82
CA ILE D 175 0.03 16.65 -31.31
C ILE D 175 -0.74 15.34 -31.21
N GLU D 176 -1.98 15.40 -30.71
CA GLU D 176 -2.82 14.21 -30.67
C GLU D 176 -3.06 13.63 -32.07
N VAL D 177 -3.17 14.49 -33.09
CA VAL D 177 -3.32 13.97 -34.44
C VAL D 177 -2.04 13.26 -34.88
N ILE D 178 -0.88 13.85 -34.56
CA ILE D 178 0.37 13.20 -34.89
C ILE D 178 0.47 11.85 -34.20
N ARG D 179 0.17 11.82 -32.89
CA ARG D 179 0.23 10.57 -32.14
C ARG D 179 -0.62 9.49 -32.80
N GLY D 180 -1.88 9.83 -33.13
CA GLY D 180 -2.74 8.87 -33.80
C GLY D 180 -2.26 8.52 -35.20
N ALA D 181 -1.58 9.44 -35.86
CA ALA D 181 -1.09 9.19 -37.22
C ALA D 181 0.14 8.29 -37.24
N LEU D 182 0.82 8.12 -36.09
CA LEU D 182 1.94 7.21 -35.95
C LEU D 182 1.52 5.86 -35.36
N GLY D 183 0.23 5.68 -35.08
CA GLY D 183 -0.26 4.42 -34.55
C GLY D 183 0.01 4.19 -33.08
N GLU D 184 0.32 5.23 -32.30
CA GLU D 184 0.79 5.06 -30.94
C GLU D 184 -0.31 5.38 -29.94
N ASP D 185 -0.48 4.50 -28.95
CA ASP D 185 -1.39 4.77 -27.84
C ASP D 185 -0.80 5.81 -26.91
N ARG D 186 0.52 5.73 -26.68
CA ARG D 186 1.22 6.62 -25.78
C ARG D 186 2.45 7.14 -26.51
N ILE D 187 2.84 8.38 -26.20
CA ILE D 187 4.08 8.95 -26.72
C ILE D 187 4.82 9.63 -25.59
N SER D 188 6.15 9.63 -25.70
CA SER D 188 7.00 10.40 -24.81
C SER D 188 7.32 11.76 -25.44
N TYR D 189 7.63 12.72 -24.58
CA TYR D 189 7.71 14.11 -24.99
C TYR D 189 8.91 14.77 -24.34
N LEU D 190 9.63 15.57 -25.14
CA LEU D 190 10.78 16.34 -24.68
C LEU D 190 10.65 17.74 -25.28
N GLY D 191 10.58 18.77 -24.44
CA GLY D 191 10.44 20.12 -24.93
C GLY D 191 11.10 21.15 -24.04
N TYR D 192 11.40 22.30 -24.64
CA TYR D 192 12.10 23.41 -23.98
C TYR D 192 11.30 24.71 -24.08
N SER D 193 11.46 25.56 -23.07
CA SER D 193 10.87 26.90 -23.05
C SER D 193 9.39 26.88 -23.42
N TYR D 194 9.01 27.40 -24.60
CA TYR D 194 7.60 27.34 -25.00
C TYR D 194 7.13 25.89 -25.07
N GLY D 195 7.99 24.99 -25.54
CA GLY D 195 7.68 23.57 -25.53
C GLY D 195 7.39 23.00 -24.16
N THR D 196 7.83 23.66 -23.08
CA THR D 196 7.43 23.20 -21.75
C THR D 196 6.01 23.62 -21.42
N TYR D 197 5.61 24.84 -21.80
CA TYR D 197 4.21 25.20 -21.66
C TYR D 197 3.33 24.29 -22.50
N LEU D 198 3.78 23.97 -23.71
CA LEU D 198 3.00 23.09 -24.58
C LEU D 198 2.82 21.72 -23.94
N GLY D 199 3.91 21.10 -23.48
CA GLY D 199 3.79 19.82 -22.82
C GLY D 199 2.92 19.88 -21.59
N ALA D 200 2.92 21.01 -20.90
CA ALA D 200 2.02 21.20 -19.77
C ALA D 200 0.57 21.29 -20.23
N VAL D 201 0.32 21.92 -21.38
CA VAL D 201 -1.04 22.00 -21.91
C VAL D 201 -1.48 20.64 -22.44
N TRP D 202 -0.66 20.03 -23.29
CA TRP D 202 -1.04 18.75 -23.90
C TRP D 202 -1.29 17.66 -22.86
N THR D 203 -0.45 17.58 -21.83
CA THR D 203 -0.71 16.61 -20.76
C THR D 203 -1.88 17.03 -19.88
N GLN D 204 -2.12 18.33 -19.66
CA GLN D 204 -3.32 18.71 -18.92
C GLN D 204 -4.57 18.24 -19.65
N MET D 205 -4.53 18.29 -20.98
CA MET D 205 -5.66 17.94 -21.84
C MET D 205 -5.74 16.47 -22.17
N PHE D 206 -4.60 15.85 -22.51
CA PHE D 206 -4.58 14.51 -23.07
C PHE D 206 -3.51 13.63 -22.41
N GLY D 207 -3.05 14.00 -21.20
CA GLY D 207 -1.94 13.34 -20.55
C GLY D 207 -2.15 11.90 -20.14
N GLU D 208 -3.34 11.33 -20.36
CA GLU D 208 -3.49 9.88 -20.27
C GLU D 208 -2.76 9.17 -21.41
N HIS D 209 -2.40 9.90 -22.46
CA HIS D 209 -1.65 9.35 -23.58
C HIS D 209 -0.16 9.65 -23.48
N ALA D 210 0.30 10.06 -22.30
CA ALA D 210 1.70 10.37 -22.07
C ALA D 210 2.43 9.15 -21.51
N ASP D 211 3.55 8.80 -22.15
CA ASP D 211 4.46 7.80 -21.59
C ASP D 211 5.41 8.51 -20.62
N ARG D 212 6.55 8.99 -21.10
CA ARG D 212 7.52 9.71 -20.28
C ARG D 212 7.74 11.09 -20.89
N VAL D 213 7.67 12.13 -20.05
CA VAL D 213 7.67 13.52 -20.48
C VAL D 213 8.79 14.26 -19.74
N VAL D 214 9.67 14.92 -20.50
CA VAL D 214 10.78 15.69 -19.94
C VAL D 214 10.62 17.14 -20.38
N LEU D 215 10.54 18.05 -19.41
CA LEU D 215 10.39 19.49 -19.69
C LEU D 215 11.62 20.19 -19.11
N ASP D 216 12.33 20.92 -19.98
CA ASP D 216 13.67 21.44 -19.68
C ASP D 216 13.71 22.94 -19.94
N SER D 217 14.04 23.71 -18.91
CA SER D 217 14.08 25.18 -18.97
C SER D 217 12.65 25.70 -19.11
N ILE D 218 12.03 26.00 -17.97
CA ILE D 218 10.59 25.88 -17.79
C ILE D 218 9.91 27.23 -17.89
N CYS D 219 8.83 27.27 -18.66
CA CYS D 219 7.93 28.42 -18.68
C CYS D 219 7.02 28.38 -17.45
N SER D 220 6.90 29.50 -16.76
CA SER D 220 5.99 29.55 -15.62
C SER D 220 4.55 29.50 -16.11
N PRO D 221 3.68 28.71 -15.47
CA PRO D 221 2.26 28.71 -15.86
C PRO D 221 1.57 30.05 -15.67
N ASP D 222 2.05 30.89 -14.77
CA ASP D 222 1.43 32.19 -14.52
C ASP D 222 1.88 33.27 -15.50
N TRP D 223 2.69 32.92 -16.50
CA TRP D 223 3.28 33.91 -17.40
C TRP D 223 2.38 34.30 -18.57
N VAL D 224 1.35 33.50 -18.86
CA VAL D 224 0.53 33.65 -20.07
C VAL D 224 -0.13 35.02 -20.16
N TRP D 225 0.32 35.90 -21.05
CA TRP D 225 1.60 35.81 -21.78
C TRP D 225 2.42 37.07 -21.61
N ARG D 226 1.89 38.09 -20.96
CA ARG D 226 2.75 39.24 -20.70
C ARG D 226 3.68 39.00 -19.53
N GLY D 227 3.36 38.05 -18.64
CA GLY D 227 4.29 37.68 -17.59
C GLY D 227 5.61 37.18 -18.13
N LEU D 228 5.60 36.52 -19.30
CA LEU D 228 6.83 36.13 -19.97
C LEU D 228 7.73 37.34 -20.21
N PHE D 229 7.13 38.49 -20.58
CA PHE D 229 7.87 39.70 -20.86
C PHE D 229 8.24 40.44 -19.57
N THR D 230 7.25 40.66 -18.69
CA THR D 230 7.46 41.55 -17.55
C THR D 230 8.33 40.94 -16.46
N ASP D 231 8.41 39.61 -16.40
CA ASP D 231 9.28 38.93 -15.45
C ASP D 231 10.72 38.79 -15.92
N PHE D 232 11.03 39.23 -17.14
CA PHE D 232 12.37 39.00 -17.70
C PHE D 232 13.41 39.99 -17.20
N PRO D 233 13.09 41.29 -17.11
CA PRO D 233 14.13 42.30 -16.83
C PRO D 233 14.95 41.98 -15.59
N PRO D 234 14.34 41.57 -14.47
CA PRO D 234 15.17 41.25 -13.30
C PRO D 234 16.10 40.08 -13.55
N ASN D 235 15.67 39.11 -14.36
CA ASN D 235 16.52 37.96 -14.66
C ASN D 235 17.64 38.35 -15.63
N GLY D 236 17.36 39.24 -16.57
CA GLY D 236 18.42 39.76 -17.42
C GLY D 236 19.47 40.51 -16.63
N GLU D 237 19.04 41.36 -15.70
CA GLU D 237 19.97 42.05 -14.81
C GLU D 237 20.85 41.05 -14.08
N ARG D 238 20.25 39.98 -13.56
CA ARG D 238 21.01 38.96 -12.84
C ARG D 238 22.03 38.28 -13.74
N ALA D 239 21.60 37.83 -14.92
CA ALA D 239 22.49 37.10 -15.81
C ALA D 239 23.59 37.99 -16.37
N LEU D 240 23.30 39.26 -16.62
CA LEU D 240 24.32 40.19 -17.11
C LEU D 240 25.34 40.47 -16.01
N THR D 241 24.87 40.62 -14.77
CA THR D 241 25.77 40.88 -13.66
C THR D 241 26.69 39.68 -13.40
N ARG D 242 26.18 38.46 -13.60
CA ARG D 242 27.01 37.27 -13.44
C ARG D 242 28.20 37.31 -14.39
N TRP D 243 27.94 37.63 -15.67
CA TRP D 243 29.03 37.77 -16.62
C TRP D 243 29.93 38.95 -16.26
N ALA D 244 29.34 40.02 -15.71
CA ALA D 244 30.15 41.17 -15.34
C ALA D 244 31.15 40.83 -14.24
N ARG D 245 30.80 39.89 -13.36
CA ARG D 245 31.77 39.37 -12.40
C ARG D 245 32.87 38.61 -13.12
N TRP D 246 32.48 37.63 -13.93
CA TRP D 246 33.43 36.75 -14.59
C TRP D 246 34.38 37.53 -15.50
N ALA D 247 33.88 38.58 -16.15
CA ALA D 247 34.70 39.36 -17.07
C ALA D 247 35.61 40.34 -16.34
N ALA D 248 35.23 40.73 -15.12
CA ALA D 248 36.08 41.62 -14.32
C ALA D 248 37.35 40.90 -13.88
N ALA D 249 37.22 39.62 -13.51
CA ALA D 249 38.38 38.82 -13.14
C ALA D 249 39.35 38.61 -14.30
N ARG D 250 38.96 39.00 -15.51
CA ARG D 250 39.77 38.81 -16.71
C ARG D 250 40.08 40.15 -17.38
N ASP D 251 40.10 41.22 -16.58
CA ASP D 251 40.47 42.55 -17.07
C ASP D 251 41.82 42.54 -17.77
N ALA D 252 42.70 41.59 -17.43
CA ALA D 252 43.98 41.48 -18.11
C ALA D 252 43.78 41.13 -19.58
N ASP D 253 42.93 40.13 -19.85
CA ASP D 253 42.69 39.68 -21.22
C ASP D 253 41.59 40.47 -21.90
N LEU D 254 40.58 40.91 -21.15
CA LEU D 254 39.46 41.68 -21.70
C LEU D 254 39.67 43.16 -21.36
N GLY D 255 39.36 44.02 -22.32
CA GLY D 255 39.55 45.45 -22.13
C GLY D 255 38.64 46.07 -21.10
N LEU D 256 37.71 45.30 -20.53
CA LEU D 256 36.69 45.82 -19.65
C LEU D 256 37.14 45.75 -18.20
N GLY D 257 36.67 46.71 -17.41
CA GLY D 257 37.17 46.96 -16.05
C GLY D 257 37.44 45.79 -15.13
N ALA D 258 37.83 46.11 -13.89
CA ALA D 258 38.29 45.12 -12.93
C ALA D 258 37.26 44.78 -11.86
N THR D 259 36.08 45.40 -11.89
CA THR D 259 34.99 45.06 -10.99
C THR D 259 33.71 44.89 -11.79
N ASP D 260 32.65 44.45 -11.10
CA ASP D 260 31.32 44.42 -11.71
C ASP D 260 30.97 45.76 -12.33
N GLY D 261 30.92 46.81 -11.50
CA GLY D 261 30.42 48.09 -11.94
C GLY D 261 31.14 48.63 -13.15
N ALA D 262 32.47 48.49 -13.18
CA ALA D 262 33.24 49.05 -14.30
C ALA D 262 33.00 48.26 -15.58
N VAL D 263 32.82 46.95 -15.49
CA VAL D 263 32.45 46.17 -16.67
C VAL D 263 31.08 46.60 -17.15
N ARG D 264 30.13 46.79 -16.21
CA ARG D 264 28.80 47.24 -16.57
C ARG D 264 28.83 48.66 -17.15
N ALA D 265 29.57 49.57 -16.50
CA ALA D 265 29.68 50.93 -17.01
C ALA D 265 30.19 50.94 -18.45
N ALA D 266 31.17 50.09 -18.76
CA ALA D 266 31.63 49.96 -20.14
C ALA D 266 30.47 49.63 -21.06
N TYR D 267 29.71 48.58 -20.72
CA TYR D 267 28.58 48.18 -21.55
C TYR D 267 27.50 49.26 -21.55
N ASP D 268 27.10 49.75 -20.37
CA ASP D 268 26.17 50.86 -20.38
C ASP D 268 26.65 52.00 -21.28
N GLY D 269 27.97 52.13 -21.44
CA GLY D 269 28.50 53.10 -22.37
C GLY D 269 28.13 52.82 -23.82
N VAL D 270 28.12 51.54 -24.20
CA VAL D 270 27.69 51.21 -25.56
C VAL D 270 26.20 51.50 -25.71
N LEU D 271 25.42 51.28 -24.65
CA LEU D 271 23.99 51.54 -24.73
C LEU D 271 23.70 53.04 -24.79
N ALA D 272 24.43 53.83 -24.00
CA ALA D 272 24.29 55.28 -24.08
C ALA D 272 24.51 55.77 -25.50
N ARG D 273 25.42 55.12 -26.23
CA ARG D 273 25.70 55.51 -27.61
C ARG D 273 24.52 55.19 -28.53
N VAL D 274 24.10 53.93 -28.57
CA VAL D 274 23.03 53.55 -29.50
C VAL D 274 21.71 54.21 -29.12
N ASP D 275 21.50 54.46 -27.82
CA ASP D 275 20.29 55.15 -27.37
C ASP D 275 20.26 56.62 -27.76
N THR D 276 21.37 57.16 -28.28
CA THR D 276 21.43 58.52 -28.78
C THR D 276 21.83 58.55 -30.25
N ASP D 277 21.66 57.43 -30.94
CA ASP D 277 21.92 57.31 -32.37
C ASP D 277 23.39 57.55 -32.70
N ARG D 278 24.27 57.34 -31.72
CA ARG D 278 25.71 57.37 -31.93
C ARG D 278 26.19 56.02 -32.42
N GLU D 279 27.16 56.03 -33.33
CA GLU D 279 27.57 54.81 -34.01
C GLU D 279 28.28 53.85 -33.07
N VAL D 280 27.85 52.59 -33.09
CA VAL D 280 28.55 51.47 -32.47
C VAL D 280 28.60 50.34 -33.47
N THR D 281 29.80 49.80 -33.70
CA THR D 281 30.01 48.66 -34.58
C THR D 281 30.83 47.61 -33.84
N VAL D 282 30.69 46.34 -34.24
CA VAL D 282 31.49 45.28 -33.63
C VAL D 282 32.45 44.68 -34.65
N ALA D 283 31.94 44.00 -35.68
CA ALA D 283 32.77 43.44 -36.72
C ALA D 283 32.78 44.33 -37.96
N GLY D 284 32.68 45.64 -37.75
CA GLY D 284 32.29 46.55 -38.80
C GLY D 284 30.80 46.52 -39.11
N PHE D 285 30.04 45.60 -38.50
CA PHE D 285 28.60 45.59 -38.72
C PHE D 285 27.90 46.44 -37.64
N PRO D 286 26.88 47.21 -37.99
CA PRO D 286 26.34 48.20 -37.05
C PRO D 286 25.35 47.63 -36.04
N LEU D 287 25.40 48.18 -34.83
CA LEU D 287 24.41 47.93 -33.78
C LEU D 287 23.37 49.05 -33.73
N ASP D 288 22.27 48.76 -33.04
CA ASP D 288 21.24 49.77 -32.76
C ASP D 288 20.71 49.51 -31.36
N ARG D 289 19.62 50.19 -30.99
CA ARG D 289 19.12 50.11 -29.63
C ARG D 289 18.68 48.69 -29.27
N THR D 290 18.16 47.95 -30.25
CA THR D 290 17.68 46.61 -29.99
C THR D 290 18.83 45.60 -30.05
N LEU D 291 19.59 45.62 -31.14
CA LEU D 291 20.65 44.64 -31.35
C LEU D 291 21.70 44.71 -30.25
N ALA D 292 22.02 45.90 -29.75
CA ALA D 292 23.03 46.03 -28.70
C ALA D 292 22.62 45.29 -27.44
N ARG D 293 21.32 45.07 -27.24
CA ARG D 293 20.79 44.35 -26.10
C ARG D 293 20.48 42.90 -26.43
N LEU D 294 19.96 42.64 -27.63
CA LEU D 294 19.52 41.29 -28.01
C LEU D 294 20.68 40.37 -28.33
N ILE D 295 21.81 40.91 -28.81
CA ILE D 295 22.99 40.07 -29.00
C ILE D 295 23.49 39.56 -27.66
N VAL D 296 23.54 40.43 -26.66
CA VAL D 296 23.96 40.02 -25.33
C VAL D 296 22.95 39.03 -24.74
N VAL D 297 21.67 39.40 -24.72
CA VAL D 297 20.62 38.48 -24.29
C VAL D 297 20.85 37.11 -24.92
N GLY D 298 21.13 37.11 -26.22
CA GLY D 298 21.35 35.86 -26.91
C GLY D 298 22.58 35.12 -26.44
N MET D 299 23.69 35.84 -26.22
CA MET D 299 24.88 35.21 -25.68
C MET D 299 24.58 34.58 -24.31
N LEU D 300 23.89 35.33 -23.46
CA LEU D 300 23.62 34.90 -22.10
C LEU D 300 22.71 33.69 -22.00
N ASN D 301 22.28 33.08 -23.10
CA ASN D 301 21.53 31.85 -22.97
C ASN D 301 22.41 30.68 -22.58
N SER D 302 23.73 30.84 -22.62
CA SER D 302 24.65 29.84 -22.08
C SER D 302 25.85 30.54 -21.49
N ASP D 303 26.28 30.09 -20.31
CA ASP D 303 27.49 30.67 -19.74
C ASP D 303 28.75 30.18 -20.42
N ARG D 304 28.67 29.11 -21.22
CA ARG D 304 29.78 28.74 -22.06
C ARG D 304 30.14 29.86 -23.04
N ASN D 305 29.21 30.77 -23.32
CA ASN D 305 29.43 31.82 -24.31
C ASN D 305 30.12 33.05 -23.73
N TYR D 306 30.36 33.07 -22.42
CA TYR D 306 31.00 34.22 -21.80
C TYR D 306 32.22 34.73 -22.56
N PRO D 307 33.15 33.89 -23.02
CA PRO D 307 34.28 34.44 -23.79
C PRO D 307 33.85 35.17 -25.04
N PHE D 308 32.90 34.60 -25.81
CA PHE D 308 32.39 35.29 -26.98
C PHE D 308 31.83 36.67 -26.60
N LEU D 309 31.16 36.74 -25.45
CA LEU D 309 30.56 38.00 -25.02
C LEU D 309 31.65 39.02 -24.69
N GLY D 310 32.64 38.63 -23.90
CA GLY D 310 33.78 39.49 -23.65
C GLY D 310 34.38 40.07 -24.92
N ASP D 311 34.60 39.22 -25.92
CA ASP D 311 35.21 39.66 -27.17
C ASP D 311 34.31 40.63 -27.94
N ILE D 312 33.00 40.38 -27.95
CA ILE D 312 32.08 41.29 -28.64
C ILE D 312 32.03 42.64 -27.92
N VAL D 313 31.96 42.62 -26.60
CA VAL D 313 31.84 43.86 -25.83
C VAL D 313 33.15 44.63 -25.88
N ARG D 314 34.28 43.93 -25.80
CA ARG D 314 35.57 44.56 -26.04
C ARG D 314 35.60 45.23 -27.42
N SER D 315 35.16 44.49 -28.45
CA SER D 315 35.10 45.05 -29.80
C SER D 315 34.23 46.30 -29.83
N ALA D 316 33.05 46.24 -29.20
CA ALA D 316 32.15 47.38 -29.20
C ALA D 316 32.81 48.60 -28.60
N VAL D 317 33.43 48.45 -27.44
CA VAL D 317 34.11 49.57 -26.78
C VAL D 317 35.34 49.97 -27.58
N HIS D 318 36.27 49.03 -27.78
CA HIS D 318 37.57 49.33 -28.38
C HIS D 318 37.69 48.87 -29.82
N GLY D 319 37.84 47.56 -30.01
CA GLY D 319 38.57 47.01 -31.14
C GLY D 319 37.93 47.07 -32.50
N GLY D 320 38.35 46.16 -33.36
CA GLY D 320 37.76 45.95 -34.66
C GLY D 320 37.65 44.47 -34.98
N GLN D 321 38.73 43.73 -34.73
CA GLN D 321 38.78 42.31 -35.06
C GLN D 321 38.11 41.49 -33.96
N LEU D 322 37.14 40.68 -34.36
CA LEU D 322 36.66 39.58 -33.54
C LEU D 322 37.59 38.37 -33.72
N GLU D 323 37.71 37.57 -32.66
CA GLU D 323 38.45 36.33 -32.78
C GLU D 323 37.71 35.36 -33.70
N PRO D 324 38.44 34.55 -34.48
CA PRO D 324 37.76 33.74 -35.51
C PRO D 324 36.69 32.81 -34.94
N ALA D 325 36.85 32.34 -33.71
CA ALA D 325 35.81 31.52 -33.08
C ALA D 325 34.48 32.28 -33.07
N THR D 326 34.49 33.47 -32.48
CA THR D 326 33.29 34.30 -32.42
C THR D 326 32.70 34.56 -33.80
N MET D 327 33.55 34.72 -34.83
CA MET D 327 33.07 35.20 -36.11
C MET D 327 32.15 34.21 -36.81
N GLY D 328 32.13 32.95 -36.40
CA GLY D 328 31.17 32.01 -36.92
C GLY D 328 29.89 32.04 -36.10
N PHE D 329 30.05 31.98 -34.78
CA PHE D 329 28.92 32.05 -33.87
C PHE D 329 28.00 33.22 -34.23
N LEU D 330 28.58 34.42 -34.39
CA LEU D 330 27.77 35.59 -34.70
C LEU D 330 27.18 35.52 -36.11
N GLY D 331 27.84 34.82 -37.03
CA GLY D 331 27.33 34.69 -38.39
C GLY D 331 26.28 33.61 -38.55
N GLN D 332 26.09 32.80 -37.52
CA GLN D 332 25.02 31.83 -37.40
C GLN D 332 23.76 32.50 -36.87
N MET D 333 23.94 33.32 -35.84
CA MET D 333 22.83 33.90 -35.09
C MET D 333 22.18 35.05 -35.85
N PHE D 334 22.94 36.10 -36.10
CA PHE D 334 22.47 37.28 -36.82
C PHE D 334 23.15 37.33 -38.19
N GLY D 335 23.04 38.48 -38.85
CA GLY D 335 23.48 38.62 -40.21
C GLY D 335 22.41 38.30 -41.24
N GLN D 336 21.40 37.53 -40.87
CA GLN D 336 20.23 37.24 -41.69
C GLN D 336 18.97 37.70 -40.96
N PRO D 337 17.91 38.07 -41.70
CA PRO D 337 16.64 38.37 -41.05
C PRO D 337 15.99 37.12 -40.46
N LYS D 338 15.14 37.35 -39.46
CA LYS D 338 14.58 36.29 -38.62
C LYS D 338 13.31 35.73 -39.27
N GLU D 339 13.24 34.39 -39.38
CA GLU D 339 12.30 33.68 -40.25
C GLU D 339 10.88 34.22 -40.13
N GLU D 340 10.35 34.81 -41.21
CA GLU D 340 9.13 35.61 -41.10
C GLU D 340 7.96 34.80 -40.56
N SER D 341 7.70 33.62 -41.15
CA SER D 341 6.52 32.85 -40.74
C SER D 341 6.58 32.50 -39.26
N GLY D 342 7.78 32.28 -38.72
CA GLY D 342 7.90 32.01 -37.30
C GLY D 342 7.56 33.23 -36.45
N THR D 343 7.96 34.42 -36.89
CA THR D 343 7.59 35.63 -36.18
C THR D 343 6.08 35.81 -36.18
N VAL D 344 5.43 35.51 -37.31
CA VAL D 344 3.98 35.67 -37.40
C VAL D 344 3.28 34.69 -36.48
N ALA D 345 3.70 33.41 -36.52
CA ALA D 345 3.07 32.40 -35.69
C ALA D 345 3.29 32.70 -34.21
N GLN D 346 4.46 33.21 -33.87
CA GLN D 346 4.74 33.61 -32.49
C GLN D 346 3.77 34.70 -32.02
N LEU D 347 3.67 35.79 -32.79
CA LEU D 347 2.66 36.80 -32.51
C LEU D 347 1.27 36.18 -32.36
N ALA D 348 0.91 35.31 -33.30
CA ALA D 348 -0.45 34.79 -33.37
C ALA D 348 -0.77 33.93 -32.15
N ILE D 349 0.21 33.16 -31.70
CA ILE D 349 -0.01 32.29 -30.53
C ILE D 349 -0.01 33.10 -29.25
N LEU D 350 0.93 34.03 -29.10
CA LEU D 350 0.98 34.83 -27.88
C LEU D 350 -0.29 35.65 -27.70
N ALA D 351 -0.94 36.02 -28.81
CA ALA D 351 -2.17 36.79 -28.77
C ALA D 351 -3.42 35.93 -28.88
N GLY D 352 -3.32 34.77 -29.52
CA GLY D 352 -4.45 33.88 -29.64
C GLY D 352 -4.71 33.02 -28.42
N ASP D 353 -3.74 32.93 -27.50
CA ASP D 353 -3.93 32.16 -26.27
C ASP D 353 -4.66 32.97 -25.22
N TRP D 354 -4.50 34.28 -25.22
CA TRP D 354 -4.77 35.07 -24.05
C TRP D 354 -4.86 36.53 -24.47
N ALA D 355 -5.83 37.25 -23.92
CA ALA D 355 -6.12 38.63 -24.31
C ALA D 355 -5.21 39.58 -23.54
N TRP D 356 -4.37 40.30 -24.26
CA TRP D 356 -3.46 41.24 -23.63
C TRP D 356 -4.20 42.51 -23.21
N PRO D 357 -3.66 43.24 -22.23
CA PRO D 357 -4.21 44.57 -21.92
C PRO D 357 -4.10 45.48 -23.12
N ARG D 358 -5.09 46.36 -23.27
CA ARG D 358 -5.18 47.25 -24.42
C ARG D 358 -5.04 48.72 -24.05
N ASN D 359 -5.14 49.07 -22.76
CA ASN D 359 -4.91 50.45 -22.36
C ASN D 359 -3.45 50.81 -22.58
N VAL D 360 -3.21 51.90 -23.31
CA VAL D 360 -1.87 52.26 -23.72
C VAL D 360 -1.10 52.94 -22.58
N ASP D 361 -1.80 53.60 -21.65
CA ASP D 361 -1.11 54.28 -20.55
C ASP D 361 -0.49 53.29 -19.58
N LEU D 362 -1.09 52.12 -19.40
CA LEU D 362 -0.49 51.10 -18.54
C LEU D 362 0.92 50.77 -19.02
N TYR D 363 1.07 50.56 -20.33
CA TYR D 363 2.37 50.18 -20.87
C TYR D 363 3.40 51.30 -20.74
N GLU D 364 2.96 52.56 -20.82
CA GLU D 364 3.91 53.65 -20.59
C GLU D 364 4.33 53.72 -19.13
N ARG D 365 3.40 53.45 -18.21
CA ARG D 365 3.73 53.45 -16.79
C ARG D 365 4.67 52.30 -16.45
N ASP D 366 4.48 51.14 -17.06
CA ASP D 366 5.35 50.00 -16.79
C ASP D 366 6.70 50.16 -17.48
N MET D 367 6.70 50.67 -18.72
CA MET D 367 7.97 50.94 -19.39
C MET D 367 8.85 51.88 -18.56
N GLU D 368 8.29 53.03 -18.17
CA GLU D 368 9.06 53.99 -17.39
C GLU D 368 9.64 53.34 -16.13
N ARG D 369 8.82 52.57 -15.43
CA ARG D 369 9.23 51.95 -14.18
C ARG D 369 10.39 50.99 -14.41
N ALA D 370 10.20 50.00 -15.30
CA ALA D 370 11.22 48.98 -15.52
C ALA D 370 12.49 49.56 -16.11
N SER D 371 12.39 50.63 -16.89
CA SER D 371 13.57 51.32 -17.38
C SER D 371 14.47 51.75 -16.23
N ARG D 372 13.86 52.15 -15.11
CA ARG D 372 14.56 52.71 -13.97
C ARG D 372 15.02 51.65 -12.97
N THR D 373 14.24 50.58 -12.81
CA THR D 373 14.61 49.54 -11.86
C THR D 373 15.49 48.46 -12.47
N HIS D 374 15.35 48.20 -13.77
CA HIS D 374 16.11 47.15 -14.45
C HIS D 374 16.49 47.64 -15.84
N PRO D 375 17.50 48.53 -15.92
CA PRO D 375 17.71 49.29 -17.17
C PRO D 375 18.14 48.46 -18.36
N PHE D 376 18.60 47.23 -18.16
CA PHE D 376 19.18 46.46 -19.27
C PHE D 376 18.12 46.12 -20.32
N THR D 377 16.98 45.56 -19.92
CA THR D 377 15.92 45.22 -20.85
C THR D 377 14.54 45.65 -20.36
N GLY D 378 14.45 46.41 -19.27
CA GLY D 378 13.17 46.73 -18.70
C GLY D 378 12.24 47.45 -19.65
N ALA D 379 12.77 48.41 -20.41
CA ALA D 379 11.92 49.16 -21.32
C ALA D 379 11.43 48.30 -22.48
N ALA D 380 12.30 47.42 -22.97
CA ALA D 380 11.95 46.58 -24.12
C ALA D 380 10.95 45.50 -23.74
N MET D 381 10.95 45.06 -22.47
CA MET D 381 10.11 43.96 -22.04
C MET D 381 8.79 44.39 -21.42
N ALA D 382 8.77 45.53 -20.74
CA ALA D 382 7.57 45.98 -20.05
C ALA D 382 6.74 46.96 -20.86
N GLY D 383 7.22 47.38 -22.03
CA GLY D 383 6.54 48.37 -22.83
C GLY D 383 5.46 47.77 -23.72
N ILE D 384 4.97 48.60 -24.64
CA ILE D 384 3.84 48.22 -25.47
C ILE D 384 4.27 47.18 -26.49
N LYS D 385 3.41 46.19 -26.72
CA LYS D 385 3.69 45.09 -27.64
C LYS D 385 2.49 44.84 -28.54
N ALA D 386 2.77 44.32 -29.73
CA ALA D 386 1.75 44.18 -30.77
C ALA D 386 0.48 43.45 -30.32
N PRO D 387 0.55 42.38 -29.51
CA PRO D 387 -0.68 41.73 -29.06
C PRO D 387 -1.64 42.67 -28.33
N ALA D 388 -1.19 43.85 -27.90
CA ALA D 388 -2.08 44.83 -27.31
C ALA D 388 -3.06 45.40 -28.33
N PHE D 389 -2.79 45.19 -29.62
CA PHE D 389 -3.59 45.76 -30.71
C PHE D 389 -4.19 44.64 -31.56
N TRP D 390 -4.41 43.46 -30.97
CA TRP D 390 -4.72 42.30 -31.77
C TRP D 390 -6.16 42.38 -32.29
N PRO D 391 -6.40 41.97 -33.53
CA PRO D 391 -7.75 42.09 -34.13
C PRO D 391 -8.71 40.96 -33.82
N VAL D 392 -8.28 39.87 -33.19
CA VAL D 392 -9.18 38.79 -32.83
C VAL D 392 -8.94 38.43 -31.37
N PRO D 393 -9.97 37.97 -30.66
CA PRO D 393 -9.78 37.53 -29.27
C PRO D 393 -9.41 36.06 -29.24
N PRO D 394 -8.98 35.54 -28.10
CA PRO D 394 -8.76 34.10 -28.01
C PRO D 394 -10.06 33.32 -28.23
N SER D 395 -9.93 32.21 -28.95
CA SER D 395 -11.08 31.35 -29.23
C SER D 395 -11.49 30.52 -28.02
N GLU D 396 -10.58 30.30 -27.08
CA GLU D 396 -10.84 29.49 -25.89
C GLU D 396 -10.19 30.15 -24.69
N PRO D 397 -10.69 29.86 -23.48
CA PRO D 397 -9.94 30.20 -22.26
C PRO D 397 -8.58 29.50 -22.24
N VAL D 398 -7.66 30.10 -21.48
CA VAL D 398 -6.36 29.46 -21.28
C VAL D 398 -6.57 28.16 -20.51
N THR D 399 -5.76 27.15 -20.82
CA THR D 399 -5.86 25.88 -20.13
C THR D 399 -5.64 26.07 -18.63
N ARG D 400 -6.47 25.40 -17.83
CA ARG D 400 -6.30 25.38 -16.38
C ARG D 400 -5.26 24.33 -16.04
N LEU D 401 -4.02 24.76 -15.82
CA LEU D 401 -2.99 23.84 -15.36
C LEU D 401 -3.15 23.61 -13.86
N GLY D 402 -3.05 22.36 -13.45
CA GLY D 402 -3.23 22.01 -12.06
C GLY D 402 -2.85 20.58 -11.73
N PRO D 403 -2.88 20.28 -10.42
CA PRO D 403 -2.40 18.97 -9.95
C PRO D 403 -3.24 17.79 -10.40
N ASP D 404 -4.43 18.03 -10.94
CA ASP D 404 -5.24 16.96 -11.52
C ASP D 404 -4.71 16.52 -12.88
N ASN D 405 -3.55 16.99 -13.26
CA ASN D 405 -2.96 16.65 -14.55
C ASN D 405 -2.82 15.14 -14.68
N PRO D 406 -3.35 14.54 -15.75
CA PRO D 406 -3.39 13.07 -15.83
C PRO D 406 -2.10 12.40 -16.29
N ALA D 407 -1.04 13.15 -16.55
CA ALA D 407 0.20 12.49 -16.97
C ALA D 407 0.69 11.59 -15.86
N ASP D 408 1.17 10.41 -16.24
CA ASP D 408 1.74 9.50 -15.25
C ASP D 408 2.90 10.14 -14.52
N SER D 409 3.89 10.65 -15.26
CA SER D 409 5.09 11.24 -14.68
C SER D 409 5.58 12.40 -15.53
N ILE D 410 6.08 13.45 -14.89
CA ILE D 410 6.71 14.57 -15.59
C ILE D 410 8.04 14.90 -14.91
N LEU D 411 9.13 14.83 -15.67
CA LEU D 411 10.47 15.19 -15.21
C LEU D 411 10.79 16.62 -15.65
N LEU D 412 10.90 17.55 -14.68
CA LEU D 412 11.30 18.93 -14.94
C LEU D 412 12.80 19.11 -14.75
N VAL D 413 13.46 19.73 -15.74
CA VAL D 413 14.90 20.02 -15.70
C VAL D 413 15.09 21.54 -15.73
N GLN D 414 15.92 22.05 -14.82
CA GLN D 414 16.12 23.49 -14.67
C GLN D 414 17.52 23.79 -14.15
N ALA D 415 18.27 24.59 -14.92
CA ALA D 415 19.53 25.15 -14.47
C ALA D 415 19.24 26.29 -13.48
N ALA D 416 19.99 26.29 -12.38
CA ALA D 416 19.61 27.13 -11.25
C ALA D 416 19.74 28.62 -11.54
N ASP D 417 20.55 29.01 -12.53
CA ASP D 417 20.80 30.42 -12.80
C ASP D 417 20.40 30.83 -14.22
N ASP D 418 19.74 29.94 -14.96
CA ASP D 418 19.23 30.30 -16.29
C ASP D 418 18.50 31.65 -16.22
N MET D 419 18.54 32.36 -17.34
CA MET D 419 18.03 33.72 -17.45
C MET D 419 16.60 33.75 -18.01
N SER D 420 16.41 33.21 -19.21
CA SER D 420 15.12 33.30 -19.88
C SER D 420 14.03 32.65 -19.04
N THR D 421 14.25 31.40 -18.64
CA THR D 421 13.34 30.63 -17.80
C THR D 421 13.98 30.41 -16.45
N PRO D 422 13.67 31.22 -15.43
CA PRO D 422 14.41 31.12 -14.17
C PRO D 422 14.07 29.87 -13.38
N LEU D 423 14.73 29.72 -12.23
CA LEU D 423 14.43 28.61 -11.34
C LEU D 423 13.06 28.79 -10.69
N ALA D 424 12.72 30.03 -10.32
CA ALA D 424 11.42 30.31 -9.70
C ALA D 424 10.26 29.96 -10.61
N ALA D 425 10.48 29.96 -11.93
CA ALA D 425 9.44 29.57 -12.87
C ALA D 425 9.27 28.06 -12.91
N ALA D 426 10.38 27.32 -12.87
CA ALA D 426 10.29 25.86 -12.80
C ALA D 426 9.69 25.41 -11.47
N ARG D 427 9.97 26.14 -10.39
CA ARG D 427 9.41 25.76 -9.09
C ARG D 427 7.91 26.03 -9.06
N ARG D 428 7.47 27.12 -9.71
CA ARG D 428 6.04 27.39 -9.81
C ARG D 428 5.34 26.34 -10.67
N MET D 429 6.02 25.85 -11.72
CA MET D 429 5.48 24.73 -12.49
C MET D 429 5.38 23.48 -11.63
N ARG D 430 6.44 23.20 -10.86
CA ARG D 430 6.44 22.04 -9.97
C ARG D 430 5.24 22.08 -9.02
N GLU D 431 4.98 23.24 -8.41
CA GLU D 431 3.82 23.38 -7.55
C GLU D 431 2.53 23.02 -8.29
N VAL D 432 2.41 23.45 -9.54
CA VAL D 432 1.12 23.42 -10.21
C VAL D 432 0.81 22.02 -10.72
N LEU D 433 1.77 21.33 -11.33
CA LEU D 433 1.53 19.95 -11.72
C LEU D 433 1.51 19.03 -10.51
N GLY D 434 1.99 19.51 -9.37
CA GLY D 434 1.91 18.77 -8.12
C GLY D 434 2.67 17.45 -8.17
N ASP D 435 2.10 16.46 -7.48
CA ASP D 435 2.82 15.22 -7.18
C ASP D 435 3.20 14.42 -8.41
N THR D 436 2.59 14.66 -9.57
CA THR D 436 3.00 13.88 -10.73
C THR D 436 4.35 14.32 -11.28
N SER D 437 4.93 15.40 -10.76
CA SER D 437 6.12 16.00 -11.34
C SER D 437 7.26 16.07 -10.31
N ARG D 438 8.49 15.97 -10.82
CA ARG D 438 9.73 16.14 -10.05
C ARG D 438 10.65 17.12 -10.75
N LEU D 439 11.44 17.83 -9.95
CA LEU D 439 12.31 18.90 -10.43
C LEU D 439 13.76 18.56 -10.15
N LEU D 440 14.52 18.30 -11.21
CA LEU D 440 15.98 18.31 -11.17
C LEU D 440 16.48 19.75 -11.33
N THR D 441 17.17 20.26 -10.32
CA THR D 441 17.91 21.50 -10.42
C THR D 441 19.37 21.18 -10.73
N VAL D 442 19.99 21.97 -11.61
CA VAL D 442 21.42 21.84 -11.91
C VAL D 442 22.10 23.08 -11.39
N ALA D 443 22.91 22.91 -10.34
CA ALA D 443 23.49 24.03 -9.62
C ALA D 443 24.57 24.74 -10.45
N ASP D 444 24.86 25.97 -10.05
CA ASP D 444 25.94 26.78 -10.61
C ASP D 444 25.99 26.65 -12.13
N THR D 445 24.84 26.96 -12.75
CA THR D 445 24.69 26.81 -14.19
C THR D 445 23.68 27.85 -14.66
N ALA D 446 24.16 28.81 -15.45
CA ALA D 446 23.29 29.68 -16.24
C ALA D 446 23.35 29.15 -17.67
N HIS D 447 22.39 28.31 -18.04
CA HIS D 447 22.32 27.74 -19.37
C HIS D 447 20.88 27.41 -19.72
N HIS D 448 20.51 27.73 -20.96
CA HIS D 448 19.17 27.44 -21.47
C HIS D 448 19.20 26.14 -22.28
N ARG D 449 18.35 25.19 -21.89
CA ARG D 449 18.28 23.87 -22.49
C ARG D 449 19.42 22.98 -21.98
N VAL D 450 19.28 22.45 -20.77
CA VAL D 450 20.37 21.73 -20.11
C VAL D 450 20.57 20.36 -20.76
N PHE D 451 19.51 19.55 -20.83
CA PHE D 451 19.66 18.22 -21.45
C PHE D 451 19.26 18.28 -22.91
N PRO D 452 20.09 17.77 -23.84
CA PRO D 452 21.42 17.16 -23.67
C PRO D 452 22.58 18.13 -23.93
N PHE D 453 22.25 19.40 -24.20
CA PHE D 453 23.18 20.26 -24.93
C PHE D 453 24.39 20.64 -24.08
N TYR D 454 24.19 20.87 -22.78
CA TYR D 454 25.27 21.30 -21.90
C TYR D 454 26.24 20.18 -21.58
N GLY D 455 25.86 18.93 -21.82
CA GLY D 455 26.64 17.79 -21.38
C GLY D 455 26.95 17.80 -19.90
N ASN D 456 25.93 18.05 -19.07
CA ASN D 456 26.09 17.93 -17.63
C ASN D 456 25.94 16.46 -17.24
N PRO D 457 26.93 15.84 -16.59
CA PRO D 457 26.83 14.39 -16.35
C PRO D 457 25.68 14.00 -15.44
N GLY D 458 25.44 14.76 -14.36
CA GLY D 458 24.30 14.53 -13.51
C GLY D 458 22.99 14.49 -14.29
N ALA D 459 22.72 15.54 -15.06
CA ALA D 459 21.46 15.63 -15.79
C ALA D 459 21.36 14.54 -16.84
N ASP D 460 22.42 14.33 -17.63
CA ASP D 460 22.36 13.31 -18.67
C ASP D 460 22.08 11.94 -18.07
N GLU D 461 22.66 11.67 -16.89
CA GLU D 461 22.45 10.41 -16.21
C GLU D 461 20.98 10.24 -15.81
N LEU D 462 20.49 11.17 -14.99
CA LEU D 462 19.15 11.05 -14.42
C LEU D 462 18.07 11.12 -15.50
N VAL D 463 18.27 11.95 -16.53
CA VAL D 463 17.28 12.04 -17.58
C VAL D 463 17.34 10.83 -18.51
N THR D 464 18.55 10.35 -18.82
CA THR D 464 18.65 9.12 -19.59
C THR D 464 18.05 7.95 -18.83
N ALA D 465 18.17 7.96 -17.51
CA ALA D 465 17.56 6.91 -16.70
C ALA D 465 16.04 6.94 -16.79
N TYR D 466 15.47 8.14 -16.94
CA TYR D 466 14.02 8.28 -16.98
C TYR D 466 13.45 7.84 -18.32
N LEU D 467 14.06 8.27 -19.42
CA LEU D 467 13.56 7.88 -20.74
C LEU D 467 13.72 6.39 -21.00
N VAL D 468 14.77 5.78 -20.48
CA VAL D 468 15.06 4.37 -20.78
C VAL D 468 14.47 3.44 -19.74
N ASP D 469 14.75 3.70 -18.45
CA ASP D 469 14.39 2.79 -17.38
C ASP D 469 13.22 3.27 -16.54
N GLY D 470 12.60 4.38 -16.91
CA GLY D 470 11.48 4.91 -16.14
C GLY D 470 11.84 5.34 -14.74
N GLU D 471 13.12 5.56 -14.44
CA GLU D 471 13.55 5.87 -13.09
C GLU D 471 13.21 7.32 -12.75
N LEU D 472 12.38 7.51 -11.74
CA LEU D 472 12.12 8.83 -11.19
C LEU D 472 12.58 8.90 -9.74
N PRO D 473 13.13 10.03 -9.30
CA PRO D 473 13.35 10.23 -7.87
C PRO D 473 12.03 10.42 -7.12
N ALA D 474 12.01 9.94 -5.88
CA ALA D 474 10.85 10.15 -5.02
C ALA D 474 10.63 11.61 -4.67
N ALA D 475 11.59 12.49 -4.92
CA ALA D 475 11.45 13.90 -4.61
C ALA D 475 12.36 14.71 -5.53
N ASP D 476 12.39 16.02 -5.30
CA ASP D 476 13.22 16.90 -6.12
C ASP D 476 14.69 16.73 -5.75
N VAL D 477 15.54 16.86 -6.76
CA VAL D 477 16.97 16.54 -6.64
C VAL D 477 17.77 17.65 -7.27
N THR D 478 19.01 17.81 -6.78
CA THR D 478 19.99 18.71 -7.37
C THR D 478 21.17 17.90 -7.87
N ARG D 479 21.80 18.39 -8.94
CA ARG D 479 23.07 17.86 -9.40
C ARG D 479 24.04 19.02 -9.57
N PRO D 480 25.34 18.78 -9.36
CA PRO D 480 26.32 19.85 -9.50
C PRO D 480 26.86 19.99 -10.91
N ASN D 481 27.50 21.13 -11.15
CA ASN D 481 28.24 21.36 -12.39
C ASN D 481 29.71 21.12 -12.12
N PRO D 482 30.33 20.07 -12.67
CA PRO D 482 31.77 19.88 -12.44
C PRO D 482 32.62 21.01 -12.97
N ALA D 483 32.17 21.69 -14.02
CA ALA D 483 32.94 22.73 -14.69
C ALA D 483 32.16 24.04 -14.67
N PRO D 484 31.98 24.65 -13.50
CA PRO D 484 31.33 25.95 -13.46
C PRO D 484 32.16 26.98 -14.23
N MET D 485 31.51 28.07 -14.61
CA MET D 485 32.23 29.19 -15.21
C MET D 485 32.74 30.15 -14.15
N VAL D 486 32.05 30.26 -13.02
CA VAL D 486 32.47 31.12 -11.91
C VAL D 486 32.56 30.27 -10.64
N PRO D 487 33.10 30.80 -9.54
CA PRO D 487 33.06 30.08 -8.27
C PRO D 487 31.64 29.84 -7.78
N THR D 488 31.51 29.32 -6.56
CA THR D 488 30.21 29.02 -5.97
C THR D 488 29.74 30.16 -5.08
#